data_3PGQ
#
_entry.id   3PGQ
#
_cell.length_a   247.180
_cell.length_b   123.415
_cell.length_c   145.711
_cell.angle_alpha   90.00
_cell.angle_beta   94.29
_cell.angle_gamma   90.00
#
_symmetry.space_group_name_H-M   'C 1 2 1'
#
loop_
_entity.id
_entity.type
_entity.pdbx_description
1 polymer 'Acetyl-CoA carboxylase'
2 non-polymer 8-(2-ethenyl-6-ethyl-4-methylphenyl)tetrahydro-7H-pyrazolo[1,2-d][1,4,5]oxadiazepine-7,9(8H)-dione
#
_entity_poly.entity_id   1
_entity_poly.type   'polypeptide(L)'
_entity_poly.pdbx_seq_one_letter_code
;GSMHLRPIATPYPVKEWLQPKRYKAHLMGTTYVYDFPELFRQASSSQWKNFSADVKLTDDFFISNELIEDENGELTEVER
EPGANAIGMVAFKITVKTPEYPRGRQFVVVANDITFKIGSFGPQEDEFFNKVTEYARKRGIPRIYLAANSGARIGMAEEI
VPLFQVAWNDAANPDKGFQYLYLTSEGMETLKKFDKENSVLTERTVINGEERFVIKTIIGSEDGLGVECLRGSGLIAGAT
SRAYHDIFTITLVTCRSVGIGAYLVRLGQRAIQVEGQPIILTGAPAINKMLGREVYTSNLQLGGTQIMYNNGVSHLTAVD
DLAGVEKIVEWMSYVPAKRNMPVPILETKDTWDRPVDFTPTNDETYDVRWMIEGRETESGFEYGLFDKGSFFETLSGWAK
GVVVGRARLGGIPLGVIGVETRTVENLIPADPANPNSAETLIQEPGQVWHPNSAFKTAQAINDFNNGEQLPMMILANWRG
FSGGQRDMFNEVLKYGSFIVDALVDYKQPIIIYIPPTGELRGGSWVVVDPTINADQMEMYADVNARAGVLEPQGMVGIKF
RREKLLDTMNRLDDKYRELRSQLSNKSLAPEVHQQISKQLADRERELLPIYGQISLQFADLHDRSSRMVAKGVISKELEW
TEARRFFFWRLRRRLNEEYLIKRLSHQVGEASRLEKIARIRSWYPASVDHEDDRQVATWIEENYKTLDDKLKGLKLESFA
QDLAKKIRSDHDNAIDGLSEVIKMLSTDDKEKLLKTLKHHHHHH
;
_entity_poly.pdbx_strand_id   A,B,C
#
# COMPACT_ATOMS: atom_id res chain seq x y z
N LEU A 5 50.89 -54.18 41.57
CA LEU A 5 50.96 -53.43 40.33
C LEU A 5 49.56 -53.09 39.81
N ARG A 6 49.26 -53.55 38.60
CA ARG A 6 47.93 -53.28 37.97
C ARG A 6 46.95 -54.51 37.90
N PRO A 7 45.76 -54.35 37.24
CA PRO A 7 45.14 -55.38 36.33
C PRO A 7 45.79 -55.57 34.94
N ILE A 8 46.25 -56.78 34.62
CA ILE A 8 47.47 -56.91 33.81
C ILE A 8 47.45 -56.61 32.29
N ALA A 9 46.35 -56.93 31.61
CA ALA A 9 46.46 -57.01 30.16
C ALA A 9 45.35 -56.25 29.47
N THR A 10 45.09 -55.05 29.94
CA THR A 10 44.10 -54.22 29.32
C THR A 10 44.66 -53.53 28.09
N PRO A 11 43.80 -53.27 27.11
CA PRO A 11 44.16 -52.63 25.83
C PRO A 11 44.64 -51.19 25.96
N TYR A 12 44.02 -50.42 26.84
CA TYR A 12 44.50 -49.08 27.09
C TYR A 12 44.95 -48.91 28.54
N PRO A 13 45.63 -47.80 28.83
CA PRO A 13 46.14 -47.70 30.19
C PRO A 13 45.06 -47.77 31.25
N VAL A 14 45.37 -48.47 32.35
CA VAL A 14 44.50 -48.53 33.53
C VAL A 14 44.54 -47.25 34.32
N LYS A 15 43.45 -46.50 34.24
CA LYS A 15 43.41 -45.16 34.75
C LYS A 15 43.38 -45.13 36.29
N GLU A 16 42.88 -46.20 36.90
CA GLU A 16 42.67 -46.22 38.35
C GLU A 16 43.99 -46.64 38.98
N TRP A 17 45.00 -46.78 38.15
CA TRP A 17 46.31 -47.06 38.66
C TRP A 17 47.29 -45.92 38.37
N LEU A 18 47.14 -45.29 37.20
CA LEU A 18 47.84 -44.05 36.89
C LEU A 18 47.60 -43.02 38.00
N GLN A 19 46.35 -43.00 38.47
CA GLN A 19 45.93 -42.11 39.53
C GLN A 19 45.05 -42.90 40.50
N PRO A 20 45.65 -43.47 41.54
CA PRO A 20 44.97 -44.35 42.51
C PRO A 20 43.77 -43.70 43.19
N LYS A 21 43.74 -42.37 43.25
CA LYS A 21 42.60 -41.66 43.80
C LYS A 21 41.30 -41.91 43.04
N ARG A 22 41.40 -42.07 41.72
CA ARG A 22 40.23 -42.37 40.90
C ARG A 22 39.57 -43.63 41.44
N TYR A 23 40.37 -44.59 41.90
CA TYR A 23 39.88 -45.82 42.47
C TYR A 23 39.23 -45.59 43.83
N LYS A 24 39.95 -44.89 44.71
CA LYS A 24 39.37 -44.42 45.96
C LYS A 24 37.97 -43.83 45.73
N ALA A 25 37.83 -42.92 44.77
CA ALA A 25 36.53 -42.31 44.55
C ALA A 25 35.52 -43.40 44.25
N HIS A 26 35.89 -44.29 43.36
CA HIS A 26 34.97 -45.29 42.88
C HIS A 26 34.57 -46.21 44.00
N LEU A 27 35.54 -46.64 44.80
CA LEU A 27 35.23 -47.43 45.98
C LEU A 27 34.12 -46.85 46.83
N MET A 28 33.97 -45.55 46.80
CA MET A 28 32.96 -44.90 47.60
C MET A 28 31.69 -44.56 46.83
N GLY A 29 31.52 -45.22 45.68
CA GLY A 29 30.33 -45.05 44.84
C GLY A 29 30.12 -43.66 44.24
N THR A 30 31.18 -43.06 43.74
CA THR A 30 31.06 -41.78 43.08
C THR A 30 32.11 -41.58 41.98
N THR A 31 31.86 -40.63 41.10
CA THR A 31 32.79 -40.27 40.04
C THR A 31 33.96 -39.50 40.62
N TYR A 32 35.17 -39.86 40.20
CA TYR A 32 36.35 -39.11 40.57
C TYR A 32 36.16 -37.69 40.06
N VAL A 33 36.35 -36.73 40.96
CA VAL A 33 36.14 -35.32 40.63
C VAL A 33 36.73 -34.90 39.28
N TYR A 34 37.90 -35.40 38.90
CA TYR A 34 38.49 -34.97 37.63
C TYR A 34 37.86 -35.65 36.43
N ASP A 35 36.88 -36.53 36.67
CA ASP A 35 36.15 -37.15 35.58
C ASP A 35 34.81 -36.47 35.25
N PHE A 36 34.44 -35.45 36.01
CA PHE A 36 33.14 -34.80 35.84
C PHE A 36 33.06 -33.90 34.58
N PRO A 37 34.14 -33.16 34.27
CA PRO A 37 34.07 -32.50 32.98
C PRO A 37 33.75 -33.47 31.85
N GLU A 38 34.32 -34.66 31.86
CA GLU A 38 33.92 -35.69 30.89
C GLU A 38 32.44 -36.06 30.92
N LEU A 39 31.82 -36.06 32.11
CA LEU A 39 30.40 -36.37 32.20
C LEU A 39 29.58 -35.28 31.54
N PHE A 40 29.96 -34.02 31.78
CA PHE A 40 29.35 -32.87 31.14
C PHE A 40 29.51 -32.86 29.61
N ARG A 41 30.66 -33.34 29.13
CA ARG A 41 30.86 -33.43 27.71
C ARG A 41 29.89 -34.47 27.19
N GLN A 42 29.83 -35.64 27.83
CA GLN A 42 28.89 -36.68 27.42
C GLN A 42 27.46 -36.18 27.41
N ALA A 43 27.11 -35.32 28.35
CA ALA A 43 25.73 -34.88 28.42
C ALA A 43 25.38 -33.84 27.36
N SER A 44 26.32 -32.93 27.09
CA SER A 44 26.14 -31.92 26.06
C SER A 44 25.96 -32.54 24.71
N SER A 45 26.85 -33.48 24.40
CA SER A 45 26.65 -34.41 23.31
C SER A 45 25.20 -34.92 23.24
N SER A 46 24.68 -35.56 24.27
CA SER A 46 23.35 -36.12 24.17
C SER A 46 22.32 -35.03 23.88
N GLN A 47 22.52 -33.87 24.49
CA GLN A 47 21.62 -32.74 24.28
C GLN A 47 21.54 -32.44 22.79
N TRP A 48 22.68 -32.45 22.10
CA TRP A 48 22.69 -32.17 20.69
C TRP A 48 21.96 -33.25 19.92
N LYS A 49 22.20 -34.50 20.29
CA LYS A 49 21.66 -35.64 19.56
C LYS A 49 20.14 -35.61 19.61
N ASN A 50 19.60 -35.14 20.75
CA ASN A 50 18.17 -35.15 20.94
C ASN A 50 17.49 -33.98 20.22
N PHE A 51 18.26 -32.96 19.93
CA PHE A 51 17.70 -31.77 19.33
C PHE A 51 17.78 -31.90 17.82
N SER A 52 18.86 -32.48 17.34
CA SER A 52 19.10 -32.62 15.91
C SER A 52 20.04 -33.80 15.61
N ALA A 53 19.43 -34.94 15.26
CA ALA A 53 20.18 -36.18 15.01
C ALA A 53 21.41 -35.90 14.13
N ASP A 54 21.28 -34.98 13.20
CA ASP A 54 22.19 -34.93 12.04
C ASP A 54 23.40 -33.99 12.18
N VAL A 55 23.27 -33.02 13.07
CA VAL A 55 24.31 -32.02 13.32
C VAL A 55 25.67 -32.65 13.72
N LYS A 56 26.75 -32.04 13.23
CA LYS A 56 28.10 -32.63 13.33
C LYS A 56 28.97 -31.83 14.29
N LEU A 57 29.24 -32.39 15.46
CA LEU A 57 30.06 -31.73 16.49
C LEU A 57 31.55 -31.97 16.29
N THR A 58 32.38 -31.11 16.85
CA THR A 58 33.77 -31.47 17.07
C THR A 58 34.13 -31.25 18.51
N ASP A 59 35.37 -31.54 18.89
CA ASP A 59 35.77 -31.42 20.29
C ASP A 59 35.92 -29.98 20.75
N ASP A 60 35.94 -29.04 19.80
CA ASP A 60 35.98 -27.64 20.14
C ASP A 60 34.62 -27.16 20.60
N PHE A 61 33.61 -28.04 20.52
CA PHE A 61 32.26 -27.70 20.97
C PHE A 61 32.20 -27.62 22.48
N PHE A 62 33.15 -28.26 23.17
CA PHE A 62 33.11 -28.35 24.62
C PHE A 62 34.53 -28.16 25.17
N ILE A 63 34.69 -27.24 26.11
CA ILE A 63 36.00 -26.94 26.70
C ILE A 63 35.88 -26.90 28.23
N SER A 64 36.78 -27.60 28.90
CA SER A 64 36.85 -27.50 30.34
C SER A 64 38.24 -27.07 30.76
N ASN A 65 38.32 -26.04 31.59
CA ASN A 65 39.56 -25.64 32.23
C ASN A 65 39.51 -25.74 33.75
N GLU A 66 40.47 -26.43 34.36
CA GLU A 66 40.64 -26.25 35.80
C GLU A 66 40.91 -24.77 36.16
N LEU A 67 40.31 -24.31 37.26
CA LEU A 67 40.63 -23.02 37.83
C LEU A 67 41.46 -23.25 39.08
N ILE A 68 42.58 -22.55 39.20
CA ILE A 68 43.26 -22.53 40.48
C ILE A 68 43.72 -21.15 40.87
N GLU A 69 44.15 -21.03 42.12
CA GLU A 69 44.61 -19.76 42.67
C GLU A 69 46.05 -19.53 42.28
N ASP A 70 46.34 -18.36 41.70
CA ASP A 70 47.73 -17.99 41.41
C ASP A 70 48.49 -17.50 42.63
N GLU A 71 49.73 -17.06 42.39
CA GLU A 71 50.59 -16.44 43.41
C GLU A 71 50.00 -15.27 44.20
N ASN A 72 49.12 -14.48 43.60
CA ASN A 72 48.36 -13.50 44.39
C ASN A 72 46.90 -13.83 44.72
N GLY A 73 46.57 -15.13 44.78
CA GLY A 73 45.23 -15.60 45.18
C GLY A 73 44.10 -15.41 44.16
N GLU A 74 44.38 -14.75 43.04
CA GLU A 74 43.47 -14.73 41.90
C GLU A 74 43.33 -16.13 41.26
N LEU A 75 42.15 -16.43 40.71
CA LEU A 75 41.94 -17.69 39.99
C LEU A 75 42.46 -17.57 38.58
N THR A 76 43.17 -18.58 38.07
CA THR A 76 43.36 -18.71 36.63
C THR A 76 43.08 -20.09 36.12
N GLU A 77 43.03 -20.17 34.79
CA GLU A 77 42.97 -21.42 34.05
C GLU A 77 44.34 -22.10 34.05
N VAL A 78 44.35 -23.41 34.25
CA VAL A 78 45.54 -24.22 34.01
C VAL A 78 45.15 -25.54 33.39
N GLU A 79 46.11 -26.15 32.70
CA GLU A 79 45.98 -27.53 32.26
C GLU A 79 47.07 -28.34 32.94
N ARG A 80 46.68 -29.17 33.89
CA ARG A 80 47.63 -29.97 34.63
C ARG A 80 47.09 -31.38 34.85
N GLU A 81 47.76 -32.15 35.68
CA GLU A 81 47.44 -33.57 35.77
C GLU A 81 46.40 -33.83 36.85
N PRO A 82 45.35 -34.58 36.50
CA PRO A 82 44.34 -34.94 37.48
C PRO A 82 45.00 -35.53 38.72
N GLY A 83 44.72 -34.95 39.88
CA GLY A 83 45.28 -35.43 41.16
C GLY A 83 46.24 -34.47 41.85
N ALA A 84 46.55 -33.35 41.19
CA ALA A 84 47.61 -32.46 41.64
C ALA A 84 47.06 -31.43 42.65
N ASN A 85 45.74 -31.45 42.89
CA ASN A 85 45.17 -30.52 43.84
C ASN A 85 45.76 -30.65 45.24
N ALA A 86 46.26 -29.54 45.77
CA ALA A 86 46.83 -29.45 47.11
C ALA A 86 45.75 -29.24 48.17
N ILE A 87 44.61 -28.65 47.77
CA ILE A 87 43.44 -28.54 48.64
C ILE A 87 42.34 -29.50 48.17
N GLY A 88 41.32 -29.72 49.00
CA GLY A 88 40.27 -30.69 48.69
C GLY A 88 39.04 -30.11 48.00
N MET A 89 39.18 -28.91 47.43
CA MET A 89 38.12 -28.36 46.59
C MET A 89 38.69 -28.07 45.22
N VAL A 90 37.92 -28.38 44.20
CA VAL A 90 38.39 -28.30 42.83
C VAL A 90 37.38 -27.55 41.96
N ALA A 91 37.83 -26.83 40.94
CA ALA A 91 36.87 -26.12 40.06
C ALA A 91 37.22 -26.12 38.57
N PHE A 92 36.19 -26.13 37.73
CA PHE A 92 36.36 -25.94 36.28
C PHE A 92 35.54 -24.82 35.73
N LYS A 93 36.08 -24.15 34.72
CA LYS A 93 35.29 -23.23 33.95
C LYS A 93 35.00 -23.85 32.59
N ILE A 94 33.75 -23.81 32.17
CA ILE A 94 33.28 -24.65 31.07
C ILE A 94 32.64 -23.79 30.01
N THR A 95 33.07 -23.95 28.76
CA THR A 95 32.49 -23.19 27.68
C THR A 95 31.95 -24.24 26.76
N VAL A 96 30.66 -24.17 26.47
CA VAL A 96 29.96 -25.21 25.73
C VAL A 96 28.96 -24.59 24.73
N LYS A 97 29.02 -25.01 23.47
CA LYS A 97 28.01 -24.63 22.50
C LYS A 97 26.81 -25.56 22.58
N THR A 98 25.62 -25.00 22.81
CA THR A 98 24.43 -25.81 23.00
C THR A 98 23.40 -25.40 21.93
N PRO A 99 22.33 -26.21 21.77
CA PRO A 99 21.25 -25.92 20.85
C PRO A 99 20.71 -24.54 21.14
N GLU A 100 20.61 -24.21 22.41
CA GLU A 100 20.16 -22.87 22.80
C GLU A 100 21.25 -21.79 22.71
N TYR A 101 22.52 -22.18 22.84
CA TYR A 101 23.65 -21.26 22.57
C TYR A 101 24.69 -21.83 21.64
N PRO A 102 24.39 -21.81 20.35
CA PRO A 102 25.23 -22.41 19.33
C PRO A 102 26.65 -21.87 19.33
N ARG A 103 26.87 -20.60 19.73
CA ARG A 103 28.20 -20.02 19.64
C ARG A 103 28.85 -20.14 21.01
N GLY A 104 28.08 -20.60 21.99
CA GLY A 104 28.67 -21.06 23.23
C GLY A 104 28.20 -20.30 24.47
N ARG A 105 28.26 -20.98 25.61
CA ARG A 105 27.81 -20.45 26.88
C ARG A 105 28.77 -20.97 27.94
N GLN A 106 28.78 -20.33 29.12
CA GLN A 106 29.82 -20.63 30.11
C GLN A 106 29.25 -20.87 31.49
N PHE A 107 29.91 -21.69 32.30
CA PHE A 107 29.58 -21.77 33.70
C PHE A 107 30.73 -22.35 34.50
N VAL A 108 30.68 -22.25 35.81
CA VAL A 108 31.69 -22.89 36.62
C VAL A 108 31.13 -24.10 37.35
N VAL A 109 31.98 -25.09 37.53
CA VAL A 109 31.66 -26.18 38.40
C VAL A 109 32.65 -26.18 39.55
N VAL A 110 32.17 -26.17 40.79
CA VAL A 110 33.01 -26.46 41.96
C VAL A 110 32.61 -27.79 42.53
N ALA A 111 33.55 -28.45 43.17
CA ALA A 111 33.33 -29.82 43.58
C ALA A 111 34.24 -30.20 44.71
N ASN A 112 33.68 -30.85 45.73
CA ASN A 112 34.47 -31.51 46.77
C ASN A 112 35.30 -32.61 46.15
N ASP A 113 36.55 -32.75 46.57
CA ASP A 113 37.29 -33.95 46.23
C ASP A 113 37.15 -34.95 47.35
N ILE A 114 36.17 -35.84 47.26
CA ILE A 114 35.93 -36.83 48.30
C ILE A 114 37.15 -37.63 48.74
N THR A 115 38.23 -37.62 47.95
CA THR A 115 39.39 -38.46 48.29
C THR A 115 40.40 -37.69 49.07
N PHE A 116 40.22 -36.37 49.13
CA PHE A 116 41.12 -35.50 49.90
C PHE A 116 40.56 -35.25 51.28
N LYS A 117 41.16 -35.85 52.30
CA LYS A 117 40.60 -35.76 53.66
C LYS A 117 39.08 -35.88 53.69
N ILE A 118 38.59 -36.96 53.10
CA ILE A 118 37.20 -37.35 53.16
C ILE A 118 36.31 -36.21 52.67
N GLY A 119 36.88 -35.43 51.76
CA GLY A 119 36.19 -34.26 51.20
C GLY A 119 35.59 -33.37 52.27
N SER A 120 36.34 -33.18 53.34
CA SER A 120 35.93 -32.30 54.40
C SER A 120 36.27 -30.83 54.08
N PHE A 121 35.55 -29.90 54.70
CA PHE A 121 35.81 -28.48 54.48
C PHE A 121 36.72 -27.94 55.55
N GLY A 122 37.95 -27.61 55.16
CA GLY A 122 38.82 -26.83 56.01
C GLY A 122 38.81 -25.40 55.54
N PRO A 123 39.68 -24.56 56.13
CA PRO A 123 39.64 -23.13 55.78
C PRO A 123 40.07 -22.88 54.34
N GLN A 124 40.94 -23.74 53.83
CA GLN A 124 41.47 -23.51 52.48
C GLN A 124 40.46 -23.90 51.41
N GLU A 125 39.69 -24.94 51.68
CA GLU A 125 38.60 -25.28 50.78
C GLU A 125 37.52 -24.22 50.78
N ASP A 126 37.26 -23.65 51.95
CA ASP A 126 36.20 -22.65 52.10
C ASP A 126 36.58 -21.33 51.40
N GLU A 127 37.80 -20.87 51.58
CA GLU A 127 38.19 -19.67 50.89
C GLU A 127 38.23 -19.86 49.37
N PHE A 128 38.58 -21.06 48.92
CA PHE A 128 38.55 -21.37 47.49
C PHE A 128 37.14 -21.38 46.93
N PHE A 129 36.24 -22.09 47.61
CA PHE A 129 34.85 -22.18 47.19
C PHE A 129 34.22 -20.81 47.09
N ASN A 130 34.58 -19.93 48.02
CA ASN A 130 34.08 -18.56 48.02
C ASN A 130 34.62 -17.74 46.84
N LYS A 131 35.92 -17.86 46.58
CA LYS A 131 36.51 -17.23 45.42
C LYS A 131 35.83 -17.69 44.13
N VAL A 132 35.40 -18.94 44.09
CA VAL A 132 34.83 -19.47 42.85
C VAL A 132 33.43 -18.88 42.66
N THR A 133 32.66 -18.87 43.74
CA THR A 133 31.35 -18.24 43.71
C THR A 133 31.43 -16.77 43.29
N GLU A 134 32.37 -16.00 43.85
CA GLU A 134 32.51 -14.61 43.46
C GLU A 134 32.92 -14.46 42.00
N TYR A 135 33.67 -15.43 41.51
CA TYR A 135 34.19 -15.35 40.16
C TYR A 135 33.01 -15.50 39.23
N ALA A 136 32.05 -16.33 39.65
CA ALA A 136 30.87 -16.61 38.86
C ALA A 136 29.87 -15.44 38.89
N ARG A 137 29.56 -14.98 40.10
CA ARG A 137 28.74 -13.78 40.29
C ARG A 137 29.27 -12.59 39.47
N LYS A 138 30.56 -12.32 39.58
CA LYS A 138 31.12 -11.16 38.90
C LYS A 138 30.86 -11.29 37.40
N ARG A 139 30.90 -12.51 36.87
CA ARG A 139 30.71 -12.69 35.43
C ARG A 139 29.24 -12.96 35.03
N GLY A 140 28.42 -13.24 36.03
CA GLY A 140 27.01 -13.46 35.83
C GLY A 140 26.73 -14.88 35.43
N ILE A 141 27.70 -15.76 35.64
CA ILE A 141 27.74 -17.04 34.93
C ILE A 141 27.33 -18.14 35.91
N PRO A 142 26.61 -19.16 35.46
CA PRO A 142 26.02 -20.05 36.48
C PRO A 142 27.04 -20.85 37.29
N ARG A 143 26.69 -21.19 38.53
CA ARG A 143 27.57 -21.89 39.45
C ARG A 143 27.00 -23.27 39.77
N ILE A 144 27.61 -24.31 39.20
CA ILE A 144 27.20 -25.69 39.53
C ILE A 144 28.04 -26.23 40.69
N TYR A 145 27.41 -26.80 41.70
CA TYR A 145 28.19 -27.36 42.78
C TYR A 145 28.00 -28.87 42.88
N LEU A 146 29.11 -29.59 43.01
CA LEU A 146 29.01 -31.05 43.05
C LEU A 146 29.42 -31.52 44.43
N ALA A 147 28.43 -31.87 45.25
CA ALA A 147 28.69 -32.05 46.64
C ALA A 147 28.97 -33.52 46.90
N ALA A 148 30.20 -33.82 47.32
CA ALA A 148 30.49 -35.10 47.95
C ALA A 148 31.52 -34.92 49.06
N ASN A 149 31.05 -34.88 50.31
CA ASN A 149 31.83 -34.29 51.39
C ASN A 149 31.49 -34.86 52.77
N SER A 150 32.28 -34.52 53.77
CA SER A 150 32.05 -35.01 55.13
C SER A 150 31.75 -33.91 56.12
N GLY A 151 31.33 -32.75 55.61
CA GLY A 151 31.23 -31.55 56.39
C GLY A 151 32.56 -30.93 56.80
N ALA A 152 32.50 -30.19 57.90
CA ALA A 152 33.63 -29.42 58.39
C ALA A 152 34.68 -30.35 58.95
N ARG A 153 35.92 -29.89 58.90
CA ARG A 153 37.08 -30.70 59.18
C ARG A 153 37.33 -30.68 60.70
N ILE A 154 37.51 -31.85 61.31
CA ILE A 154 37.74 -31.91 62.74
C ILE A 154 39.19 -32.24 62.97
N GLY A 155 39.73 -31.68 64.05
CA GLY A 155 41.12 -31.91 64.38
C GLY A 155 41.45 -31.68 65.84
N MET A 156 42.70 -31.97 66.17
CA MET A 156 43.21 -31.77 67.50
C MET A 156 44.71 -31.51 67.32
N ALA A 157 45.36 -30.95 68.34
CA ALA A 157 46.76 -30.57 68.21
C ALA A 157 47.64 -31.79 68.43
N GLU A 158 47.80 -32.60 67.38
CA GLU A 158 48.51 -33.87 67.52
C GLU A 158 49.87 -33.73 68.19
N GLU A 159 50.51 -32.58 68.00
CA GLU A 159 51.84 -32.39 68.52
C GLU A 159 51.89 -32.35 70.05
N ILE A 160 50.75 -32.10 70.69
CA ILE A 160 50.76 -32.05 72.15
C ILE A 160 50.51 -33.39 72.82
N VAL A 161 49.90 -34.32 72.08
CA VAL A 161 49.52 -35.62 72.63
C VAL A 161 50.67 -36.39 73.29
N PRO A 162 51.84 -36.45 72.64
CA PRO A 162 52.92 -37.24 73.21
C PRO A 162 53.60 -36.51 74.36
N LEU A 163 53.30 -35.21 74.53
CA LEU A 163 54.05 -34.36 75.47
C LEU A 163 53.43 -34.16 76.84
N PHE A 164 52.15 -33.81 76.87
CA PHE A 164 51.57 -33.29 78.10
C PHE A 164 51.75 -34.23 79.27
N GLN A 165 52.00 -33.66 80.46
CA GLN A 165 51.98 -34.42 81.71
C GLN A 165 50.78 -34.05 82.57
N VAL A 166 50.52 -34.81 83.63
CA VAL A 166 49.33 -34.62 84.43
C VAL A 166 49.69 -34.27 85.85
N ALA A 167 48.90 -33.42 86.48
CA ALA A 167 49.07 -33.14 87.91
C ALA A 167 48.07 -33.97 88.69
N TRP A 168 48.54 -35.09 89.22
CA TRP A 168 47.71 -35.97 90.04
C TRP A 168 47.44 -35.33 91.38
N ASN A 169 46.18 -35.34 91.75
CA ASN A 169 45.80 -35.24 93.15
C ASN A 169 46.74 -35.99 94.07
N ASP A 170 47.12 -37.21 93.68
CA ASP A 170 48.25 -37.93 94.28
C ASP A 170 48.63 -39.15 93.45
N ALA A 171 49.91 -39.30 93.15
CA ALA A 171 50.37 -40.34 92.23
C ALA A 171 50.60 -41.67 92.96
N ALA A 172 50.63 -42.74 92.17
CA ALA A 172 50.36 -44.11 92.66
C ALA A 172 48.86 -44.33 92.89
N ASN A 173 48.04 -43.38 92.44
CA ASN A 173 46.59 -43.38 92.70
C ASN A 173 45.81 -42.47 91.76
N PRO A 174 46.14 -42.51 90.47
CA PRO A 174 45.38 -41.82 89.44
C PRO A 174 43.87 -41.74 89.74
N ASP A 175 43.19 -42.88 89.76
CA ASP A 175 41.99 -43.06 90.59
C ASP A 175 41.23 -41.77 90.86
N LYS A 176 41.78 -40.94 91.74
CA LYS A 176 40.98 -40.05 92.58
C LYS A 176 40.90 -38.63 92.02
N GLY A 177 41.49 -38.42 90.84
CA GLY A 177 41.27 -37.17 90.09
C GLY A 177 42.58 -36.54 89.63
N PHE A 178 42.48 -35.46 88.86
CA PHE A 178 43.65 -34.63 88.55
C PHE A 178 43.35 -33.15 88.65
N GLN A 179 44.39 -32.36 88.91
CA GLN A 179 44.29 -30.90 89.03
C GLN A 179 44.26 -30.20 87.67
N TYR A 180 45.26 -30.48 86.82
CA TYR A 180 45.45 -29.77 85.56
C TYR A 180 46.50 -30.48 84.70
N LEU A 181 46.58 -30.12 83.41
CA LEU A 181 47.64 -30.64 82.53
C LEU A 181 48.77 -29.65 82.29
N TYR A 182 49.99 -30.16 82.09
CA TYR A 182 51.18 -29.32 81.96
C TYR A 182 52.28 -29.87 81.05
N LEU A 183 53.36 -29.10 80.91
CA LEU A 183 54.53 -29.49 80.12
C LEU A 183 55.77 -29.23 80.95
N THR A 184 56.89 -29.84 80.58
CA THR A 184 58.17 -29.54 81.20
C THR A 184 59.06 -28.72 80.30
N SER A 185 60.08 -28.11 80.90
CA SER A 185 61.20 -27.56 80.16
C SER A 185 61.39 -28.32 78.86
N GLU A 186 61.39 -29.65 78.95
CA GLU A 186 61.80 -30.50 77.84
C GLU A 186 60.64 -30.68 76.88
N GLY A 187 59.42 -30.61 77.42
CA GLY A 187 58.24 -30.33 76.61
C GLY A 187 58.38 -29.03 75.83
N MET A 188 58.59 -27.93 76.54
CA MET A 188 58.74 -26.63 75.90
C MET A 188 59.74 -26.64 74.76
N GLU A 189 60.97 -27.08 75.02
CA GLU A 189 61.97 -27.27 73.96
C GLU A 189 61.41 -28.03 72.75
N THR A 190 60.96 -29.26 72.98
CA THR A 190 60.53 -30.10 71.87
C THR A 190 59.67 -29.26 70.93
N LEU A 191 58.99 -28.25 71.50
CA LEU A 191 58.13 -27.36 70.71
C LEU A 191 58.94 -26.29 69.99
N LYS A 192 59.89 -25.69 70.71
CA LYS A 192 60.73 -24.64 70.14
C LYS A 192 61.58 -25.14 68.97
N LYS A 193 62.09 -26.37 69.10
CA LYS A 193 62.92 -26.96 68.06
C LYS A 193 62.11 -27.27 66.81
N PHE A 194 60.84 -27.60 66.99
CA PHE A 194 59.97 -27.91 65.88
C PHE A 194 59.32 -26.61 65.40
N ASP A 195 59.84 -25.49 65.91
CA ASP A 195 59.22 -24.18 65.71
C ASP A 195 57.70 -24.20 65.89
N LYS A 196 57.23 -24.11 67.13
CA LYS A 196 55.82 -24.34 67.42
C LYS A 196 55.41 -23.92 68.82
N GLU A 197 56.03 -22.86 69.35
CA GLU A 197 55.73 -22.43 70.71
C GLU A 197 54.30 -21.92 70.82
N ASN A 198 53.75 -21.50 69.69
CA ASN A 198 52.41 -20.94 69.62
C ASN A 198 51.32 -21.99 69.80
N SER A 199 51.73 -23.22 70.04
CA SER A 199 50.82 -24.37 69.99
C SER A 199 50.01 -24.51 71.27
N VAL A 200 50.57 -24.00 72.38
CA VAL A 200 49.86 -23.96 73.65
C VAL A 200 49.94 -22.56 74.25
N LEU A 201 49.14 -22.31 75.28
CA LEU A 201 49.35 -21.16 76.14
C LEU A 201 49.52 -21.66 77.54
N THR A 202 50.53 -21.15 78.24
CA THR A 202 50.97 -21.78 79.47
C THR A 202 51.28 -20.74 80.54
N GLU A 203 51.66 -21.19 81.73
CA GLU A 203 52.03 -20.30 82.82
C GLU A 203 53.11 -20.98 83.64
N ARG A 204 54.21 -20.26 83.88
CA ARG A 204 55.27 -20.82 84.71
C ARG A 204 54.74 -21.05 86.12
N THR A 205 55.03 -22.23 86.68
CA THR A 205 55.03 -22.44 88.13
C THR A 205 56.21 -23.33 88.50
N VAL A 206 56.64 -23.28 89.75
CA VAL A 206 57.46 -24.35 90.31
C VAL A 206 56.69 -25.09 91.40
N ILE A 207 56.67 -26.41 91.31
CA ILE A 207 56.05 -27.22 92.36
C ILE A 207 57.06 -28.12 93.10
N ASN A 208 57.12 -27.97 94.42
CA ASN A 208 58.04 -28.76 95.22
C ASN A 208 59.08 -29.43 94.34
N GLY A 209 60.14 -28.69 94.01
CA GLY A 209 61.16 -29.20 93.09
C GLY A 209 61.11 -28.52 91.73
N GLU A 210 60.43 -29.14 90.76
CA GLU A 210 60.61 -28.87 89.31
C GLU A 210 59.81 -27.64 88.88
N GLU A 211 59.80 -27.38 87.57
CA GLU A 211 58.95 -26.33 87.02
C GLU A 211 57.99 -26.87 85.96
N ARG A 212 56.81 -26.26 85.90
CA ARG A 212 55.62 -26.82 85.26
C ARG A 212 54.97 -25.74 84.43
N PHE A 213 54.68 -26.05 83.18
CA PHE A 213 54.07 -25.07 82.30
C PHE A 213 52.62 -25.48 82.09
N VAL A 214 51.74 -24.87 82.87
CA VAL A 214 50.34 -25.30 82.92
C VAL A 214 49.70 -24.98 81.60
N ILE A 215 49.05 -25.95 80.98
CA ILE A 215 48.33 -25.65 79.77
C ILE A 215 47.01 -24.97 80.12
N LYS A 216 46.73 -23.88 79.42
CA LYS A 216 45.59 -23.05 79.76
C LYS A 216 44.70 -23.05 78.56
N THR A 217 45.31 -23.25 77.40
CA THR A 217 44.57 -23.40 76.15
C THR A 217 45.49 -24.11 75.21
N ILE A 218 44.93 -24.97 74.38
CA ILE A 218 45.71 -25.63 73.35
C ILE A 218 45.30 -25.03 72.02
N ILE A 219 46.24 -24.40 71.33
CA ILE A 219 45.94 -23.79 70.04
C ILE A 219 46.25 -24.69 68.85
N GLY A 220 47.44 -25.27 68.86
CA GLY A 220 47.88 -26.15 67.79
C GLY A 220 48.48 -25.38 66.62
N SER A 221 49.52 -25.94 66.05
CA SER A 221 50.20 -25.35 64.89
C SER A 221 49.43 -25.62 63.61
N GLU A 222 48.83 -26.80 63.52
CA GLU A 222 48.10 -27.17 62.32
C GLU A 222 46.80 -26.37 62.21
N ASP A 223 46.64 -25.61 61.13
CA ASP A 223 45.40 -24.87 60.90
C ASP A 223 44.29 -25.83 60.52
N GLY A 224 43.07 -25.53 60.94
CA GLY A 224 41.91 -26.32 60.53
C GLY A 224 41.44 -27.30 61.59
N LEU A 225 41.64 -26.99 62.86
CA LEU A 225 41.13 -27.84 63.95
C LEU A 225 39.70 -27.53 64.39
N GLY A 226 39.48 -26.36 64.97
CA GLY A 226 38.13 -25.97 65.39
C GLY A 226 37.58 -24.73 64.71
N VAL A 227 37.49 -23.64 65.46
CA VAL A 227 36.64 -22.53 65.07
C VAL A 227 36.97 -21.92 63.71
N GLU A 228 38.20 -22.07 63.26
CA GLU A 228 38.56 -21.52 61.96
C GLU A 228 37.83 -22.23 60.82
N CYS A 229 37.36 -23.44 61.04
CA CYS A 229 36.49 -24.12 60.06
C CYS A 229 35.05 -23.63 60.12
N LEU A 230 34.68 -23.16 61.30
CA LEU A 230 33.41 -22.48 61.50
C LEU A 230 33.33 -21.14 60.76
N ARG A 231 34.26 -20.21 61.01
CA ARG A 231 34.34 -18.97 60.22
C ARG A 231 34.37 -19.36 58.75
N GLY A 232 35.29 -20.23 58.38
CA GLY A 232 35.22 -20.92 57.10
C GLY A 232 33.80 -21.14 56.58
N SER A 233 32.98 -21.92 57.27
CA SER A 233 31.75 -22.34 56.62
C SER A 233 30.62 -21.36 56.73
N GLY A 234 30.75 -20.44 57.65
CA GLY A 234 29.93 -19.25 57.62
C GLY A 234 30.12 -18.45 56.34
N LEU A 235 31.37 -18.24 55.96
CA LEU A 235 31.66 -17.44 54.81
C LEU A 235 30.92 -17.95 53.58
N ILE A 236 30.98 -19.24 53.37
CA ILE A 236 30.39 -19.80 52.16
C ILE A 236 28.89 -20.05 52.25
N ALA A 237 28.35 -20.17 53.46
CA ALA A 237 26.91 -20.23 53.61
C ALA A 237 26.36 -18.90 53.09
N GLY A 238 26.91 -17.80 53.61
CA GLY A 238 26.48 -16.50 53.20
C GLY A 238 26.72 -16.34 51.70
N ALA A 239 27.81 -16.96 51.23
CA ALA A 239 28.24 -16.70 49.87
C ALA A 239 27.24 -17.37 48.97
N THR A 240 26.76 -18.54 49.36
CA THR A 240 25.73 -19.20 48.56
C THR A 240 24.41 -18.48 48.56
N SER A 241 24.03 -18.04 49.73
CA SER A 241 22.82 -17.27 49.87
C SER A 241 22.80 -16.17 48.81
N ARG A 242 23.79 -15.29 48.82
CA ARG A 242 23.91 -14.26 47.84
C ARG A 242 23.92 -14.79 46.41
N ALA A 243 24.71 -15.82 46.15
CA ALA A 243 24.71 -16.43 44.85
C ALA A 243 23.26 -16.57 44.36
N TYR A 244 22.40 -17.18 45.18
CA TYR A 244 21.09 -17.62 44.73
C TYR A 244 20.22 -16.47 44.23
N HIS A 245 20.48 -15.28 44.76
CA HIS A 245 19.77 -14.09 44.30
C HIS A 245 20.41 -13.43 43.07
N ASP A 246 21.40 -14.06 42.47
CA ASP A 246 22.33 -13.33 41.62
C ASP A 246 22.60 -14.08 40.30
N ILE A 247 22.78 -15.39 40.39
CA ILE A 247 23.18 -16.15 39.23
C ILE A 247 22.50 -17.49 39.34
N PHE A 248 22.40 -18.26 38.25
CA PHE A 248 21.76 -19.59 38.35
C PHE A 248 22.60 -20.46 39.28
N THR A 249 22.06 -20.86 40.42
CA THR A 249 22.76 -21.86 41.21
C THR A 249 22.06 -23.22 41.11
N ILE A 250 22.83 -24.31 41.17
CA ILE A 250 22.29 -25.66 41.26
C ILE A 250 23.32 -26.63 41.86
N THR A 251 22.86 -27.74 42.41
CA THR A 251 23.73 -28.61 43.18
C THR A 251 23.42 -30.06 42.87
N LEU A 252 24.41 -30.85 42.51
CA LEU A 252 24.20 -32.28 42.44
C LEU A 252 24.85 -33.01 43.64
N VAL A 253 24.06 -33.79 44.37
CA VAL A 253 24.62 -34.47 45.52
C VAL A 253 25.04 -35.84 45.08
N THR A 254 26.34 -36.08 45.20
CA THR A 254 26.95 -37.12 44.41
C THR A 254 27.47 -38.31 45.19
N CYS A 255 27.77 -38.17 46.47
CA CYS A 255 28.08 -39.37 47.26
C CYS A 255 27.65 -39.22 48.71
N ARG A 256 27.67 -38.00 49.20
CA ARG A 256 26.96 -37.64 50.43
C ARG A 256 27.33 -36.21 50.72
N SER A 257 26.39 -35.50 51.32
CA SER A 257 26.64 -34.17 51.79
C SER A 257 26.30 -34.07 53.23
N VAL A 258 27.25 -33.56 53.99
CA VAL A 258 27.13 -33.63 55.43
C VAL A 258 27.33 -32.21 55.93
N GLY A 259 26.53 -31.82 56.91
CA GLY A 259 26.86 -30.63 57.69
C GLY A 259 26.73 -29.38 56.86
N ILE A 260 27.81 -28.62 56.76
CA ILE A 260 27.80 -27.44 55.92
C ILE A 260 27.49 -27.88 54.51
N GLY A 261 27.92 -29.08 54.15
CA GLY A 261 27.53 -29.71 52.90
C GLY A 261 26.03 -29.76 52.70
N ALA A 262 25.28 -30.19 53.71
CA ALA A 262 23.82 -30.22 53.62
C ALA A 262 23.26 -28.81 53.38
N TYR A 263 23.71 -27.84 54.16
CA TYR A 263 23.17 -26.49 54.07
C TYR A 263 23.50 -25.83 52.74
N LEU A 264 24.74 -26.01 52.28
CA LEU A 264 25.08 -25.57 50.93
C LEU A 264 24.08 -26.08 49.88
N VAL A 265 23.71 -27.34 49.99
CA VAL A 265 22.75 -27.88 49.06
C VAL A 265 21.47 -27.08 49.05
N ARG A 266 20.96 -26.76 50.24
CA ARG A 266 19.73 -26.01 50.36
C ARG A 266 19.86 -24.51 50.02
N LEU A 267 20.98 -23.89 50.37
CA LEU A 267 21.09 -22.45 50.22
C LEU A 267 21.11 -22.09 48.73
N GLY A 268 21.57 -23.01 47.92
CA GLY A 268 21.63 -22.76 46.49
C GLY A 268 20.33 -23.25 45.88
N GLN A 269 19.51 -23.90 46.71
CA GLN A 269 18.09 -24.13 46.42
C GLN A 269 17.84 -25.30 45.46
N ARG A 270 18.26 -25.15 44.22
CA ARG A 270 18.01 -26.18 43.22
C ARG A 270 18.92 -27.41 43.43
N ALA A 271 18.35 -28.54 43.78
CA ALA A 271 19.17 -29.69 44.12
C ALA A 271 18.67 -30.96 43.47
N ILE A 272 19.61 -31.78 43.02
CA ILE A 272 19.32 -33.10 42.47
C ILE A 272 20.11 -34.07 43.30
N GLN A 273 19.45 -35.14 43.73
CA GLN A 273 20.09 -36.09 44.61
C GLN A 273 20.25 -37.42 43.87
N VAL A 274 21.40 -38.06 44.01
CA VAL A 274 21.56 -39.35 43.36
C VAL A 274 21.06 -40.45 44.31
N GLU A 275 20.16 -41.28 43.81
CA GLU A 275 19.59 -42.34 44.66
C GLU A 275 20.67 -42.97 45.52
N GLY A 276 20.44 -43.09 46.82
CA GLY A 276 21.40 -43.80 47.67
C GLY A 276 22.50 -42.94 48.29
N GLN A 277 22.53 -41.65 47.96
CA GLN A 277 23.50 -40.74 48.57
C GLN A 277 22.80 -39.77 49.52
N PRO A 278 23.14 -39.81 50.83
CA PRO A 278 22.38 -39.05 51.81
C PRO A 278 22.80 -37.59 51.96
N ILE A 279 21.82 -36.75 52.25
CA ILE A 279 22.06 -35.36 52.66
C ILE A 279 21.78 -35.25 54.15
N ILE A 280 22.81 -35.22 54.99
CA ILE A 280 22.60 -35.35 56.42
C ILE A 280 23.20 -34.23 57.23
N LEU A 281 22.74 -34.08 58.46
CA LEU A 281 23.28 -33.09 59.36
C LEU A 281 24.33 -33.70 60.27
N THR A 282 24.02 -34.85 60.85
CA THR A 282 25.00 -35.67 61.56
C THR A 282 24.77 -37.13 61.13
N GLY A 283 25.77 -37.98 61.30
CA GLY A 283 25.58 -39.38 60.96
C GLY A 283 24.72 -40.15 61.95
N ALA A 284 24.17 -41.27 61.50
CA ALA A 284 23.51 -42.23 62.39
C ALA A 284 24.32 -42.63 63.62
N PRO A 285 25.58 -43.04 63.44
CA PRO A 285 26.30 -43.48 64.64
C PRO A 285 26.32 -42.39 65.72
N ALA A 286 26.46 -41.14 65.30
CA ALA A 286 26.68 -40.05 66.23
C ALA A 286 25.38 -39.69 66.91
N ILE A 287 24.30 -39.74 66.14
CA ILE A 287 22.98 -39.60 66.72
C ILE A 287 22.64 -40.74 67.68
N ASN A 288 22.83 -41.99 67.27
CA ASN A 288 22.60 -43.12 68.17
C ASN A 288 23.42 -42.96 69.44
N LYS A 289 24.64 -42.45 69.29
CA LYS A 289 25.54 -42.22 70.43
C LYS A 289 24.93 -41.20 71.37
N MET A 290 24.52 -40.04 70.86
CA MET A 290 23.75 -39.09 71.66
C MET A 290 22.59 -39.75 72.36
N LEU A 291 21.72 -40.45 71.62
CA LEU A 291 20.47 -40.97 72.16
C LEU A 291 20.69 -42.21 73.02
N GLY A 292 21.87 -42.82 72.90
CA GLY A 292 22.19 -44.06 73.61
C GLY A 292 21.25 -45.17 73.22
N ARG A 293 21.38 -45.67 72.01
CA ARG A 293 20.58 -46.81 71.51
C ARG A 293 20.63 -46.82 70.00
N GLU A 294 20.67 -48.00 69.40
CA GLU A 294 20.73 -48.11 67.95
C GLU A 294 19.35 -47.90 67.34
N VAL A 295 18.98 -46.65 67.11
CA VAL A 295 17.67 -46.32 66.59
C VAL A 295 17.70 -46.24 65.06
N TYR A 296 18.75 -45.62 64.53
CA TYR A 296 18.91 -45.51 63.10
C TYR A 296 19.94 -46.51 62.57
N THR A 297 19.63 -47.23 61.49
CA THR A 297 20.58 -48.18 60.85
C THR A 297 21.49 -47.57 59.77
N SER A 298 20.95 -46.67 58.95
CA SER A 298 21.75 -46.06 57.89
C SER A 298 21.54 -44.56 57.87
N ASN A 299 22.47 -43.83 57.27
CA ASN A 299 22.18 -42.45 56.92
C ASN A 299 21.02 -42.24 55.95
N LEU A 300 20.73 -43.26 55.14
CA LEU A 300 19.64 -43.18 54.20
C LEU A 300 18.31 -42.92 54.91
N GLN A 301 18.19 -43.46 56.12
CA GLN A 301 17.06 -43.18 56.97
C GLN A 301 16.86 -41.70 57.28
N LEU A 302 17.93 -40.90 57.25
CA LEU A 302 17.90 -39.53 57.77
C LEU A 302 17.88 -38.56 56.61
N GLY A 303 18.55 -38.91 55.52
CA GLY A 303 18.78 -37.95 54.45
C GLY A 303 18.78 -38.55 53.07
N GLY A 304 18.31 -39.78 52.94
CA GLY A 304 18.09 -40.36 51.64
C GLY A 304 16.93 -39.67 50.95
N THR A 305 16.62 -40.11 49.73
CA THR A 305 15.60 -39.46 48.94
C THR A 305 14.19 -39.56 49.54
N GLN A 306 13.85 -40.72 50.12
CA GLN A 306 12.51 -40.83 50.70
C GLN A 306 12.26 -39.74 51.73
N ILE A 307 13.33 -39.09 52.16
CA ILE A 307 13.20 -37.91 52.99
C ILE A 307 13.40 -36.60 52.23
N MET A 308 14.47 -36.46 51.49
CA MET A 308 14.78 -35.15 50.93
C MET A 308 13.99 -34.75 49.70
N TYR A 309 13.57 -35.76 48.95
CA TYR A 309 12.74 -35.58 47.74
C TYR A 309 11.26 -35.46 48.11
N ASN A 310 10.81 -36.22 49.10
CA ASN A 310 9.51 -35.99 49.72
C ASN A 310 9.41 -34.62 50.45
N ASN A 311 10.54 -34.09 50.88
CA ASN A 311 10.68 -32.73 51.43
C ASN A 311 10.37 -31.59 50.50
N GLY A 312 10.87 -31.70 49.27
CA GLY A 312 11.17 -30.52 48.47
C GLY A 312 12.55 -29.95 48.72
N VAL A 313 13.37 -30.60 49.53
CA VAL A 313 14.77 -30.20 49.60
C VAL A 313 15.46 -30.64 48.34
N SER A 314 15.10 -31.84 47.87
CA SER A 314 15.60 -32.36 46.59
C SER A 314 14.58 -32.14 45.48
N HIS A 315 14.96 -31.37 44.47
CA HIS A 315 14.03 -31.08 43.38
C HIS A 315 13.87 -32.25 42.44
N LEU A 316 14.94 -32.99 42.22
CA LEU A 316 14.91 -34.19 41.38
C LEU A 316 15.77 -35.27 42.02
N THR A 317 15.44 -36.51 41.78
CA THR A 317 16.42 -37.56 41.98
C THR A 317 17.05 -37.98 40.66
N ALA A 318 18.18 -38.67 40.77
CA ALA A 318 18.93 -39.22 39.65
C ALA A 318 19.39 -40.68 39.95
N VAL A 319 19.48 -41.47 38.90
CA VAL A 319 19.74 -42.88 39.05
C VAL A 319 21.27 -43.12 39.27
N ASP A 320 22.08 -42.17 38.84
CA ASP A 320 23.53 -42.19 39.03
C ASP A 320 24.04 -40.79 38.63
N ASP A 321 25.35 -40.54 38.78
CA ASP A 321 25.99 -39.24 38.45
C ASP A 321 25.69 -38.71 37.07
N LEU A 322 25.94 -39.54 36.06
CA LEU A 322 25.68 -39.14 34.70
C LEU A 322 24.24 -38.67 34.51
N ALA A 323 23.29 -39.37 35.11
CA ALA A 323 21.91 -38.92 35.03
C ALA A 323 21.72 -37.62 35.78
N GLY A 324 22.44 -37.47 36.88
CA GLY A 324 22.49 -36.21 37.55
C GLY A 324 22.87 -35.12 36.59
N VAL A 325 23.94 -35.36 35.83
CA VAL A 325 24.54 -34.30 35.06
C VAL A 325 23.69 -33.94 33.87
N GLU A 326 22.99 -34.94 33.35
CA GLU A 326 22.05 -34.72 32.26
C GLU A 326 20.91 -33.81 32.68
N LYS A 327 20.42 -34.05 33.90
CA LYS A 327 19.47 -33.13 34.46
C LYS A 327 19.93 -31.70 34.63
N ILE A 328 21.11 -31.51 35.21
CA ILE A 328 21.65 -30.19 35.35
C ILE A 328 21.67 -29.53 33.99
N VAL A 329 22.25 -30.22 33.02
CA VAL A 329 22.37 -29.64 31.70
C VAL A 329 21.00 -29.29 31.07
N GLU A 330 20.00 -30.14 31.29
CA GLU A 330 18.68 -29.87 30.74
C GLU A 330 17.97 -28.76 31.49
N TRP A 331 18.06 -28.74 32.80
CA TRP A 331 17.54 -27.64 33.56
C TRP A 331 18.16 -26.36 33.01
N MET A 332 19.41 -26.47 32.60
CA MET A 332 20.20 -25.26 32.39
C MET A 332 19.88 -24.69 31.04
N SER A 333 19.20 -25.49 30.23
CA SER A 333 18.90 -25.08 28.86
C SER A 333 17.71 -24.12 28.78
N TYR A 334 16.95 -24.00 29.87
CA TYR A 334 15.93 -22.98 29.91
C TYR A 334 16.47 -21.65 30.39
N VAL A 335 17.74 -21.57 30.75
CA VAL A 335 18.22 -20.43 31.55
C VAL A 335 19.13 -19.52 30.75
N PRO A 336 19.05 -18.22 30.97
CA PRO A 336 19.88 -17.31 30.18
C PRO A 336 21.35 -17.60 30.39
N ALA A 337 22.18 -17.23 29.44
CA ALA A 337 23.59 -17.62 29.42
C ALA A 337 24.35 -16.94 30.51
N LYS A 338 24.13 -15.64 30.69
CA LYS A 338 24.49 -14.98 31.95
C LYS A 338 23.38 -14.12 32.50
N ARG A 339 23.55 -13.70 33.76
CA ARG A 339 22.63 -12.77 34.41
C ARG A 339 22.31 -11.60 33.49
N ASN A 340 21.02 -11.52 33.13
CA ASN A 340 20.44 -10.37 32.44
C ASN A 340 20.47 -10.47 30.94
N MET A 341 20.93 -11.59 30.42
CA MET A 341 20.70 -11.94 29.03
C MET A 341 19.23 -12.21 28.82
N PRO A 342 18.75 -11.98 27.60
CA PRO A 342 17.46 -12.51 27.19
C PRO A 342 17.39 -13.99 27.52
N VAL A 343 16.23 -14.47 27.95
CA VAL A 343 16.03 -15.94 28.10
C VAL A 343 16.19 -16.66 26.74
N PRO A 344 16.73 -17.89 26.72
CA PRO A 344 17.18 -18.52 25.47
C PRO A 344 16.04 -19.11 24.64
N ILE A 345 15.59 -18.35 23.63
CA ILE A 345 14.60 -18.86 22.72
C ILE A 345 15.18 -20.11 22.11
N LEU A 346 14.33 -21.10 21.86
CA LEU A 346 14.73 -22.30 21.13
C LEU A 346 13.51 -23.00 20.50
N GLU A 347 13.29 -22.82 19.20
CA GLU A 347 12.10 -23.39 18.54
C GLU A 347 12.34 -24.81 18.06
N THR A 348 11.33 -25.67 18.17
CA THR A 348 11.47 -27.06 17.70
C THR A 348 10.45 -27.39 16.62
N LYS A 349 10.28 -28.66 16.27
CA LYS A 349 9.35 -29.05 15.19
C LYS A 349 7.91 -28.62 15.53
N ASP A 350 7.65 -28.40 16.81
CA ASP A 350 6.36 -27.91 17.30
C ASP A 350 6.25 -26.37 17.30
N THR A 351 6.05 -25.83 16.10
CA THR A 351 5.80 -24.40 15.88
C THR A 351 4.64 -23.88 16.76
N TRP A 352 4.48 -22.56 16.86
CA TRP A 352 3.41 -21.90 17.66
C TRP A 352 2.03 -22.00 17.02
N ASP A 353 1.98 -22.05 15.71
CA ASP A 353 0.72 -21.89 15.00
C ASP A 353 -0.08 -23.20 14.91
N ARG A 354 -0.71 -23.62 16.02
CA ARG A 354 -1.58 -24.80 16.00
C ARG A 354 -2.61 -24.67 17.10
N PRO A 355 -3.74 -25.38 16.98
CA PRO A 355 -4.71 -25.49 18.09
C PRO A 355 -4.09 -26.30 19.22
N VAL A 356 -4.57 -26.08 20.44
CA VAL A 356 -4.36 -27.05 21.53
C VAL A 356 -5.35 -28.20 21.40
N ASP A 357 -4.85 -29.43 21.45
CA ASP A 357 -5.67 -30.60 21.23
C ASP A 357 -6.37 -31.00 22.50
N PHE A 358 -5.60 -31.28 23.55
CA PHE A 358 -6.18 -31.96 24.70
C PHE A 358 -7.02 -31.01 25.51
N THR A 359 -8.28 -31.40 25.77
CA THR A 359 -9.21 -30.53 26.49
C THR A 359 -9.91 -31.28 27.64
N PRO A 360 -9.81 -30.75 28.86
CA PRO A 360 -10.47 -31.36 30.01
C PRO A 360 -11.98 -31.39 29.83
N THR A 361 -12.63 -32.39 30.40
CA THR A 361 -14.10 -32.44 30.40
C THR A 361 -14.60 -32.40 31.83
N ASN A 362 -15.85 -31.98 32.03
CA ASN A 362 -16.36 -31.68 33.37
C ASN A 362 -16.50 -32.90 34.26
N ASP A 363 -17.00 -33.98 33.70
CA ASP A 363 -17.26 -35.17 34.51
C ASP A 363 -16.03 -36.11 34.52
N GLU A 364 -15.03 -35.78 33.70
CA GLU A 364 -13.93 -36.70 33.43
C GLU A 364 -12.64 -36.23 34.13
N THR A 365 -12.04 -37.15 34.87
CA THR A 365 -10.82 -36.84 35.58
C THR A 365 -9.63 -36.85 34.60
N TYR A 366 -8.62 -36.02 34.88
CA TYR A 366 -7.46 -35.91 34.01
C TYR A 366 -6.22 -35.50 34.78
N ASP A 367 -5.07 -35.57 34.12
CA ASP A 367 -3.81 -35.18 34.70
C ASP A 367 -3.41 -33.85 34.08
N VAL A 368 -3.29 -32.83 34.90
CA VAL A 368 -3.09 -31.53 34.34
C VAL A 368 -1.86 -31.54 33.43
N ARG A 369 -1.01 -32.53 33.60
CA ARG A 369 0.20 -32.59 32.81
C ARG A 369 -0.15 -32.71 31.31
N TRP A 370 -1.22 -33.44 31.04
CA TRP A 370 -1.79 -33.52 29.71
C TRP A 370 -2.08 -32.15 29.15
N MET A 371 -2.58 -31.23 29.94
CA MET A 371 -2.91 -29.93 29.40
C MET A 371 -1.65 -29.15 29.05
N ILE A 372 -0.57 -29.47 29.75
CA ILE A 372 0.68 -28.72 29.67
C ILE A 372 1.53 -29.23 28.50
N GLU A 373 1.68 -30.54 28.42
CA GLU A 373 2.66 -31.13 27.51
C GLU A 373 2.01 -32.05 26.48
N GLY A 374 0.69 -32.15 26.54
CA GLY A 374 -0.07 -33.04 25.69
C GLY A 374 0.05 -34.48 26.14
N ARG A 375 -0.55 -35.39 25.37
CA ARG A 375 -0.84 -36.73 25.85
C ARG A 375 -0.81 -37.67 24.66
N GLU A 376 0.02 -38.71 24.78
CA GLU A 376 -0.02 -39.87 23.89
C GLU A 376 -1.37 -40.60 24.00
N THR A 377 -1.96 -41.02 22.88
CA THR A 377 -3.18 -41.83 22.94
C THR A 377 -3.16 -43.06 22.06
N GLU A 378 -4.26 -43.82 22.13
CA GLU A 378 -4.47 -44.94 21.22
C GLU A 378 -4.38 -44.49 19.76
N SER A 379 -4.93 -43.32 19.46
CA SER A 379 -4.99 -42.83 18.06
C SER A 379 -4.10 -41.60 17.80
N GLY A 380 -3.02 -41.43 18.55
CA GLY A 380 -2.01 -40.45 18.18
C GLY A 380 -1.84 -39.37 19.22
N PHE A 381 -0.73 -38.64 19.11
CA PHE A 381 -0.43 -37.54 20.01
C PHE A 381 -1.43 -36.37 19.95
N GLU A 382 -1.90 -35.94 21.12
CA GLU A 382 -2.79 -34.80 21.26
C GLU A 382 -2.02 -33.73 21.98
N TYR A 383 -1.81 -32.60 21.32
CA TYR A 383 -0.92 -31.57 21.84
C TYR A 383 -1.58 -30.79 22.95
N GLY A 384 -0.78 -30.30 23.88
CA GLY A 384 -1.30 -29.45 24.90
C GLY A 384 -0.83 -28.05 24.60
N LEU A 385 -0.67 -27.25 25.65
CA LEU A 385 -0.54 -25.81 25.50
C LEU A 385 0.90 -25.45 25.11
N PHE A 386 1.84 -26.28 25.58
CA PHE A 386 3.25 -25.99 25.35
C PHE A 386 3.90 -26.95 24.37
N ASP A 387 5.18 -26.72 24.06
CA ASP A 387 5.81 -27.47 22.97
C ASP A 387 5.98 -28.96 23.36
N LYS A 388 5.62 -29.86 22.47
CA LYS A 388 5.78 -31.29 22.74
C LYS A 388 7.18 -31.63 23.25
N GLY A 389 7.27 -32.39 24.34
CA GLY A 389 8.56 -32.79 24.90
C GLY A 389 9.30 -31.75 25.73
N SER A 390 8.74 -30.57 25.90
CA SER A 390 9.54 -29.44 26.40
C SER A 390 9.36 -29.22 27.90
N PHE A 391 8.56 -30.07 28.54
CA PHE A 391 8.17 -29.87 29.92
C PHE A 391 9.14 -30.57 30.85
N PHE A 392 9.86 -29.77 31.63
CA PHE A 392 10.82 -30.27 32.60
C PHE A 392 10.23 -30.07 34.01
N GLU A 393 9.46 -31.04 34.50
CA GLU A 393 8.85 -30.93 35.83
C GLU A 393 9.91 -30.95 36.91
N THR A 394 9.81 -30.07 37.91
CA THR A 394 10.67 -30.13 39.07
C THR A 394 9.83 -30.17 40.37
N LEU A 395 10.50 -30.35 41.50
CA LEU A 395 9.89 -30.73 42.78
C LEU A 395 8.82 -31.86 42.70
N SER A 396 9.06 -32.83 41.84
CA SER A 396 8.05 -33.84 41.54
C SER A 396 7.58 -34.70 42.70
N GLY A 397 8.35 -34.73 43.77
CA GLY A 397 8.15 -35.71 44.82
C GLY A 397 7.56 -35.13 46.09
N TRP A 398 7.36 -33.82 46.11
CA TRP A 398 6.88 -33.11 47.30
C TRP A 398 5.64 -32.33 46.94
N ALA A 399 4.61 -32.43 47.78
CA ALA A 399 3.45 -31.55 47.66
C ALA A 399 2.86 -31.65 46.27
N LYS A 400 2.41 -32.87 45.93
CA LYS A 400 1.97 -33.24 44.58
C LYS A 400 0.66 -32.52 44.21
N GLY A 401 0.14 -31.75 45.16
CA GLY A 401 -1.04 -30.94 44.92
C GLY A 401 -0.88 -29.91 43.83
N VAL A 402 0.28 -29.24 43.78
CA VAL A 402 0.67 -28.49 42.58
C VAL A 402 1.69 -29.25 41.76
N VAL A 403 1.79 -28.87 40.48
CA VAL A 403 2.86 -29.33 39.64
C VAL A 403 3.57 -28.14 39.07
N VAL A 404 4.90 -28.12 39.22
CA VAL A 404 5.71 -27.03 38.74
C VAL A 404 6.83 -27.52 37.84
N GLY A 405 7.13 -26.74 36.80
CA GLY A 405 8.07 -27.18 35.79
C GLY A 405 8.62 -26.03 34.98
N ARG A 406 9.52 -26.36 34.07
CA ARG A 406 9.83 -25.43 33.02
C ARG A 406 9.31 -26.02 31.70
N ALA A 407 9.05 -25.13 30.73
CA ALA A 407 8.49 -25.55 29.46
C ALA A 407 8.78 -24.50 28.39
N ARG A 408 8.43 -24.80 27.13
CA ARG A 408 8.60 -23.81 26.09
C ARG A 408 7.29 -23.47 25.33
N LEU A 409 6.97 -22.19 25.19
CA LEU A 409 5.85 -21.78 24.34
C LEU A 409 6.34 -21.31 22.96
N GLY A 410 6.30 -22.21 21.98
CA GLY A 410 6.86 -21.91 20.67
C GLY A 410 8.30 -21.44 20.71
N GLY A 411 9.05 -21.99 21.65
CA GLY A 411 10.46 -21.70 21.74
C GLY A 411 10.74 -20.90 22.99
N ILE A 412 9.76 -20.12 23.45
CA ILE A 412 10.01 -19.26 24.59
C ILE A 412 9.96 -20.05 25.88
N PRO A 413 11.05 -20.02 26.66
CA PRO A 413 11.08 -20.81 27.87
C PRO A 413 10.31 -20.09 28.98
N LEU A 414 9.57 -20.82 29.80
CA LEU A 414 8.93 -20.17 30.93
C LEU A 414 8.71 -21.14 32.11
N GLY A 415 8.58 -20.60 33.31
CA GLY A 415 8.09 -21.39 34.43
C GLY A 415 6.61 -21.66 34.29
N VAL A 416 6.17 -22.86 34.61
CA VAL A 416 4.75 -23.18 34.57
C VAL A 416 4.30 -23.74 35.92
N ILE A 417 3.12 -23.32 36.40
CA ILE A 417 2.50 -23.96 37.56
C ILE A 417 1.05 -24.35 37.23
N GLY A 418 0.73 -25.63 37.46
CA GLY A 418 -0.60 -26.14 37.23
C GLY A 418 -1.10 -26.75 38.52
N VAL A 419 -2.39 -27.01 38.57
CA VAL A 419 -2.98 -27.56 39.76
C VAL A 419 -3.38 -28.99 39.48
N GLU A 420 -3.07 -29.88 40.40
CA GLU A 420 -3.34 -31.28 40.21
C GLU A 420 -4.71 -31.59 40.77
N THR A 421 -5.58 -32.14 39.93
CA THR A 421 -6.99 -32.27 40.30
C THR A 421 -7.31 -33.59 40.98
N ARG A 422 -6.51 -34.62 40.74
CA ARG A 422 -6.59 -35.87 41.51
C ARG A 422 -6.21 -35.71 42.99
N THR A 423 -6.92 -36.42 43.86
CA THR A 423 -6.52 -36.54 45.25
C THR A 423 -5.13 -37.14 45.41
N VAL A 424 -4.22 -36.43 46.09
CA VAL A 424 -2.97 -37.04 46.52
C VAL A 424 -3.12 -37.81 47.84
N GLU A 425 -2.61 -39.04 47.86
CA GLU A 425 -2.41 -39.78 49.10
C GLU A 425 -0.96 -39.67 49.55
N ASN A 426 -0.73 -38.75 50.48
CA ASN A 426 0.60 -38.41 50.95
C ASN A 426 0.87 -39.22 52.24
N LEU A 427 1.94 -40.02 52.22
CA LEU A 427 2.17 -41.01 53.28
C LEU A 427 3.38 -40.66 54.11
N ILE A 428 3.18 -40.46 55.41
CA ILE A 428 4.24 -40.01 56.30
C ILE A 428 4.70 -41.15 57.20
N PRO A 429 6.00 -41.47 57.14
CA PRO A 429 6.59 -42.64 57.79
C PRO A 429 6.57 -42.56 59.34
N ALA A 430 6.59 -43.71 60.01
CA ALA A 430 6.80 -43.71 61.48
C ALA A 430 8.20 -43.21 61.78
N ASP A 431 8.38 -42.44 62.86
CA ASP A 431 9.73 -41.99 63.20
C ASP A 431 10.42 -42.89 64.21
N PRO A 432 11.53 -43.51 63.77
CA PRO A 432 11.97 -44.71 64.46
C PRO A 432 12.37 -44.37 65.88
N ALA A 433 12.69 -43.09 66.11
CA ALA A 433 13.20 -42.68 67.42
C ALA A 433 12.10 -42.71 68.46
N ASN A 434 10.86 -42.58 68.01
CA ASN A 434 9.74 -42.60 68.93
C ASN A 434 9.23 -44.00 69.28
N PRO A 435 9.38 -44.38 70.56
CA PRO A 435 9.11 -45.75 71.03
C PRO A 435 8.08 -46.44 70.13
N ASN A 436 6.81 -46.01 70.21
CA ASN A 436 5.86 -46.34 69.16
C ASN A 436 4.99 -45.20 68.65
N SER A 437 4.78 -45.22 67.34
CA SER A 437 4.50 -44.03 66.53
C SER A 437 4.38 -44.50 65.10
N ALA A 438 3.15 -44.67 64.61
CA ALA A 438 2.93 -45.41 63.36
C ALA A 438 2.93 -44.53 62.09
N GLU A 439 3.03 -45.20 60.94
CA GLU A 439 2.90 -44.57 59.64
C GLU A 439 1.54 -43.89 59.54
N THR A 440 1.52 -42.66 59.07
CA THR A 440 0.30 -41.88 59.04
C THR A 440 0.02 -41.38 57.61
N LEU A 441 -1.23 -41.56 57.17
CA LEU A 441 -1.63 -41.30 55.78
C LEU A 441 -2.48 -40.02 55.64
N ILE A 442 -2.06 -39.10 54.78
CA ILE A 442 -2.77 -37.84 54.63
C ILE A 442 -3.47 -37.74 53.26
N GLN A 443 -4.79 -37.64 53.29
CA GLN A 443 -5.62 -37.36 52.11
C GLN A 443 -5.52 -35.88 51.71
N GLU A 444 -4.91 -35.55 50.58
CA GLU A 444 -4.88 -34.14 50.17
C GLU A 444 -5.75 -33.88 48.94
N PRO A 445 -6.96 -33.32 49.13
CA PRO A 445 -7.90 -33.07 48.03
C PRO A 445 -7.34 -32.12 46.98
N GLY A 446 -7.93 -32.18 45.79
CA GLY A 446 -7.38 -31.49 44.65
C GLY A 446 -7.92 -30.08 44.58
N GLN A 447 -7.15 -29.19 43.96
CA GLN A 447 -7.51 -27.79 43.80
C GLN A 447 -7.76 -27.10 45.14
N VAL A 448 -7.21 -27.68 46.20
CA VAL A 448 -7.07 -27.02 47.50
C VAL A 448 -5.60 -26.80 47.86
N TRP A 449 -5.27 -25.56 48.20
CA TRP A 449 -3.97 -25.27 48.77
C TRP A 449 -3.85 -25.79 50.19
N HIS A 450 -2.78 -26.53 50.46
CA HIS A 450 -2.35 -26.84 51.84
C HIS A 450 -1.01 -26.19 52.18
N PRO A 451 -0.65 -26.23 53.46
CA PRO A 451 0.65 -25.65 53.78
C PRO A 451 1.74 -26.04 52.77
N ASN A 452 1.99 -27.33 52.57
CA ASN A 452 3.02 -27.76 51.64
C ASN A 452 2.88 -27.30 50.19
N SER A 453 1.71 -27.49 49.57
CA SER A 453 1.47 -26.94 48.23
C SER A 453 1.52 -25.40 48.15
N ALA A 454 1.18 -24.69 49.21
CA ALA A 454 1.35 -23.25 49.20
C ALA A 454 2.84 -22.92 49.24
N PHE A 455 3.56 -23.67 50.06
CA PHE A 455 5.00 -23.48 50.16
C PHE A 455 5.62 -23.72 48.78
N LYS A 456 5.25 -24.84 48.17
CA LYS A 456 5.86 -25.25 46.94
C LYS A 456 5.60 -24.19 45.87
N THR A 457 4.38 -23.67 45.83
CA THR A 457 4.04 -22.65 44.86
C THR A 457 4.96 -21.46 45.03
N ALA A 458 5.11 -20.99 46.27
CA ALA A 458 5.94 -19.82 46.57
C ALA A 458 7.36 -20.10 46.18
N GLN A 459 7.78 -21.31 46.54
CA GLN A 459 9.13 -21.74 46.27
C GLN A 459 9.33 -21.69 44.77
N ALA A 460 8.35 -22.21 44.02
CA ALA A 460 8.51 -22.33 42.58
C ALA A 460 8.69 -20.93 41.97
N ILE A 461 7.91 -20.00 42.46
CA ILE A 461 7.88 -18.70 41.86
C ILE A 461 9.21 -18.04 42.07
N ASN A 462 9.78 -18.20 43.26
CA ASN A 462 11.07 -17.58 43.55
C ASN A 462 12.17 -18.20 42.71
N ASP A 463 12.06 -19.50 42.42
CA ASP A 463 13.14 -20.16 41.73
C ASP A 463 13.04 -19.82 40.26
N PHE A 464 11.90 -19.34 39.80
CA PHE A 464 11.81 -18.96 38.39
C PHE A 464 12.46 -17.58 38.37
N ASN A 465 12.31 -16.85 39.47
CA ASN A 465 12.65 -15.44 39.41
C ASN A 465 14.15 -15.22 39.55
N ASN A 466 14.82 -16.12 40.26
CA ASN A 466 16.01 -15.75 40.96
C ASN A 466 17.31 -15.95 40.19
N GLY A 467 17.47 -17.08 39.54
CA GLY A 467 18.57 -17.01 38.58
C GLY A 467 18.10 -17.32 37.20
N GLU A 468 17.06 -18.16 37.17
CA GLU A 468 16.40 -18.58 35.97
C GLU A 468 15.90 -17.34 35.24
N GLN A 469 15.51 -16.32 35.98
CA GLN A 469 15.08 -15.05 35.38
C GLN A 469 14.00 -15.22 34.29
N LEU A 470 13.11 -16.20 34.49
CA LEU A 470 12.08 -16.59 33.52
C LEU A 470 10.77 -15.80 33.67
N PRO A 471 10.03 -15.65 32.55
CA PRO A 471 8.60 -15.33 32.67
C PRO A 471 7.87 -16.55 33.21
N MET A 472 6.58 -16.43 33.46
CA MET A 472 5.87 -17.48 34.16
C MET A 472 4.41 -17.58 33.71
N MET A 473 3.86 -18.78 33.66
CA MET A 473 2.41 -18.88 33.55
C MET A 473 1.86 -19.72 34.67
N ILE A 474 0.81 -19.22 35.31
CA ILE A 474 0.09 -20.03 36.26
C ILE A 474 -1.29 -20.42 35.75
N LEU A 475 -1.47 -21.72 35.52
CA LEU A 475 -2.78 -22.26 35.19
C LEU A 475 -3.66 -22.37 36.44
N ALA A 476 -4.20 -21.25 36.90
CA ALA A 476 -4.78 -21.22 38.22
C ALA A 476 -6.14 -21.94 38.30
N ASN A 477 -6.29 -22.76 39.33
CA ASN A 477 -7.42 -23.63 39.39
C ASN A 477 -7.60 -24.18 40.79
N TRP A 478 -7.59 -23.29 41.78
CA TRP A 478 -7.81 -23.69 43.17
C TRP A 478 -9.20 -23.30 43.65
N ARG A 479 -9.86 -24.19 44.38
CA ARG A 479 -11.12 -23.87 45.03
C ARG A 479 -10.89 -23.11 46.34
N GLY A 480 -9.73 -23.27 46.95
CA GLY A 480 -9.40 -22.45 48.11
C GLY A 480 -8.32 -23.04 48.99
N PHE A 481 -8.13 -22.45 50.16
CA PHE A 481 -7.16 -22.96 51.10
C PHE A 481 -7.91 -23.88 52.02
N SER A 482 -7.22 -24.89 52.55
CA SER A 482 -7.77 -25.70 53.63
C SER A 482 -7.66 -24.93 54.91
N GLY A 483 -8.79 -24.70 55.57
CA GLY A 483 -8.81 -23.87 56.76
C GLY A 483 -9.38 -24.59 57.98
N GLY A 484 -9.32 -25.91 57.95
CA GLY A 484 -9.70 -26.68 59.10
C GLY A 484 -8.55 -26.71 60.07
N GLN A 485 -8.79 -27.32 61.24
CA GLN A 485 -7.84 -27.17 62.32
C GLN A 485 -6.40 -27.55 61.94
N ARG A 486 -6.19 -28.79 61.50
CA ARG A 486 -4.83 -29.23 61.23
C ARG A 486 -4.03 -28.25 60.35
N ASP A 487 -4.68 -27.70 59.35
CA ASP A 487 -3.95 -26.91 58.40
C ASP A 487 -3.78 -25.47 58.89
N MET A 488 -4.70 -24.99 59.72
CA MET A 488 -4.46 -23.74 60.40
C MET A 488 -3.30 -23.87 61.36
N PHE A 489 -3.37 -24.85 62.25
CA PHE A 489 -2.26 -25.11 63.14
C PHE A 489 -0.92 -25.27 62.44
N ASN A 490 -0.91 -25.84 61.26
CA ASN A 490 0.34 -25.95 60.52
C ASN A 490 0.59 -24.76 59.61
N GLU A 491 -0.11 -23.66 59.87
CA GLU A 491 0.34 -22.36 59.41
C GLU A 491 0.08 -22.14 57.93
N VAL A 492 -1.09 -22.54 57.47
CA VAL A 492 -1.44 -22.26 56.09
C VAL A 492 -1.39 -20.74 55.76
N LEU A 493 -1.66 -19.90 56.74
CA LEU A 493 -1.58 -18.46 56.56
C LEU A 493 -0.13 -18.06 56.26
N LYS A 494 0.80 -18.63 57.00
CA LYS A 494 2.17 -18.29 56.76
C LYS A 494 2.54 -18.59 55.32
N TYR A 495 2.19 -19.77 54.83
CA TYR A 495 2.79 -20.16 53.55
C TYR A 495 2.02 -19.52 52.42
N GLY A 496 0.72 -19.29 52.65
CA GLY A 496 -0.09 -18.50 51.71
C GLY A 496 0.57 -17.15 51.43
N SER A 497 1.03 -16.49 52.47
CA SER A 497 1.56 -15.18 52.29
C SER A 497 2.86 -15.15 51.51
N PHE A 498 3.63 -16.24 51.61
CA PHE A 498 4.89 -16.33 50.91
C PHE A 498 4.58 -16.12 49.46
N ILE A 499 3.41 -16.59 49.04
CA ILE A 499 3.06 -16.59 47.63
C ILE A 499 2.94 -15.14 47.21
N VAL A 500 2.28 -14.34 48.05
CA VAL A 500 2.11 -12.95 47.71
C VAL A 500 3.46 -12.26 47.67
N ASP A 501 4.28 -12.52 48.67
CA ASP A 501 5.59 -11.89 48.75
C ASP A 501 6.38 -12.20 47.47
N ALA A 502 6.22 -13.39 46.91
CA ALA A 502 7.02 -13.77 45.77
C ALA A 502 6.56 -13.11 44.48
N LEU A 503 5.25 -13.15 44.24
CA LEU A 503 4.61 -12.31 43.23
C LEU A 503 5.10 -10.87 43.24
N VAL A 504 5.28 -10.30 44.43
CA VAL A 504 5.67 -8.92 44.50
C VAL A 504 7.11 -8.70 44.02
N ASP A 505 7.92 -9.75 44.09
CA ASP A 505 9.33 -9.63 43.78
C ASP A 505 9.60 -9.92 42.32
N TYR A 506 8.61 -10.49 41.66
CA TYR A 506 8.86 -11.13 40.40
C TYR A 506 9.27 -10.06 39.37
N LYS A 507 10.27 -10.34 38.56
CA LYS A 507 10.72 -9.32 37.64
C LYS A 507 10.47 -9.52 36.12
N GLN A 508 9.96 -10.68 35.73
CA GLN A 508 9.57 -10.91 34.35
C GLN A 508 8.03 -11.08 34.21
N PRO A 509 7.53 -11.10 32.98
CA PRO A 509 6.11 -11.19 32.72
C PRO A 509 5.46 -12.42 33.29
N ILE A 510 4.22 -12.28 33.73
CA ILE A 510 3.45 -13.37 34.35
C ILE A 510 2.06 -13.48 33.68
N ILE A 511 1.71 -14.64 33.19
CA ILE A 511 0.33 -14.85 32.77
C ILE A 511 -0.39 -15.68 33.81
N ILE A 512 -1.46 -15.15 34.38
CA ILE A 512 -2.36 -16.02 35.10
C ILE A 512 -3.55 -16.41 34.24
N TYR A 513 -3.89 -17.69 34.21
CA TYR A 513 -4.89 -18.13 33.25
C TYR A 513 -5.76 -19.24 33.85
N ILE A 514 -7.01 -18.90 34.15
CA ILE A 514 -7.96 -19.91 34.58
C ILE A 514 -8.40 -20.75 33.40
N PRO A 515 -8.10 -22.04 33.42
CA PRO A 515 -8.35 -22.93 32.28
C PRO A 515 -9.81 -23.42 32.16
N PRO A 516 -10.12 -24.09 31.05
CA PRO A 516 -11.43 -24.58 30.70
C PRO A 516 -12.31 -25.07 31.85
N THR A 517 -11.95 -26.09 32.60
CA THR A 517 -13.01 -26.48 33.56
C THR A 517 -12.75 -25.89 34.93
N GLY A 518 -11.98 -24.81 34.94
CA GLY A 518 -11.29 -24.38 36.14
C GLY A 518 -12.06 -23.34 36.91
N GLU A 519 -11.57 -23.04 38.11
CA GLU A 519 -12.16 -22.00 38.90
C GLU A 519 -11.16 -21.37 39.85
N LEU A 520 -11.53 -20.21 40.35
CA LEU A 520 -10.82 -19.55 41.40
C LEU A 520 -11.92 -18.96 42.25
N ARG A 521 -11.72 -18.94 43.56
CA ARG A 521 -12.83 -18.87 44.49
C ARG A 521 -12.39 -18.24 45.79
N GLY A 522 -12.78 -16.99 46.02
CA GLY A 522 -12.36 -16.26 47.22
C GLY A 522 -10.86 -16.17 47.28
N GLY A 523 -10.31 -16.67 48.39
CA GLY A 523 -8.88 -16.63 48.68
C GLY A 523 -7.96 -16.99 47.53
N SER A 524 -8.24 -18.10 46.87
CA SER A 524 -7.35 -18.57 45.81
C SER A 524 -7.25 -17.51 44.75
N TRP A 525 -8.34 -16.79 44.47
CA TRP A 525 -8.24 -15.77 43.43
C TRP A 525 -7.30 -14.68 43.91
N VAL A 526 -7.47 -14.29 45.17
CA VAL A 526 -6.81 -13.12 45.72
C VAL A 526 -5.28 -13.26 45.65
N VAL A 527 -4.80 -14.45 45.95
CA VAL A 527 -3.38 -14.69 46.10
C VAL A 527 -2.64 -14.53 44.75
N VAL A 528 -3.38 -14.23 43.70
CA VAL A 528 -2.86 -14.47 42.38
C VAL A 528 -3.37 -13.37 41.47
N ASP A 529 -4.04 -12.39 42.05
CA ASP A 529 -4.66 -11.37 41.25
C ASP A 529 -3.60 -10.37 40.78
N PRO A 530 -3.73 -9.84 39.56
CA PRO A 530 -2.75 -8.95 38.94
C PRO A 530 -2.41 -7.69 39.76
N THR A 531 -3.33 -7.19 40.57
CA THR A 531 -3.05 -5.93 41.24
C THR A 531 -1.92 -6.09 42.25
N ILE A 532 -1.55 -7.35 42.54
CA ILE A 532 -0.45 -7.61 43.46
C ILE A 532 0.81 -7.10 42.82
N ASN A 533 0.93 -7.23 41.51
CA ASN A 533 2.08 -6.73 40.76
C ASN A 533 1.63 -6.34 39.34
N ALA A 534 1.01 -5.17 39.23
CA ALA A 534 0.53 -4.70 37.95
C ALA A 534 1.63 -4.50 36.91
N ASP A 535 2.87 -4.22 37.33
CA ASP A 535 3.97 -4.15 36.37
C ASP A 535 4.17 -5.43 35.56
N GLN A 536 4.01 -6.61 36.18
CA GLN A 536 4.28 -7.85 35.44
C GLN A 536 3.09 -8.78 35.20
N MET A 537 2.01 -8.60 35.92
CA MET A 537 0.98 -9.65 35.96
C MET A 537 -0.18 -9.33 35.03
N GLU A 538 -0.66 -10.35 34.34
CA GLU A 538 -1.87 -10.23 33.58
C GLU A 538 -2.69 -11.48 33.79
N MET A 539 -4.01 -11.32 33.83
CA MET A 539 -4.89 -12.44 34.12
C MET A 539 -5.82 -12.71 32.95
N TYR A 540 -6.00 -13.98 32.62
CA TYR A 540 -7.00 -14.39 31.65
C TYR A 540 -7.89 -15.53 32.15
N ALA A 541 -9.17 -15.48 31.80
CA ALA A 541 -10.07 -16.61 32.11
C ALA A 541 -10.65 -17.22 30.86
N ASP A 542 -10.65 -18.54 30.82
CA ASP A 542 -11.19 -19.23 29.68
C ASP A 542 -12.71 -19.02 29.68
N VAL A 543 -13.33 -19.11 28.52
CA VAL A 543 -14.78 -18.91 28.45
C VAL A 543 -15.57 -19.96 29.22
N ASN A 544 -14.93 -21.08 29.54
CA ASN A 544 -15.59 -22.10 30.32
C ASN A 544 -15.07 -22.21 31.73
N ALA A 545 -14.38 -21.19 32.20
CA ALA A 545 -13.99 -21.14 33.61
C ALA A 545 -15.08 -20.50 34.47
N ARG A 546 -14.88 -20.55 35.77
CA ARG A 546 -15.80 -19.93 36.72
C ARG A 546 -14.94 -19.25 37.79
N ALA A 547 -15.38 -18.09 38.29
CA ALA A 547 -14.71 -17.46 39.42
C ALA A 547 -15.70 -16.59 40.18
N GLY A 548 -15.45 -16.41 41.48
CA GLY A 548 -16.31 -15.59 42.32
C GLY A 548 -15.98 -15.89 43.77
N VAL A 549 -16.63 -15.21 44.70
CA VAL A 549 -16.26 -15.31 46.11
C VAL A 549 -16.65 -16.68 46.70
N LEU A 550 -17.83 -17.17 46.34
CA LEU A 550 -18.22 -18.53 46.73
C LEU A 550 -18.52 -19.46 45.57
N GLU A 551 -18.43 -20.76 45.83
CA GLU A 551 -19.23 -21.80 45.13
C GLU A 551 -20.72 -21.42 45.10
N PRO A 552 -21.43 -21.77 44.01
CA PRO A 552 -22.89 -21.65 43.93
C PRO A 552 -23.60 -22.30 45.10
N GLN A 553 -23.09 -23.45 45.56
CA GLN A 553 -23.67 -24.09 46.74
C GLN A 553 -23.56 -23.22 47.99
N GLY A 554 -22.35 -22.75 48.29
CA GLY A 554 -22.13 -21.80 49.37
C GLY A 554 -22.88 -20.49 49.22
N MET A 555 -22.96 -19.98 48.00
CA MET A 555 -23.67 -18.75 47.70
C MET A 555 -25.13 -18.84 48.10
N VAL A 556 -25.77 -19.94 47.67
CA VAL A 556 -27.17 -20.21 47.96
C VAL A 556 -27.48 -20.28 49.45
N GLY A 557 -26.53 -20.84 50.20
CA GLY A 557 -26.70 -21.05 51.65
C GLY A 557 -26.90 -19.76 52.42
N ILE A 558 -26.63 -18.64 51.76
CA ILE A 558 -26.50 -17.35 52.43
C ILE A 558 -27.40 -16.29 51.78
N LYS A 559 -27.55 -16.34 50.46
CA LYS A 559 -28.35 -15.34 49.76
C LYS A 559 -29.62 -15.83 49.03
N PHE A 560 -29.88 -17.14 49.06
CA PHE A 560 -31.10 -17.72 48.45
C PHE A 560 -31.67 -18.84 49.32
N ARG A 561 -32.11 -18.48 50.52
CA ARG A 561 -32.59 -19.46 51.50
C ARG A 561 -34.08 -19.74 51.34
N ARG A 562 -34.66 -20.48 52.28
CA ARG A 562 -36.02 -21.01 52.14
C ARG A 562 -37.00 -19.94 51.70
N GLU A 563 -37.06 -18.86 52.46
CA GLU A 563 -37.98 -17.75 52.20
C GLU A 563 -37.89 -17.28 50.74
N LYS A 564 -36.67 -17.10 50.25
CA LYS A 564 -36.45 -16.60 48.88
C LYS A 564 -36.90 -17.60 47.78
N LEU A 565 -36.60 -18.88 47.97
CA LEU A 565 -37.21 -19.95 47.17
C LEU A 565 -38.73 -19.89 47.18
N LEU A 566 -39.35 -20.24 48.30
CA LEU A 566 -40.82 -20.28 48.37
C LEU A 566 -41.45 -19.15 47.59
N ASP A 567 -40.86 -17.95 47.71
CA ASP A 567 -41.43 -16.75 47.12
C ASP A 567 -41.34 -16.76 45.60
N THR A 568 -40.30 -17.44 45.10
CA THR A 568 -40.13 -17.68 43.67
C THR A 568 -41.12 -18.74 43.17
N MET A 569 -41.22 -19.87 43.88
CA MET A 569 -42.39 -20.74 43.80
C MET A 569 -43.65 -19.92 43.70
N ASN A 570 -43.78 -18.94 44.59
CA ASN A 570 -44.99 -18.12 44.63
C ASN A 570 -45.30 -17.45 43.30
N ARG A 571 -44.28 -17.14 42.50
CA ARG A 571 -44.55 -16.48 41.23
C ARG A 571 -44.28 -17.30 39.98
N LEU A 572 -43.58 -18.42 40.13
CA LEU A 572 -43.41 -19.32 39.00
C LEU A 572 -44.37 -20.52 38.97
N ASP A 573 -45.32 -20.55 39.91
CA ASP A 573 -46.30 -21.66 40.02
C ASP A 573 -47.73 -21.11 40.09
N ASP A 574 -48.33 -20.88 38.92
CA ASP A 574 -49.78 -20.92 38.76
C ASP A 574 -50.47 -21.78 39.83
N LYS A 575 -49.87 -22.92 40.16
CA LYS A 575 -50.37 -23.78 41.24
C LYS A 575 -50.25 -23.18 42.66
N TYR A 576 -49.02 -22.84 43.05
CA TYR A 576 -48.68 -22.52 44.44
C TYR A 576 -49.55 -21.41 45.02
N ARG A 605 -45.09 -28.35 49.30
CA ARG A 605 -43.67 -28.07 49.25
C ARG A 605 -42.89 -29.28 48.74
N GLU A 606 -43.12 -29.65 47.49
CA GLU A 606 -42.44 -30.79 46.89
C GLU A 606 -41.69 -30.38 45.62
N LEU A 607 -41.12 -29.19 45.63
CA LEU A 607 -40.38 -28.67 44.48
C LEU A 607 -38.93 -28.38 44.85
N LEU A 608 -38.62 -28.50 46.13
CA LEU A 608 -37.27 -28.24 46.61
C LEU A 608 -36.23 -28.81 45.66
N PRO A 609 -36.38 -30.08 45.31
CA PRO A 609 -35.46 -30.74 44.39
C PRO A 609 -35.00 -29.82 43.26
N ILE A 610 -35.94 -29.14 42.61
CA ILE A 610 -35.66 -28.51 41.34
C ILE A 610 -35.47 -27.01 41.47
N TYR A 611 -36.15 -26.41 42.44
CA TYR A 611 -35.94 -25.00 42.72
C TYR A 611 -34.57 -24.71 43.32
N GLY A 612 -34.15 -25.53 44.27
CA GLY A 612 -32.77 -25.57 44.70
C GLY A 612 -31.89 -25.60 43.46
N GLN A 613 -32.29 -26.41 42.50
CA GLN A 613 -31.50 -26.53 41.29
C GLN A 613 -31.45 -25.22 40.50
N ILE A 614 -32.60 -24.57 40.38
CA ILE A 614 -32.74 -23.31 39.67
C ILE A 614 -31.82 -22.26 40.29
N SER A 615 -31.85 -22.18 41.62
CA SER A 615 -31.08 -21.20 42.35
C SER A 615 -29.59 -21.39 42.11
N LEU A 616 -29.14 -22.65 42.15
CA LEU A 616 -27.74 -22.99 41.90
C LEU A 616 -27.34 -22.49 40.52
N GLN A 617 -28.21 -22.70 39.55
CA GLN A 617 -28.01 -22.19 38.19
C GLN A 617 -27.99 -20.66 38.19
N PHE A 618 -28.82 -20.04 39.02
CA PHE A 618 -28.89 -18.58 39.14
C PHE A 618 -27.60 -17.96 39.69
N ALA A 619 -27.08 -18.56 40.75
CA ALA A 619 -25.78 -18.20 41.24
C ALA A 619 -24.79 -18.28 40.09
N ASP A 620 -24.72 -19.43 39.45
CA ASP A 620 -23.63 -19.76 38.55
C ASP A 620 -23.62 -18.78 37.38
N LEU A 621 -24.77 -18.18 37.11
CA LEU A 621 -24.84 -17.18 36.05
C LEU A 621 -24.02 -15.94 36.42
N HIS A 622 -23.62 -15.87 37.67
CA HIS A 622 -22.83 -14.74 38.19
C HIS A 622 -21.35 -14.96 38.00
N ASP A 623 -20.94 -16.21 37.81
CA ASP A 623 -19.57 -16.62 37.94
C ASP A 623 -18.89 -16.78 36.59
N ARG A 624 -19.45 -16.14 35.57
CA ARG A 624 -18.97 -16.33 34.20
C ARG A 624 -17.87 -15.37 33.78
N SER A 625 -17.03 -15.84 32.87
CA SER A 625 -15.94 -15.02 32.43
C SER A 625 -16.44 -13.73 31.75
N SER A 626 -17.62 -13.80 31.13
CA SER A 626 -18.29 -12.58 30.66
C SER A 626 -18.39 -11.49 31.70
N ARG A 627 -18.61 -11.88 32.95
CA ARG A 627 -18.78 -10.90 34.02
C ARG A 627 -17.44 -10.36 34.46
N MET A 628 -16.42 -11.21 34.42
CA MET A 628 -15.07 -10.78 34.69
C MET A 628 -14.67 -9.68 33.73
N VAL A 629 -14.88 -9.91 32.44
CA VAL A 629 -14.68 -8.84 31.46
C VAL A 629 -15.45 -7.57 31.82
N ALA A 630 -16.76 -7.72 32.01
CA ALA A 630 -17.62 -6.59 32.28
C ALA A 630 -17.05 -5.73 33.41
N LYS A 631 -16.50 -6.37 34.44
CA LYS A 631 -15.99 -5.66 35.59
C LYS A 631 -14.50 -5.29 35.41
N GLY A 632 -13.94 -5.59 34.24
CA GLY A 632 -12.53 -5.35 33.99
C GLY A 632 -11.62 -5.88 35.06
N VAL A 633 -11.87 -7.09 35.56
CA VAL A 633 -10.87 -7.73 36.42
C VAL A 633 -9.94 -8.66 35.67
N ILE A 634 -10.17 -8.89 34.38
CA ILE A 634 -9.26 -9.73 33.60
C ILE A 634 -8.97 -9.05 32.28
N SER A 635 -7.91 -9.44 31.60
CA SER A 635 -7.50 -8.74 30.36
C SER A 635 -8.30 -9.16 29.13
N LYS A 636 -8.53 -10.47 28.99
CA LYS A 636 -9.33 -11.03 27.93
C LYS A 636 -10.00 -12.28 28.50
N GLU A 637 -11.10 -12.72 27.88
CA GLU A 637 -11.56 -14.10 28.02
C GLU A 637 -11.08 -14.94 26.84
N LEU A 638 -10.55 -16.14 27.11
CA LEU A 638 -9.90 -16.90 26.05
C LEU A 638 -10.65 -18.16 25.69
N GLU A 639 -10.43 -18.63 24.49
CA GLU A 639 -10.75 -20.01 24.17
C GLU A 639 -9.55 -20.93 24.21
N TRP A 640 -9.60 -21.91 25.11
CA TRP A 640 -8.55 -22.90 25.24
C TRP A 640 -7.86 -23.23 23.92
N THR A 641 -8.61 -23.71 22.94
CA THR A 641 -7.98 -24.23 21.75
C THR A 641 -7.22 -23.16 20.99
N GLU A 642 -7.51 -21.90 21.25
CA GLU A 642 -6.78 -20.79 20.63
C GLU A 642 -5.69 -20.21 21.53
N ALA A 643 -5.51 -20.81 22.71
CA ALA A 643 -4.69 -20.21 23.73
C ALA A 643 -3.20 -20.14 23.37
N ARG A 644 -2.67 -21.22 22.82
CA ARG A 644 -1.28 -21.25 22.45
C ARG A 644 -0.99 -20.12 21.47
N ARG A 645 -1.81 -19.99 20.44
CA ARG A 645 -1.61 -18.94 19.47
C ARG A 645 -1.65 -17.58 20.14
N PHE A 646 -2.58 -17.40 21.07
CA PHE A 646 -2.68 -16.14 21.78
C PHE A 646 -1.48 -15.85 22.67
N PHE A 647 -1.06 -16.82 23.50
CA PHE A 647 -0.03 -16.58 24.50
C PHE A 647 1.35 -16.50 23.88
N PHE A 648 1.59 -17.28 22.84
CA PHE A 648 2.84 -17.11 22.10
C PHE A 648 3.07 -15.64 21.80
N TRP A 649 2.10 -14.99 21.14
CA TRP A 649 2.36 -13.63 20.70
C TRP A 649 2.26 -12.66 21.84
N ARG A 650 1.39 -12.92 22.80
CA ARG A 650 1.25 -11.99 23.88
C ARG A 650 2.57 -11.93 24.62
N LEU A 651 3.16 -13.10 24.86
CA LEU A 651 4.43 -13.21 25.54
C LEU A 651 5.53 -12.55 24.74
N ARG A 652 5.63 -12.93 23.48
CA ARG A 652 6.62 -12.30 22.57
C ARG A 652 6.50 -10.78 22.54
N ARG A 653 5.29 -10.27 22.46
CA ARG A 653 5.11 -8.85 22.43
C ARG A 653 5.64 -8.26 23.73
N ARG A 654 5.40 -8.96 24.83
CA ARG A 654 5.77 -8.44 26.14
C ARG A 654 7.28 -8.43 26.39
N LEU A 655 7.95 -9.55 26.13
CA LEU A 655 9.39 -9.53 26.19
C LEU A 655 9.99 -8.36 25.37
N ASN A 656 9.40 -8.04 24.23
CA ASN A 656 9.98 -6.98 23.41
C ASN A 656 9.73 -5.62 24.05
N GLU A 657 8.55 -5.44 24.64
CA GLU A 657 8.27 -4.15 25.23
C GLU A 657 9.01 -3.99 26.57
N GLU A 658 9.19 -5.10 27.30
CA GLU A 658 10.01 -5.12 28.51
C GLU A 658 11.41 -4.65 28.18
N TYR A 659 12.00 -5.26 27.16
CA TYR A 659 13.38 -4.95 26.80
C TYR A 659 13.54 -3.46 26.55
N LEU A 660 12.52 -2.87 25.95
CA LEU A 660 12.54 -1.46 25.65
C LEU A 660 12.34 -0.65 26.92
N ILE A 661 11.42 -1.11 27.77
CA ILE A 661 11.18 -0.40 29.01
C ILE A 661 12.49 -0.34 29.81
N LYS A 662 13.23 -1.45 29.86
CA LYS A 662 14.57 -1.45 30.45
C LYS A 662 15.57 -0.49 29.82
N ARG A 663 15.94 -0.71 28.56
CA ARG A 663 16.71 0.29 27.85
C ARG A 663 16.36 1.69 28.34
N LEU A 664 15.08 2.04 28.38
CA LEU A 664 14.71 3.37 28.83
C LEU A 664 15.12 3.60 30.29
N SER A 665 14.82 2.63 31.13
CA SER A 665 15.11 2.75 32.55
C SER A 665 16.52 3.23 32.80
N HIS A 666 17.45 2.90 31.92
CA HIS A 666 18.85 3.27 32.16
C HIS A 666 19.21 4.66 31.63
N GLN A 667 18.27 5.61 31.70
CA GLN A 667 18.52 7.02 31.30
C GLN A 667 19.18 7.91 32.35
N VAL A 668 18.50 8.99 32.75
CA VAL A 668 18.84 9.67 34.02
C VAL A 668 17.60 10.12 34.80
N GLY A 669 16.92 11.18 34.31
CA GLY A 669 15.68 11.70 34.93
C GLY A 669 14.49 10.74 35.00
N GLU A 670 14.62 9.66 35.78
CA GLU A 670 13.70 8.51 35.74
C GLU A 670 12.22 8.80 36.12
N ALA A 671 11.37 7.81 35.88
CA ALA A 671 9.94 8.08 35.70
C ALA A 671 9.12 6.83 35.94
N SER A 672 7.81 6.99 36.11
CA SER A 672 6.95 5.85 36.41
C SER A 672 6.93 4.86 35.25
N ARG A 673 6.66 3.61 35.56
CA ARG A 673 6.49 2.62 34.51
C ARG A 673 5.52 3.13 33.44
N LEU A 674 4.30 3.43 33.86
CA LEU A 674 3.32 4.16 33.07
C LEU A 674 3.90 5.19 32.08
N GLU A 675 4.87 6.00 32.53
CA GLU A 675 5.39 7.10 31.69
C GLU A 675 6.29 6.54 30.60
N LYS A 676 7.09 5.53 30.97
CA LYS A 676 8.05 4.92 30.04
C LYS A 676 7.36 4.11 28.92
N ILE A 677 6.65 3.06 29.32
CA ILE A 677 5.61 2.47 28.52
C ILE A 677 4.90 3.44 27.59
N ALA A 678 4.49 4.60 28.11
CA ALA A 678 3.69 5.52 27.30
C ALA A 678 4.52 6.04 26.17
N ARG A 679 5.81 6.26 26.40
CA ARG A 679 6.60 6.99 25.42
C ARG A 679 7.36 6.08 24.44
N ILE A 680 7.62 4.85 24.89
CA ILE A 680 7.95 3.78 23.97
C ILE A 680 6.84 3.63 22.93
N ARG A 681 5.61 3.42 23.40
CA ARG A 681 4.46 3.33 22.52
C ARG A 681 4.24 4.56 21.62
N SER A 682 4.79 5.70 22.00
CA SER A 682 4.63 6.87 21.18
C SER A 682 5.59 6.78 20.01
N TRP A 683 6.37 5.71 19.98
CA TRP A 683 7.35 5.55 18.92
C TRP A 683 6.81 4.68 17.80
N TYR A 684 5.90 3.77 18.14
CA TYR A 684 5.23 2.96 17.17
C TYR A 684 4.65 3.86 16.08
N PRO A 685 4.59 3.37 14.82
CA PRO A 685 3.94 4.12 13.77
C PRO A 685 2.48 4.37 14.13
N ALA A 686 1.94 5.49 13.66
CA ALA A 686 0.56 5.86 13.97
C ALA A 686 -0.42 4.73 13.61
N SER A 687 -0.15 3.99 12.55
CA SER A 687 -1.10 2.96 12.14
C SER A 687 -1.04 1.71 12.99
N VAL A 688 -0.01 1.57 13.80
CA VAL A 688 0.13 0.35 14.54
C VAL A 688 -0.90 0.33 15.67
N ASP A 689 -1.60 -0.78 15.80
CA ASP A 689 -2.62 -0.92 16.80
C ASP A 689 -1.99 -1.47 18.06
N HIS A 690 -1.91 -0.64 19.10
CA HIS A 690 -1.17 -1.02 20.31
C HIS A 690 -1.70 -2.29 20.89
N GLU A 691 -2.93 -2.59 20.57
CA GLU A 691 -3.56 -3.78 21.11
C GLU A 691 -3.20 -5.07 20.42
N ASP A 692 -2.52 -4.98 19.28
CA ASP A 692 -2.24 -6.15 18.45
C ASP A 692 -0.85 -6.76 18.72
N ASP A 693 -0.81 -7.80 19.54
CA ASP A 693 0.46 -8.40 19.92
C ASP A 693 1.39 -8.76 18.75
N ARG A 694 0.90 -9.49 17.76
CA ARG A 694 1.78 -9.84 16.63
C ARG A 694 2.34 -8.62 15.89
N GLN A 695 1.49 -7.65 15.66
CA GLN A 695 1.89 -6.51 14.89
C GLN A 695 3.01 -5.76 15.64
N VAL A 696 2.82 -5.63 16.95
CA VAL A 696 3.68 -4.80 17.76
C VAL A 696 5.03 -5.52 17.89
N ALA A 697 4.96 -6.82 18.21
CA ALA A 697 6.16 -7.61 18.30
C ALA A 697 6.97 -7.54 16.99
N THR A 698 6.32 -7.83 15.88
CA THR A 698 7.00 -7.82 14.61
C THR A 698 7.59 -6.46 14.25
N TRP A 699 6.94 -5.36 14.63
CA TRP A 699 7.49 -4.07 14.27
C TRP A 699 8.70 -3.69 15.13
N ILE A 700 8.63 -4.02 16.42
CA ILE A 700 9.76 -3.85 17.29
C ILE A 700 10.97 -4.64 16.79
N GLU A 701 10.80 -5.91 16.48
CA GLU A 701 11.93 -6.68 15.97
C GLU A 701 12.46 -6.17 14.60
N GLU A 702 11.62 -5.52 13.81
CA GLU A 702 12.08 -4.94 12.57
C GLU A 702 12.86 -3.67 12.80
N ASN A 703 12.79 -3.16 14.02
CA ASN A 703 13.30 -1.83 14.28
C ASN A 703 14.20 -1.68 15.49
N TYR A 704 14.60 -2.78 16.13
CA TYR A 704 15.49 -2.69 17.29
C TYR A 704 16.55 -1.57 17.07
N LYS A 705 17.23 -1.63 15.95
CA LYS A 705 18.32 -0.71 15.74
C LYS A 705 17.84 0.72 15.55
N THR A 706 16.67 0.92 14.96
CA THR A 706 16.08 2.25 14.89
C THR A 706 15.67 2.76 16.27
N LEU A 707 14.88 1.96 16.98
CA LEU A 707 14.62 2.18 18.41
C LEU A 707 15.88 2.54 19.17
N ASP A 708 16.96 1.85 18.86
CA ASP A 708 18.21 2.11 19.54
C ASP A 708 18.77 3.47 19.17
N ASP A 709 18.65 3.87 17.92
CA ASP A 709 19.08 5.22 17.57
C ASP A 709 18.30 6.24 18.36
N LYS A 710 17.08 5.88 18.73
CA LYS A 710 16.17 6.81 19.34
C LYS A 710 16.64 7.03 20.78
N LEU A 711 17.08 5.96 21.46
CA LEU A 711 17.63 6.04 22.80
C LEU A 711 18.94 6.86 22.86
N LYS A 712 19.97 6.43 22.12
CA LYS A 712 21.11 7.30 21.81
C LYS A 712 20.70 8.77 21.70
N GLY A 713 19.55 9.04 21.11
CA GLY A 713 19.13 10.42 20.88
C GLY A 713 18.65 11.10 22.15
N LEU A 714 18.25 10.29 23.11
CA LEU A 714 17.74 10.78 24.40
C LEU A 714 18.88 11.08 25.34
N LYS A 715 19.55 10.04 25.83
CA LYS A 715 20.89 10.14 26.43
C LYS A 715 21.62 11.49 26.23
N LEU A 716 21.60 12.03 25.02
CA LEU A 716 22.13 13.38 24.80
C LEU A 716 21.23 14.50 25.36
N GLU A 717 19.92 14.32 25.29
CA GLU A 717 18.97 15.29 25.85
C GLU A 717 18.90 15.21 27.38
N SER A 718 19.50 14.18 27.95
CA SER A 718 19.24 13.77 29.34
C SER A 718 20.43 14.02 30.30
N PHE A 719 21.35 14.91 29.93
CA PHE A 719 22.27 15.56 30.90
C PHE A 719 21.52 16.46 31.89
N ALA A 720 20.87 17.51 31.38
CA ALA A 720 19.90 18.30 32.14
C ALA A 720 18.74 17.40 32.61
N LEU B 5 28.47 -5.55 14.53
CA LEU B 5 27.85 -4.70 15.54
C LEU B 5 26.38 -5.09 15.75
N ARG B 6 25.60 -4.15 16.26
CA ARG B 6 24.18 -4.38 16.50
C ARG B 6 23.52 -3.43 17.51
N PRO B 7 22.51 -3.36 18.52
CA PRO B 7 22.15 -3.26 19.96
C PRO B 7 22.01 -4.59 20.73
N ILE B 8 22.85 -4.82 21.79
CA ILE B 8 23.57 -5.87 22.51
C ILE B 8 22.76 -7.15 22.76
N ALA B 9 21.53 -7.05 23.26
CA ALA B 9 20.96 -8.16 24.03
C ALA B 9 19.46 -8.22 23.90
N THR B 10 18.97 -8.32 22.67
CA THR B 10 17.54 -8.28 22.40
C THR B 10 16.97 -9.66 22.60
N PRO B 11 15.63 -9.76 22.78
CA PRO B 11 15.01 -11.06 23.09
C PRO B 11 14.87 -11.92 21.84
N TYR B 12 14.71 -11.27 20.69
CA TYR B 12 14.71 -11.96 19.42
C TYR B 12 15.74 -11.35 18.46
N PRO B 13 16.00 -12.02 17.34
CA PRO B 13 17.13 -11.56 16.54
C PRO B 13 16.95 -10.16 15.97
N VAL B 14 18.03 -9.41 15.94
CA VAL B 14 18.00 -8.06 15.40
C VAL B 14 17.95 -8.14 13.90
N LYS B 15 16.78 -7.93 13.32
CA LYS B 15 16.58 -8.12 11.91
C LYS B 15 17.37 -7.09 11.09
N GLU B 16 17.75 -6.00 11.73
CA GLU B 16 18.38 -4.90 10.99
C GLU B 16 19.87 -5.18 10.83
N TRP B 17 20.34 -6.20 11.56
CA TRP B 17 21.70 -6.68 11.49
C TRP B 17 21.83 -7.90 10.59
N LEU B 18 20.81 -8.76 10.60
CA LEU B 18 20.81 -9.97 9.77
C LEU B 18 20.83 -9.55 8.30
N GLN B 19 20.24 -8.40 8.03
CA GLN B 19 20.22 -7.87 6.69
C GLN B 19 20.29 -6.36 6.81
N PRO B 20 21.51 -5.79 6.74
CA PRO B 20 21.77 -4.35 6.88
C PRO B 20 20.98 -3.45 5.92
N LYS B 21 20.47 -3.98 4.81
CA LYS B 21 19.65 -3.16 3.95
C LYS B 21 18.31 -2.77 4.61
N ARG B 22 17.86 -3.57 5.56
CA ARG B 22 16.64 -3.20 6.27
C ARG B 22 16.90 -1.89 6.99
N TYR B 23 18.10 -1.76 7.55
CA TYR B 23 18.46 -0.56 8.26
C TYR B 23 18.65 0.62 7.28
N LYS B 24 19.21 0.33 6.11
CA LYS B 24 19.36 1.37 5.11
C LYS B 24 18.01 1.95 4.69
N ALA B 25 17.05 1.07 4.40
CA ALA B 25 15.70 1.53 4.12
C ALA B 25 15.23 2.43 5.23
N HIS B 26 15.34 1.95 6.46
CA HIS B 26 14.81 2.72 7.57
C HIS B 26 15.45 4.08 7.71
N LEU B 27 16.76 4.21 7.50
CA LEU B 27 17.42 5.53 7.63
C LEU B 27 16.95 6.51 6.55
N MET B 28 16.33 6.02 5.48
CA MET B 28 15.67 6.91 4.51
C MET B 28 14.18 7.05 4.79
N GLY B 29 13.73 6.42 5.87
CA GLY B 29 12.38 6.63 6.36
C GLY B 29 11.34 5.97 5.48
N THR B 30 11.62 4.75 5.03
CA THR B 30 10.65 3.99 4.27
C THR B 30 10.70 2.54 4.77
N THR B 31 9.64 1.79 4.55
CA THR B 31 9.69 0.37 4.88
C THR B 31 10.67 -0.35 3.93
N TYR B 32 11.41 -1.31 4.47
CA TYR B 32 12.22 -2.21 3.66
C TYR B 32 11.32 -3.01 2.74
N VAL B 33 11.64 -2.98 1.45
CA VAL B 33 10.85 -3.71 0.47
C VAL B 33 10.48 -5.14 0.85
N TYR B 34 11.40 -5.92 1.38
CA TYR B 34 11.05 -7.29 1.75
C TYR B 34 10.14 -7.38 2.95
N ASP B 35 9.83 -6.24 3.55
CA ASP B 35 8.87 -6.17 4.65
C ASP B 35 7.46 -5.77 4.21
N PHE B 36 7.30 -5.37 2.95
CA PHE B 36 5.97 -4.97 2.54
C PHE B 36 4.95 -6.11 2.63
N PRO B 37 5.30 -7.28 2.13
CA PRO B 37 4.32 -8.34 2.29
C PRO B 37 3.72 -8.46 3.71
N GLU B 38 4.57 -8.39 4.73
CA GLU B 38 4.08 -8.27 6.10
C GLU B 38 3.05 -7.16 6.29
N LEU B 39 3.34 -5.99 5.76
CA LEU B 39 2.37 -4.92 5.87
C LEU B 39 1.03 -5.31 5.27
N PHE B 40 1.06 -5.98 4.13
CA PHE B 40 -0.16 -6.51 3.54
C PHE B 40 -0.81 -7.53 4.43
N ARG B 41 -0.03 -8.40 5.04
CA ARG B 41 -0.64 -9.36 5.91
C ARG B 41 -1.38 -8.65 7.04
N GLN B 42 -0.77 -7.63 7.64
CA GLN B 42 -1.41 -6.92 8.74
C GLN B 42 -2.68 -6.21 8.28
N ALA B 43 -2.62 -5.53 7.14
CA ALA B 43 -3.78 -4.78 6.70
C ALA B 43 -5.00 -5.71 6.40
N SER B 44 -4.71 -6.88 5.85
CA SER B 44 -5.72 -7.89 5.57
C SER B 44 -6.34 -8.49 6.79
N SER B 45 -5.51 -8.80 7.78
CA SER B 45 -5.98 -9.26 9.08
C SER B 45 -6.86 -8.23 9.76
N SER B 46 -6.45 -6.97 9.68
CA SER B 46 -7.30 -5.86 10.11
C SER B 46 -8.65 -5.88 9.41
N GLN B 47 -8.63 -6.03 8.09
CA GLN B 47 -9.85 -5.91 7.31
C GLN B 47 -10.88 -6.89 7.89
N TRP B 48 -10.42 -8.10 8.19
CA TRP B 48 -11.26 -9.12 8.73
C TRP B 48 -11.84 -8.76 10.11
N LYS B 49 -11.00 -8.19 10.97
CA LYS B 49 -11.43 -7.74 12.31
C LYS B 49 -12.53 -6.68 12.27
N ASN B 50 -12.42 -5.72 11.36
CA ASN B 50 -13.48 -4.73 11.19
C ASN B 50 -14.73 -5.30 10.54
N PHE B 51 -14.61 -6.48 9.94
CA PHE B 51 -15.74 -7.08 9.26
C PHE B 51 -16.45 -8.01 10.20
N SER B 52 -15.72 -8.97 10.73
CA SER B 52 -16.30 -9.94 11.62
C SER B 52 -15.31 -10.18 12.73
N ALA B 53 -15.50 -9.46 13.82
CA ALA B 53 -14.74 -9.69 15.03
C ALA B 53 -14.49 -11.19 15.32
N ASP B 54 -15.48 -12.04 15.07
CA ASP B 54 -15.53 -13.37 15.72
C ASP B 54 -15.10 -14.51 14.79
N VAL B 55 -13.90 -14.36 14.23
CA VAL B 55 -13.59 -14.95 12.93
C VAL B 55 -12.11 -15.41 12.95
N LYS B 56 -11.90 -16.70 13.19
CA LYS B 56 -10.56 -17.21 13.47
C LYS B 56 -9.79 -17.44 12.16
N LEU B 57 -8.77 -16.63 11.89
CA LEU B 57 -7.91 -16.83 10.72
C LEU B 57 -6.69 -17.65 11.08
N THR B 58 -6.25 -18.51 10.18
CA THR B 58 -4.94 -19.14 10.32
C THR B 58 -4.03 -18.59 9.23
N ASP B 59 -2.76 -19.00 9.23
CA ASP B 59 -1.74 -18.28 8.48
C ASP B 59 -1.74 -18.55 6.97
N ASP B 60 -2.58 -19.48 6.54
CA ASP B 60 -2.76 -19.70 5.10
C ASP B 60 -3.90 -18.90 4.51
N PHE B 61 -4.37 -17.89 5.23
CA PHE B 61 -5.30 -16.94 4.68
C PHE B 61 -4.52 -15.92 3.86
N PHE B 62 -3.20 -15.87 4.06
CA PHE B 62 -2.36 -14.87 3.36
C PHE B 62 -1.02 -15.45 2.97
N ILE B 63 -0.75 -15.50 1.66
CA ILE B 63 0.43 -16.16 1.10
C ILE B 63 1.13 -15.17 0.21
N SER B 64 2.43 -15.04 0.36
CA SER B 64 3.18 -14.17 -0.50
C SER B 64 4.35 -14.94 -1.07
N ASN B 65 4.49 -15.00 -2.40
CA ASN B 65 5.65 -15.61 -3.05
C ASN B 65 6.36 -14.56 -3.87
N GLU B 66 7.67 -14.48 -3.73
CA GLU B 66 8.45 -13.58 -4.58
C GLU B 66 8.44 -14.09 -6.03
N LEU B 67 8.28 -13.15 -6.97
CA LEU B 67 8.55 -13.46 -8.37
C LEU B 67 9.95 -13.05 -8.78
N ILE B 68 10.68 -13.94 -9.42
CA ILE B 68 11.92 -13.59 -10.14
C ILE B 68 11.91 -14.12 -11.58
N GLU B 69 12.76 -13.54 -12.43
CA GLU B 69 13.04 -14.11 -13.75
C GLU B 69 13.88 -15.37 -13.61
N ASP B 70 13.49 -16.45 -14.29
CA ASP B 70 14.38 -17.60 -14.44
C ASP B 70 15.39 -17.40 -15.59
N GLU B 71 15.98 -18.51 -16.01
CA GLU B 71 17.03 -18.52 -17.06
C GLU B 71 16.46 -18.11 -18.44
N ASN B 72 15.33 -18.70 -18.80
CA ASN B 72 14.52 -18.23 -19.94
C ASN B 72 13.85 -16.86 -19.75
N GLY B 73 14.22 -16.12 -18.70
CA GLY B 73 13.56 -14.84 -18.40
C GLY B 73 12.05 -14.84 -18.18
N GLU B 74 11.41 -16.01 -18.09
CA GLU B 74 10.03 -16.06 -17.60
C GLU B 74 9.95 -15.88 -16.08
N LEU B 75 8.98 -15.12 -15.61
CA LEU B 75 8.67 -15.03 -14.17
C LEU B 75 8.35 -16.38 -13.49
N THR B 76 8.97 -16.62 -12.34
CA THR B 76 8.57 -17.74 -11.53
C THR B 76 8.66 -17.48 -10.03
N GLU B 77 7.95 -18.29 -9.24
CA GLU B 77 7.96 -18.16 -7.77
C GLU B 77 9.13 -18.85 -7.06
N VAL B 78 9.81 -18.11 -6.18
CA VAL B 78 10.86 -18.68 -5.34
C VAL B 78 10.68 -18.29 -3.88
N GLU B 79 11.25 -19.09 -2.98
CA GLU B 79 11.33 -18.73 -1.57
C GLU B 79 12.78 -18.59 -1.23
N ARG B 80 13.18 -17.39 -0.82
CA ARG B 80 14.59 -17.13 -0.58
C ARG B 80 14.77 -16.02 0.43
N GLU B 81 16.03 -15.61 0.64
CA GLU B 81 16.37 -14.63 1.67
C GLU B 81 16.05 -13.21 1.22
N PRO B 82 15.64 -12.37 2.17
CA PRO B 82 15.41 -11.01 1.69
C PRO B 82 16.75 -10.33 1.47
N GLY B 83 16.90 -9.66 0.34
CA GLY B 83 18.08 -8.85 0.10
C GLY B 83 19.06 -9.53 -0.84
N ALA B 84 18.60 -10.59 -1.50
CA ALA B 84 19.42 -11.31 -2.46
C ALA B 84 18.95 -10.96 -3.88
N ASN B 85 18.08 -9.94 -3.99
CA ASN B 85 17.74 -9.44 -5.29
C ASN B 85 18.98 -8.89 -5.96
N ALA B 86 19.32 -9.45 -7.11
CA ALA B 86 20.45 -8.98 -7.90
C ALA B 86 20.05 -7.77 -8.77
N ILE B 87 18.81 -7.32 -8.66
CA ILE B 87 18.28 -6.24 -9.50
C ILE B 87 17.43 -5.32 -8.61
N GLY B 88 17.22 -4.08 -9.05
CA GLY B 88 16.77 -3.02 -8.15
C GLY B 88 15.27 -3.00 -7.99
N MET B 89 14.60 -4.04 -8.43
CA MET B 89 13.14 -4.04 -8.50
C MET B 89 12.68 -5.42 -8.13
N VAL B 90 11.61 -5.52 -7.35
CA VAL B 90 11.19 -6.82 -6.82
C VAL B 90 9.70 -6.93 -6.82
N ALA B 91 9.18 -8.14 -6.78
CA ALA B 91 7.75 -8.35 -6.89
C ALA B 91 7.28 -9.57 -6.11
N PHE B 92 5.98 -9.59 -5.80
CA PHE B 92 5.40 -10.71 -5.08
C PHE B 92 4.07 -11.04 -5.67
N LYS B 93 3.69 -12.29 -5.72
CA LYS B 93 2.32 -12.62 -5.96
C LYS B 93 1.65 -12.88 -4.62
N ILE B 94 0.57 -12.17 -4.35
CA ILE B 94 -0.16 -12.35 -3.10
C ILE B 94 -1.43 -13.16 -3.36
N THR B 95 -1.83 -13.97 -2.38
CA THR B 95 -3.08 -14.66 -2.42
C THR B 95 -3.68 -14.53 -1.03
N VAL B 96 -4.75 -13.75 -0.91
CA VAL B 96 -5.39 -13.47 0.35
C VAL B 96 -6.83 -13.95 0.25
N LYS B 97 -7.30 -14.64 1.29
CA LYS B 97 -8.74 -14.73 1.54
C LYS B 97 -9.20 -13.45 2.22
N THR B 98 -10.13 -12.75 1.62
CA THR B 98 -10.62 -11.52 2.22
C THR B 98 -12.09 -11.71 2.41
N PRO B 99 -12.77 -10.79 3.11
CA PRO B 99 -14.18 -10.96 3.45
C PRO B 99 -15.05 -10.94 2.20
N GLU B 100 -14.66 -10.12 1.22
CA GLU B 100 -15.33 -10.14 -0.09
C GLU B 100 -14.91 -11.32 -0.99
N TYR B 101 -13.81 -12.01 -0.64
CA TYR B 101 -13.36 -13.23 -1.33
C TYR B 101 -12.91 -14.35 -0.39
N PRO B 102 -13.83 -14.82 0.43
CA PRO B 102 -13.56 -15.87 1.43
C PRO B 102 -12.53 -16.94 0.96
N ARG B 103 -12.57 -17.34 -0.32
CA ARG B 103 -11.74 -18.43 -0.78
C ARG B 103 -10.40 -17.99 -1.41
N GLY B 104 -10.25 -16.72 -1.76
CA GLY B 104 -8.95 -16.22 -2.18
C GLY B 104 -9.08 -15.25 -3.34
N ARG B 105 -8.27 -14.21 -3.35
CA ARG B 105 -8.10 -13.34 -4.50
C ARG B 105 -6.61 -13.03 -4.66
N GLN B 106 -6.18 -12.58 -5.84
CA GLN B 106 -4.75 -12.48 -6.12
C GLN B 106 -4.39 -11.13 -6.65
N PHE B 107 -3.19 -10.69 -6.34
CA PHE B 107 -2.66 -9.55 -7.07
C PHE B 107 -1.17 -9.59 -7.03
N VAL B 108 -0.54 -8.65 -7.73
CA VAL B 108 0.87 -8.70 -7.86
C VAL B 108 1.38 -7.43 -7.26
N VAL B 109 2.39 -7.54 -6.42
CA VAL B 109 3.04 -6.32 -5.91
C VAL B 109 4.44 -6.14 -6.50
N VAL B 110 4.63 -5.04 -7.23
CA VAL B 110 5.96 -4.75 -7.80
C VAL B 110 6.55 -3.50 -7.11
N ALA B 111 7.82 -3.56 -6.73
CA ALA B 111 8.40 -2.44 -5.95
C ALA B 111 9.83 -2.08 -6.30
N ASN B 112 10.16 -0.79 -6.30
CA ASN B 112 11.56 -0.35 -6.13
C ASN B 112 12.16 -0.89 -4.82
N ASP B 113 13.45 -1.26 -4.89
CA ASP B 113 14.22 -1.41 -3.66
C ASP B 113 15.15 -0.23 -3.53
N ILE B 114 14.83 0.68 -2.61
CA ILE B 114 15.58 1.92 -2.50
C ILE B 114 17.02 1.76 -1.97
N THR B 115 17.35 0.59 -1.46
CA THR B 115 18.72 0.33 -1.02
C THR B 115 19.57 -0.02 -2.21
N PHE B 116 18.94 -0.46 -3.29
CA PHE B 116 19.69 -0.86 -4.48
C PHE B 116 19.96 0.31 -5.42
N LYS B 117 21.17 0.84 -5.40
CA LYS B 117 21.46 2.06 -6.14
C LYS B 117 20.34 3.11 -6.09
N ILE B 118 20.05 3.56 -4.86
CA ILE B 118 19.06 4.59 -4.61
C ILE B 118 17.78 4.36 -5.40
N GLY B 119 17.45 3.08 -5.61
CA GLY B 119 16.23 2.69 -6.30
C GLY B 119 16.14 3.28 -7.71
N SER B 120 17.27 3.46 -8.37
CA SER B 120 17.26 4.02 -9.72
C SER B 120 16.64 3.01 -10.67
N PHE B 121 16.09 3.48 -11.79
CA PHE B 121 15.61 2.62 -12.87
C PHE B 121 16.70 2.40 -13.93
N GLY B 122 17.27 1.21 -13.98
CA GLY B 122 18.12 0.82 -15.11
C GLY B 122 17.35 -0.11 -16.03
N PRO B 123 18.00 -0.58 -17.11
CA PRO B 123 17.35 -1.43 -18.07
C PRO B 123 16.83 -2.74 -17.48
N GLN B 124 17.55 -3.35 -16.54
CA GLN B 124 17.06 -4.62 -16.02
C GLN B 124 15.86 -4.47 -15.10
N GLU B 125 15.85 -3.40 -14.32
CA GLU B 125 14.65 -2.99 -13.61
C GLU B 125 13.47 -2.77 -14.55
N ASP B 126 13.67 -2.02 -15.63
CA ASP B 126 12.58 -1.72 -16.58
C ASP B 126 12.04 -2.97 -17.26
N GLU B 127 12.93 -3.84 -17.70
CA GLU B 127 12.46 -5.05 -18.31
C GLU B 127 11.71 -5.93 -17.31
N PHE B 128 12.09 -5.87 -16.05
CA PHE B 128 11.43 -6.68 -15.04
C PHE B 128 10.07 -6.13 -14.64
N PHE B 129 10.03 -4.83 -14.37
CA PHE B 129 8.76 -4.12 -14.19
C PHE B 129 7.81 -4.43 -15.32
N ASN B 130 8.32 -4.44 -16.55
CA ASN B 130 7.48 -4.72 -17.69
C ASN B 130 6.97 -6.16 -17.72
N LYS B 131 7.87 -7.11 -17.50
CA LYS B 131 7.47 -8.50 -17.40
C LYS B 131 6.36 -8.70 -16.35
N VAL B 132 6.53 -8.06 -15.19
CA VAL B 132 5.59 -8.20 -14.12
C VAL B 132 4.23 -7.61 -14.47
N THR B 133 4.20 -6.44 -15.08
CA THR B 133 2.96 -5.87 -15.55
C THR B 133 2.25 -6.80 -16.53
N GLU B 134 2.95 -7.27 -17.54
CA GLU B 134 2.40 -8.24 -18.44
C GLU B 134 1.89 -9.53 -17.73
N TYR B 135 2.60 -9.96 -16.69
CA TYR B 135 2.19 -11.15 -15.96
C TYR B 135 0.81 -10.95 -15.35
N ALA B 136 0.59 -9.76 -14.79
CA ALA B 136 -0.69 -9.42 -14.17
C ALA B 136 -1.83 -9.26 -15.18
N ARG B 137 -1.55 -8.55 -16.28
CA ARG B 137 -2.54 -8.35 -17.32
C ARG B 137 -2.96 -9.64 -17.95
N LYS B 138 -2.02 -10.55 -18.19
CA LYS B 138 -2.41 -11.82 -18.78
C LYS B 138 -3.34 -12.59 -17.83
N ARG B 139 -3.16 -12.45 -16.51
CA ARG B 139 -4.02 -13.16 -15.56
C ARG B 139 -5.25 -12.37 -15.12
N GLY B 140 -5.31 -11.09 -15.48
CA GLY B 140 -6.48 -10.31 -15.17
C GLY B 140 -6.43 -9.66 -13.79
N ILE B 141 -5.24 -9.57 -13.23
CA ILE B 141 -5.09 -9.53 -11.79
C ILE B 141 -4.55 -8.17 -11.40
N PRO B 142 -5.02 -7.58 -10.27
CA PRO B 142 -4.57 -6.19 -10.06
C PRO B 142 -3.07 -6.06 -9.92
N ARG B 143 -2.49 -5.00 -10.48
CA ARG B 143 -1.08 -4.70 -10.26
C ARG B 143 -0.93 -3.56 -9.27
N ILE B 144 -0.14 -3.76 -8.21
CA ILE B 144 0.09 -2.71 -7.20
C ILE B 144 1.54 -2.32 -7.27
N TYR B 145 1.82 -1.02 -7.33
CA TYR B 145 3.21 -0.56 -7.37
C TYR B 145 3.60 0.26 -6.13
N LEU B 146 4.67 -0.15 -5.46
CA LEU B 146 5.25 0.67 -4.39
C LEU B 146 6.44 1.53 -4.88
N ALA B 147 6.18 2.81 -5.11
CA ALA B 147 7.22 3.68 -5.69
C ALA B 147 8.12 4.21 -4.61
N ALA B 148 9.42 4.00 -4.80
CA ALA B 148 10.42 4.47 -3.87
C ALA B 148 11.75 4.60 -4.63
N ASN B 149 11.98 5.70 -5.34
CA ASN B 149 13.00 5.65 -6.38
C ASN B 149 13.69 6.97 -6.69
N SER B 150 14.75 6.93 -7.50
CA SER B 150 15.45 8.14 -7.90
C SER B 150 15.28 8.43 -9.37
N GLY B 151 14.38 7.73 -10.02
CA GLY B 151 14.29 7.77 -11.46
C GLY B 151 15.38 7.09 -12.27
N ALA B 152 15.51 7.47 -13.53
CA ALA B 152 16.48 6.83 -14.42
C ALA B 152 17.87 6.85 -13.82
N ARG B 153 18.52 5.70 -13.89
CA ARG B 153 19.94 5.58 -13.62
C ARG B 153 20.78 6.47 -14.56
N ILE B 154 21.90 6.99 -14.05
CA ILE B 154 22.74 7.87 -14.83
C ILE B 154 24.17 7.49 -14.58
N GLY B 155 25.00 7.55 -15.61
CA GLY B 155 26.34 7.00 -15.49
C GLY B 155 27.27 7.51 -16.55
N MET B 156 28.52 7.07 -16.46
CA MET B 156 29.55 7.45 -17.38
C MET B 156 30.58 6.33 -17.47
N ALA B 157 31.40 6.39 -18.51
CA ALA B 157 32.35 5.34 -18.78
C ALA B 157 33.55 5.41 -17.85
N GLU B 158 33.35 5.02 -16.59
CA GLU B 158 34.38 5.10 -15.55
C GLU B 158 35.75 4.57 -15.99
N GLU B 159 35.75 3.49 -16.78
CA GLU B 159 36.97 2.93 -17.36
C GLU B 159 37.77 3.90 -18.22
N ILE B 160 37.11 4.88 -18.81
CA ILE B 160 37.81 5.78 -19.72
C ILE B 160 38.29 7.05 -19.03
N VAL B 161 37.93 7.20 -17.76
CA VAL B 161 38.42 8.34 -16.98
C VAL B 161 39.93 8.31 -16.81
N PRO B 162 40.46 7.35 -16.03
CA PRO B 162 41.87 7.37 -15.68
C PRO B 162 42.79 7.69 -16.87
N LEU B 163 42.41 7.17 -18.04
CA LEU B 163 43.41 6.87 -19.05
C LEU B 163 43.19 7.55 -20.38
N PHE B 164 42.22 8.47 -20.43
CA PHE B 164 42.20 9.41 -21.54
C PHE B 164 43.30 10.46 -21.46
N GLN B 165 43.58 11.07 -22.61
CA GLN B 165 44.60 12.08 -22.74
C GLN B 165 43.95 13.32 -23.34
N VAL B 166 44.64 14.46 -23.32
CA VAL B 166 44.17 15.67 -23.98
C VAL B 166 45.20 16.15 -24.96
N ALA B 167 44.71 16.75 -26.05
CA ALA B 167 45.58 17.32 -27.08
C ALA B 167 45.49 18.84 -27.06
N TRP B 168 46.46 19.46 -26.38
CA TRP B 168 46.40 20.90 -26.12
C TRP B 168 46.84 21.61 -27.37
N ASN B 169 46.38 22.84 -27.55
CA ASN B 169 46.93 23.71 -28.59
C ASN B 169 48.17 24.46 -28.11
N ASP B 170 48.54 24.22 -26.85
CA ASP B 170 49.90 24.42 -26.37
C ASP B 170 50.04 23.76 -25.01
N ALA B 171 51.06 22.91 -24.86
CA ALA B 171 51.18 22.10 -23.64
C ALA B 171 51.45 22.98 -22.42
N ALA B 172 52.47 23.83 -22.53
CA ALA B 172 52.76 24.89 -21.55
C ALA B 172 51.65 25.96 -21.46
N ASN B 173 51.34 26.38 -20.22
CA ASN B 173 50.09 27.12 -19.90
C ASN B 173 48.76 26.55 -20.45
N PRO B 174 48.63 25.21 -20.40
CA PRO B 174 47.58 24.54 -21.15
C PRO B 174 46.23 25.14 -20.83
N ASP B 175 45.91 26.26 -21.47
CA ASP B 175 44.69 26.98 -21.13
C ASP B 175 44.12 27.69 -22.35
N LYS B 176 45.01 28.33 -23.10
CA LYS B 176 44.72 28.80 -24.45
C LYS B 176 43.78 27.84 -25.21
N GLY B 177 43.62 26.62 -24.69
CA GLY B 177 42.56 25.71 -25.13
C GLY B 177 42.94 24.23 -25.18
N PHE B 178 42.16 23.45 -25.94
CA PHE B 178 42.40 22.03 -26.20
C PHE B 178 41.57 21.58 -27.41
N GLN B 179 42.06 20.58 -28.16
CA GLN B 179 41.52 20.26 -29.51
C GLN B 179 40.65 18.98 -29.65
N TYR B 180 41.03 17.89 -28.96
CA TYR B 180 40.19 16.70 -28.81
C TYR B 180 40.72 15.88 -27.64
N LEU B 181 40.04 14.79 -27.29
CA LEU B 181 40.60 13.85 -26.33
C LEU B 181 40.90 12.49 -26.95
N TYR B 182 42.03 11.90 -26.58
CA TYR B 182 42.45 10.65 -27.19
C TYR B 182 42.94 9.58 -26.22
N LEU B 183 43.50 8.51 -26.80
CA LEU B 183 43.96 7.37 -26.04
C LEU B 183 45.30 6.93 -26.61
N THR B 184 46.26 6.59 -25.75
CA THR B 184 47.58 6.22 -26.26
C THR B 184 47.61 4.75 -26.62
N SER B 185 48.49 4.40 -27.55
CA SER B 185 48.86 3.00 -27.77
C SER B 185 48.62 2.19 -26.50
N GLU B 186 49.14 2.68 -25.37
CA GLU B 186 49.08 1.95 -24.10
C GLU B 186 47.67 1.92 -23.52
N GLY B 187 46.99 3.05 -23.58
CA GLY B 187 45.56 3.11 -23.31
C GLY B 187 44.76 2.11 -24.11
N MET B 188 44.86 2.19 -25.45
CA MET B 188 44.17 1.23 -26.31
C MET B 188 44.22 -0.17 -25.72
N GLU B 189 45.44 -0.68 -25.57
CA GLU B 189 45.67 -2.08 -25.18
C GLU B 189 45.14 -2.43 -23.79
N THR B 190 45.16 -1.46 -22.88
CA THR B 190 44.62 -1.66 -21.54
C THR B 190 43.15 -2.06 -21.66
N LEU B 191 42.46 -1.44 -22.63
CA LEU B 191 41.06 -1.74 -22.86
C LEU B 191 40.92 -3.15 -23.42
N LYS B 192 41.76 -3.46 -24.40
CA LYS B 192 41.83 -4.80 -24.94
C LYS B 192 42.06 -5.86 -23.87
N LYS B 193 42.68 -5.47 -22.76
CA LYS B 193 43.13 -6.44 -21.78
C LYS B 193 41.98 -6.97 -20.92
N PHE B 194 41.08 -6.09 -20.52
CA PHE B 194 39.87 -6.52 -19.82
C PHE B 194 38.68 -6.66 -20.78
N ASP B 195 38.97 -6.97 -22.04
CA ASP B 195 37.94 -7.09 -23.06
C ASP B 195 36.95 -5.93 -22.98
N LYS B 196 37.25 -4.84 -23.68
CA LYS B 196 36.48 -3.62 -23.60
C LYS B 196 36.81 -2.71 -24.75
N GLU B 197 37.40 -3.26 -25.80
CA GLU B 197 37.96 -2.43 -26.87
C GLU B 197 36.87 -1.58 -27.52
N ASN B 198 35.63 -2.02 -27.37
CA ASN B 198 34.49 -1.25 -27.85
C ASN B 198 33.82 -0.46 -26.71
N SER B 199 34.61 0.33 -26.01
CA SER B 199 34.07 1.28 -25.03
C SER B 199 34.18 2.66 -25.62
N VAL B 200 35.08 2.80 -26.58
CA VAL B 200 35.14 4.00 -27.37
C VAL B 200 35.13 3.60 -28.84
N LEU B 201 34.67 4.51 -29.69
CA LEU B 201 34.91 4.38 -31.11
C LEU B 201 35.92 5.43 -31.44
N THR B 202 37.04 5.01 -32.03
CA THR B 202 38.23 5.85 -32.10
C THR B 202 38.70 5.93 -33.53
N GLU B 203 39.58 6.87 -33.82
CA GLU B 203 40.16 6.98 -35.15
C GLU B 203 41.68 7.09 -35.04
N ARG B 204 42.39 6.18 -35.70
CA ARG B 204 43.84 6.20 -35.70
C ARG B 204 44.34 7.48 -36.38
N THR B 205 45.19 8.22 -35.67
CA THR B 205 45.89 9.38 -36.24
C THR B 205 47.33 9.46 -35.72
N VAL B 206 48.29 9.57 -36.63
CA VAL B 206 49.67 9.49 -36.19
C VAL B 206 50.32 10.87 -36.23
N ILE B 207 50.80 11.30 -35.07
CA ILE B 207 51.26 12.67 -34.91
C ILE B 207 52.69 12.77 -34.39
N ASN B 208 53.60 13.12 -35.30
CA ASN B 208 54.92 13.60 -34.92
C ASN B 208 55.61 12.70 -33.92
N GLY B 209 55.41 11.38 -34.10
CA GLY B 209 55.85 10.39 -33.11
C GLY B 209 54.74 9.42 -32.74
N GLU B 210 53.93 9.74 -31.73
CA GLU B 210 53.04 8.71 -31.17
C GLU B 210 51.63 8.62 -31.77
N GLU B 211 51.20 7.41 -32.11
CA GLU B 211 49.78 7.18 -32.38
C GLU B 211 48.98 7.97 -31.34
N ARG B 212 48.07 8.80 -31.81
CA ARG B 212 46.94 9.25 -31.00
C ARG B 212 45.67 8.55 -31.51
N PHE B 213 44.87 8.01 -30.59
CA PHE B 213 43.58 7.42 -30.96
C PHE B 213 42.45 8.32 -30.50
N VAL B 214 41.98 9.18 -31.42
CA VAL B 214 41.07 10.27 -31.04
C VAL B 214 39.65 9.78 -30.75
N ILE B 215 39.23 9.91 -29.51
CA ILE B 215 37.93 9.47 -29.11
C ILE B 215 36.87 10.26 -29.84
N LYS B 216 35.94 9.54 -30.45
CA LYS B 216 34.99 10.15 -31.36
C LYS B 216 33.63 9.82 -30.81
N THR B 217 33.55 8.77 -30.00
CA THR B 217 32.40 8.57 -29.14
C THR B 217 32.75 7.71 -27.95
N ILE B 218 32.21 8.05 -26.79
CA ILE B 218 32.41 7.22 -25.62
C ILE B 218 31.18 6.39 -25.39
N ILE B 219 31.31 5.07 -25.52
CA ILE B 219 30.19 4.19 -25.38
C ILE B 219 30.12 3.58 -24.00
N GLY B 220 31.21 2.97 -23.57
CA GLY B 220 31.30 2.44 -22.21
C GLY B 220 30.80 1.03 -22.08
N SER B 221 31.37 0.29 -21.13
CA SER B 221 31.16 -1.15 -21.04
C SER B 221 30.02 -1.45 -20.11
N GLU B 222 29.87 -0.66 -19.05
CA GLU B 222 28.78 -0.88 -18.10
C GLU B 222 27.44 -0.53 -18.75
N ASP B 223 26.37 -1.25 -18.36
CA ASP B 223 25.05 -1.02 -18.95
C ASP B 223 24.12 -0.21 -18.04
N GLY B 224 23.45 0.79 -18.60
CA GLY B 224 22.61 1.67 -17.82
C GLY B 224 23.20 3.06 -17.61
N LEU B 225 23.85 3.58 -18.65
CA LEU B 225 24.45 4.91 -18.62
C LEU B 225 23.49 6.00 -19.11
N GLY B 226 23.14 5.94 -20.39
CA GLY B 226 22.32 7.01 -20.97
C GLY B 226 21.08 6.47 -21.65
N VAL B 227 21.07 6.56 -22.98
CA VAL B 227 19.85 6.35 -23.74
C VAL B 227 19.19 5.01 -23.49
N GLU B 228 19.95 3.99 -23.11
CA GLU B 228 19.33 2.70 -22.88
C GLU B 228 18.44 2.69 -21.65
N CYS B 229 18.62 3.68 -20.76
CA CYS B 229 17.68 3.88 -19.67
C CYS B 229 16.42 4.62 -20.09
N LEU B 230 16.57 5.48 -21.09
CA LEU B 230 15.43 6.18 -21.64
C LEU B 230 14.47 5.25 -22.35
N ARG B 231 14.97 4.44 -23.27
CA ARG B 231 14.22 3.32 -23.85
C ARG B 231 13.52 2.48 -22.79
N GLY B 232 14.26 2.06 -21.77
CA GLY B 232 13.66 1.31 -20.72
C GLY B 232 12.47 2.03 -20.17
N SER B 233 12.63 3.33 -19.94
CA SER B 233 11.59 4.08 -19.26
C SER B 233 10.36 4.15 -20.14
N GLY B 234 10.59 4.47 -21.40
CA GLY B 234 9.54 4.47 -22.38
C GLY B 234 8.73 3.19 -22.31
N LEU B 235 9.43 2.07 -22.27
CA LEU B 235 8.75 0.79 -22.35
C LEU B 235 7.77 0.59 -21.21
N ILE B 236 8.14 1.01 -20.00
CA ILE B 236 7.23 0.84 -18.89
C ILE B 236 6.27 1.99 -18.76
N ALA B 237 6.58 3.09 -19.46
CA ALA B 237 5.59 4.17 -19.58
C ALA B 237 4.35 3.69 -20.35
N GLY B 238 4.56 3.17 -21.55
CA GLY B 238 3.49 2.58 -22.37
C GLY B 238 2.86 1.39 -21.68
N ALA B 239 3.67 0.59 -20.98
CA ALA B 239 3.18 -0.64 -20.41
C ALA B 239 2.14 -0.32 -19.36
N THR B 240 2.44 0.69 -18.53
CA THR B 240 1.51 1.08 -17.50
C THR B 240 0.25 1.72 -18.08
N SER B 241 0.45 2.56 -19.10
CA SER B 241 -0.68 3.21 -19.71
C SER B 241 -1.65 2.12 -20.19
N ARG B 242 -1.14 1.13 -20.92
CA ARG B 242 -1.97 0.01 -21.33
C ARG B 242 -2.60 -0.63 -20.11
N ALA B 243 -1.81 -0.86 -19.06
CA ALA B 243 -2.31 -1.64 -17.97
C ALA B 243 -3.52 -0.95 -17.31
N TYR B 244 -3.50 0.38 -17.26
CA TYR B 244 -4.61 1.10 -16.64
C TYR B 244 -5.97 0.80 -17.28
N HIS B 245 -5.99 0.67 -18.61
CA HIS B 245 -7.19 0.29 -19.33
C HIS B 245 -7.57 -1.17 -19.19
N ASP B 246 -6.79 -1.95 -18.45
CA ASP B 246 -6.86 -3.38 -18.55
C ASP B 246 -7.05 -4.04 -17.18
N ILE B 247 -6.45 -3.48 -16.14
CA ILE B 247 -6.49 -4.12 -14.86
C ILE B 247 -6.48 -3.02 -13.81
N PHE B 248 -6.85 -3.37 -12.59
CA PHE B 248 -6.82 -2.39 -11.51
C PHE B 248 -5.36 -2.02 -11.24
N THR B 249 -5.02 -0.75 -11.42
CA THR B 249 -3.68 -0.33 -11.09
C THR B 249 -3.74 0.72 -10.02
N ILE B 250 -2.82 0.64 -9.07
CA ILE B 250 -2.74 1.62 -7.99
C ILE B 250 -1.29 1.66 -7.53
N THR B 251 -0.87 2.80 -7.04
CA THR B 251 0.52 2.93 -6.68
C THR B 251 0.64 3.65 -5.33
N LEU B 252 1.47 3.12 -4.44
CA LEU B 252 1.77 3.81 -3.20
C LEU B 252 3.17 4.48 -3.27
N VAL B 253 3.25 5.79 -3.00
CA VAL B 253 4.52 6.51 -3.09
C VAL B 253 5.14 6.53 -1.71
N THR B 254 6.18 5.76 -1.50
CA THR B 254 6.58 5.47 -0.12
C THR B 254 7.93 5.99 0.30
N CYS B 255 8.53 6.88 -0.46
CA CYS B 255 9.84 7.42 -0.10
C CYS B 255 10.48 8.21 -1.23
N ARG B 256 9.65 8.89 -2.02
CA ARG B 256 10.13 9.72 -3.12
C ARG B 256 10.09 8.97 -4.44
N SER B 257 9.41 9.57 -5.42
CA SER B 257 9.31 9.01 -6.75
C SER B 257 9.69 10.09 -7.72
N VAL B 258 10.68 9.80 -8.54
CA VAL B 258 11.30 10.87 -9.32
C VAL B 258 11.26 10.51 -10.79
N GLY B 259 11.02 11.48 -11.64
CA GLY B 259 11.26 11.24 -13.06
C GLY B 259 10.31 10.20 -13.58
N ILE B 260 10.85 9.17 -14.23
CA ILE B 260 9.99 8.12 -14.73
C ILE B 260 9.13 7.60 -13.60
N GLY B 261 9.68 7.60 -12.38
CA GLY B 261 8.91 7.32 -11.17
C GLY B 261 7.67 8.17 -10.95
N ALA B 262 7.79 9.48 -11.19
CA ALA B 262 6.63 10.39 -11.09
C ALA B 262 5.55 10.04 -12.10
N TYR B 263 5.94 9.87 -13.36
CA TYR B 263 4.99 9.52 -14.39
C TYR B 263 4.31 8.18 -14.21
N LEU B 264 5.01 7.19 -13.66
CA LEU B 264 4.38 5.91 -13.37
C LEU B 264 3.21 6.08 -12.41
N VAL B 265 3.42 6.91 -11.40
CA VAL B 265 2.37 7.20 -10.45
C VAL B 265 1.14 7.72 -11.23
N ARG B 266 1.37 8.67 -12.13
CA ARG B 266 0.24 9.25 -12.84
C ARG B 266 -0.38 8.26 -13.85
N LEU B 267 0.46 7.57 -14.63
CA LEU B 267 -0.08 6.68 -15.69
C LEU B 267 -0.90 5.53 -15.09
N GLY B 268 -0.57 5.12 -13.88
CA GLY B 268 -1.34 4.05 -13.23
C GLY B 268 -2.63 4.62 -12.66
N GLN B 269 -2.78 5.95 -12.80
CA GLN B 269 -3.88 6.73 -12.27
C GLN B 269 -4.15 6.72 -10.76
N ARG B 270 -4.63 5.62 -10.21
CA ARG B 270 -4.95 5.60 -8.80
C ARG B 270 -3.66 5.69 -7.92
N ALA B 271 -3.52 6.76 -7.17
CA ALA B 271 -2.29 7.02 -6.39
C ALA B 271 -2.55 7.37 -4.93
N ILE B 272 -1.80 6.72 -4.03
CA ILE B 272 -1.75 7.12 -2.62
C ILE B 272 -0.34 7.60 -2.21
N GLN B 273 -0.29 8.73 -1.49
CA GLN B 273 0.99 9.42 -1.20
C GLN B 273 1.27 9.54 0.31
N VAL B 274 2.35 8.93 0.77
CA VAL B 274 2.59 8.99 2.19
C VAL B 274 3.04 10.42 2.52
N GLU B 275 2.72 10.91 3.70
CA GLU B 275 3.02 12.31 4.00
C GLU B 275 4.52 12.61 3.99
N GLY B 276 4.91 13.74 3.42
CA GLY B 276 6.32 14.11 3.36
C GLY B 276 7.19 13.18 2.49
N GLN B 277 6.57 12.55 1.49
CA GLN B 277 7.32 11.85 0.46
C GLN B 277 6.94 12.45 -0.87
N PRO B 278 7.89 13.13 -1.51
CA PRO B 278 7.58 13.94 -2.69
C PRO B 278 7.43 13.11 -3.96
N ILE B 279 6.52 13.53 -4.83
CA ILE B 279 6.51 13.09 -6.24
C ILE B 279 7.09 14.20 -7.11
N ILE B 280 8.30 14.01 -7.63
CA ILE B 280 8.96 15.09 -8.36
C ILE B 280 9.50 14.73 -9.73
N LEU B 281 9.63 15.73 -10.58
CA LEU B 281 10.24 15.54 -11.87
C LEU B 281 11.74 15.71 -11.75
N THR B 282 12.18 16.91 -11.41
CA THR B 282 13.56 17.14 -10.98
C THR B 282 13.55 17.50 -9.49
N GLY B 283 14.73 17.54 -8.87
CA GLY B 283 14.87 17.98 -7.51
C GLY B 283 15.24 19.44 -7.40
N ALA B 284 14.93 20.03 -6.24
CA ALA B 284 15.19 21.45 -6.03
C ALA B 284 16.64 21.82 -6.34
N PRO B 285 17.60 21.14 -5.70
CA PRO B 285 18.97 21.58 -5.94
C PRO B 285 19.28 21.74 -7.43
N ALA B 286 18.76 20.82 -8.24
CA ALA B 286 18.95 20.86 -9.69
C ALA B 286 18.20 22.01 -10.34
N ILE B 287 16.93 22.16 -10.00
CA ILE B 287 16.19 23.32 -10.49
C ILE B 287 16.86 24.64 -10.12
N ASN B 288 17.39 24.73 -8.89
CA ASN B 288 18.05 25.96 -8.46
C ASN B 288 19.22 26.30 -9.37
N LYS B 289 20.13 25.33 -9.52
CA LYS B 289 21.32 25.49 -10.37
C LYS B 289 20.93 26.03 -11.74
N MET B 290 19.78 25.56 -12.22
CA MET B 290 19.25 25.91 -13.52
C MET B 290 18.58 27.29 -13.50
N LEU B 291 18.04 27.68 -12.35
CA LEU B 291 17.37 28.96 -12.26
C LEU B 291 18.35 30.11 -12.02
N GLY B 292 19.49 29.81 -11.42
CA GLY B 292 20.53 30.82 -11.23
C GLY B 292 20.62 31.36 -9.82
N ARG B 293 19.62 31.05 -9.00
CA ARG B 293 19.71 31.30 -7.57
C ARG B 293 19.05 30.19 -6.78
N GLU B 294 18.97 30.36 -5.46
CA GLU B 294 18.31 29.35 -4.62
C GLU B 294 16.84 29.68 -4.34
N VAL B 295 15.93 29.09 -5.12
CA VAL B 295 14.51 29.41 -5.06
C VAL B 295 13.71 28.47 -4.15
N TYR B 296 14.01 27.18 -4.21
CA TYR B 296 13.29 26.22 -3.41
C TYR B 296 14.22 25.58 -2.41
N THR B 297 13.75 25.29 -1.20
CA THR B 297 14.62 24.75 -0.16
C THR B 297 14.28 23.31 0.19
N SER B 298 13.33 22.74 -0.56
CA SER B 298 12.78 21.44 -0.22
C SER B 298 12.10 20.79 -1.43
N ASN B 299 12.29 19.49 -1.60
CA ASN B 299 11.51 18.80 -2.60
C ASN B 299 10.02 18.75 -2.28
N LEU B 300 9.65 19.06 -1.04
CA LEU B 300 8.24 19.09 -0.69
C LEU B 300 7.51 20.29 -1.32
N GLN B 301 8.27 21.32 -1.68
CA GLN B 301 7.67 22.47 -2.34
C GLN B 301 7.37 22.17 -3.79
N LEU B 302 8.00 21.14 -4.34
CA LEU B 302 7.71 20.75 -5.70
C LEU B 302 6.69 19.63 -5.70
N GLY B 303 6.86 18.65 -4.83
CA GLY B 303 6.06 17.43 -4.99
C GLY B 303 5.38 16.87 -3.76
N GLY B 304 5.35 17.64 -2.67
CA GLY B 304 4.72 17.19 -1.44
C GLY B 304 3.21 17.18 -1.57
N THR B 305 2.51 16.72 -0.54
CA THR B 305 1.09 16.52 -0.65
C THR B 305 0.35 17.83 -0.90
N GLN B 306 0.85 18.95 -0.40
CA GLN B 306 0.19 20.25 -0.69
C GLN B 306 0.15 20.56 -2.15
N ILE B 307 0.98 19.90 -2.94
CA ILE B 307 0.93 20.08 -4.38
C ILE B 307 0.06 19.01 -5.02
N MET B 308 0.29 17.74 -4.67
CA MET B 308 -0.22 16.61 -5.44
C MET B 308 -1.59 16.14 -4.95
N TYR B 309 -1.86 16.36 -3.66
CA TYR B 309 -3.16 16.04 -3.11
C TYR B 309 -4.11 17.11 -3.55
N ASN B 310 -3.64 18.34 -3.65
CA ASN B 310 -4.48 19.43 -4.15
C ASN B 310 -4.67 19.41 -5.65
N ASN B 311 -3.83 18.66 -6.36
CA ASN B 311 -3.71 18.61 -7.83
C ASN B 311 -4.73 17.68 -8.37
N GLY B 312 -5.04 16.68 -7.54
CA GLY B 312 -5.68 15.46 -8.03
C GLY B 312 -4.74 14.37 -8.52
N VAL B 313 -3.43 14.59 -8.43
CA VAL B 313 -2.51 13.53 -8.79
C VAL B 313 -2.55 12.44 -7.73
N SER B 314 -2.64 12.86 -6.47
CA SER B 314 -2.72 11.91 -5.39
C SER B 314 -4.17 11.73 -4.98
N HIS B 315 -4.75 10.57 -5.25
CA HIS B 315 -6.13 10.36 -4.83
C HIS B 315 -6.30 10.46 -3.34
N LEU B 316 -5.34 9.93 -2.58
CA LEU B 316 -5.45 9.92 -1.11
C LEU B 316 -4.11 10.28 -0.54
N THR B 317 -4.09 10.43 0.78
CA THR B 317 -2.92 10.76 1.54
C THR B 317 -2.87 9.75 2.70
N ALA B 318 -1.66 9.43 3.16
CA ALA B 318 -1.45 8.43 4.21
C ALA B 318 -0.37 8.88 5.20
N VAL B 319 -0.57 8.61 6.49
CA VAL B 319 0.37 9.11 7.49
C VAL B 319 1.63 8.24 7.58
N ASP B 320 1.52 6.98 7.15
CA ASP B 320 2.69 6.13 7.06
C ASP B 320 2.44 4.94 6.11
N ASP B 321 3.45 4.10 5.94
CA ASP B 321 3.40 3.10 4.90
C ASP B 321 2.27 2.15 5.19
N LEU B 322 2.11 1.78 6.45
CA LEU B 322 1.09 0.82 6.78
C LEU B 322 -0.27 1.40 6.44
N ALA B 323 -0.45 2.68 6.70
CA ALA B 323 -1.72 3.35 6.41
C ALA B 323 -1.96 3.38 4.92
N GLY B 324 -0.94 3.71 4.15
CA GLY B 324 -0.93 3.39 2.72
C GLY B 324 -1.46 2.01 2.37
N VAL B 325 -0.90 0.97 2.94
CA VAL B 325 -1.26 -0.38 2.53
C VAL B 325 -2.69 -0.68 2.92
N GLU B 326 -3.08 -0.23 4.11
CA GLU B 326 -4.46 -0.40 4.57
C GLU B 326 -5.42 0.19 3.57
N LYS B 327 -5.13 1.41 3.11
CA LYS B 327 -5.98 2.03 2.11
C LYS B 327 -6.03 1.28 0.77
N ILE B 328 -4.89 0.75 0.30
CA ILE B 328 -4.89 -0.03 -0.91
C ILE B 328 -5.79 -1.25 -0.69
N VAL B 329 -5.57 -1.96 0.39
CA VAL B 329 -6.42 -3.08 0.65
C VAL B 329 -7.88 -2.67 0.69
N GLU B 330 -8.17 -1.54 1.32
CA GLU B 330 -9.54 -1.10 1.42
C GLU B 330 -10.13 -0.73 0.07
N TRP B 331 -9.36 -0.01 -0.73
CA TRP B 331 -9.77 0.34 -2.07
C TRP B 331 -10.04 -0.91 -2.91
N MET B 332 -9.22 -1.94 -2.68
CA MET B 332 -9.39 -3.18 -3.44
C MET B 332 -10.65 -3.95 -3.13
N SER B 333 -11.22 -3.74 -1.95
CA SER B 333 -12.36 -4.59 -1.57
C SER B 333 -13.59 -4.26 -2.38
N TYR B 334 -13.54 -3.16 -3.12
CA TYR B 334 -14.62 -2.77 -3.99
C TYR B 334 -14.46 -3.34 -5.38
N VAL B 335 -13.35 -3.99 -5.65
CA VAL B 335 -12.95 -4.29 -7.03
C VAL B 335 -13.01 -5.80 -7.29
N PRO B 336 -13.42 -6.19 -8.50
CA PRO B 336 -13.56 -7.61 -8.80
C PRO B 336 -12.22 -8.31 -8.60
N ALA B 337 -12.24 -9.60 -8.30
CA ALA B 337 -11.01 -10.32 -8.06
C ALA B 337 -10.06 -10.33 -9.26
N LYS B 338 -10.59 -10.61 -10.46
CA LYS B 338 -9.85 -10.34 -11.69
C LYS B 338 -10.72 -9.77 -12.79
N ARG B 339 -10.09 -9.21 -13.80
CA ARG B 339 -10.81 -8.54 -14.90
C ARG B 339 -11.96 -9.41 -15.37
N ASN B 340 -13.18 -8.85 -15.32
CA ASN B 340 -14.38 -9.44 -15.92
C ASN B 340 -15.19 -10.41 -15.06
N MET B 341 -14.81 -10.54 -13.79
CA MET B 341 -15.65 -11.24 -12.83
C MET B 341 -16.73 -10.32 -12.31
N PRO B 342 -17.80 -10.90 -11.76
CA PRO B 342 -18.84 -10.06 -11.18
C PRO B 342 -18.30 -9.20 -10.03
N VAL B 343 -18.73 -7.96 -9.94
CA VAL B 343 -18.37 -7.07 -8.83
C VAL B 343 -18.62 -7.79 -7.52
N PRO B 344 -17.81 -7.50 -6.48
CA PRO B 344 -17.79 -8.33 -5.26
C PRO B 344 -18.81 -7.91 -4.23
N ILE B 345 -19.90 -8.66 -4.14
CA ILE B 345 -20.91 -8.44 -3.09
C ILE B 345 -20.28 -8.55 -1.71
N LEU B 346 -20.76 -7.72 -0.79
CA LEU B 346 -20.41 -7.84 0.62
C LEU B 346 -21.52 -7.29 1.52
N GLU B 347 -22.49 -8.13 1.89
CA GLU B 347 -23.50 -7.71 2.88
C GLU B 347 -22.91 -7.47 4.25
N THR B 348 -23.28 -6.34 4.85
CA THR B 348 -22.92 -6.00 6.24
C THR B 348 -24.19 -5.97 7.08
N LYS B 349 -24.13 -5.44 8.29
CA LYS B 349 -25.34 -5.43 9.12
C LYS B 349 -26.47 -4.61 8.51
N ASP B 350 -26.14 -3.74 7.54
CA ASP B 350 -27.08 -2.78 6.95
C ASP B 350 -27.76 -3.29 5.68
N THR B 351 -28.93 -3.92 5.79
CA THR B 351 -29.57 -4.56 4.65
C THR B 351 -30.32 -3.54 3.79
N TRP B 352 -30.82 -3.99 2.65
CA TRP B 352 -31.39 -3.09 1.66
C TRP B 352 -32.69 -2.49 2.15
N ASP B 353 -33.42 -3.24 2.99
CA ASP B 353 -34.83 -2.95 3.27
C ASP B 353 -35.00 -2.07 4.49
N ARG B 354 -34.64 -0.80 4.37
CA ARG B 354 -35.00 0.24 5.33
C ARG B 354 -35.32 1.52 4.52
N PRO B 355 -35.94 2.52 5.16
CA PRO B 355 -36.02 3.87 4.61
C PRO B 355 -34.64 4.53 4.54
N VAL B 356 -34.48 5.54 3.70
CA VAL B 356 -33.39 6.51 3.86
C VAL B 356 -33.88 7.55 4.87
N ASP B 357 -33.09 7.82 5.91
CA ASP B 357 -33.51 8.75 6.95
C ASP B 357 -33.12 10.17 6.62
N PHE B 358 -31.83 10.43 6.46
CA PHE B 358 -31.44 11.81 6.31
C PHE B 358 -32.01 12.35 5.02
N THR B 359 -33.09 13.12 5.11
CA THR B 359 -33.51 13.96 4.00
C THR B 359 -32.83 15.35 4.07
N PRO B 360 -32.69 16.05 2.93
CA PRO B 360 -32.32 17.48 3.06
C PRO B 360 -33.52 18.44 2.90
N THR B 361 -33.35 19.70 3.31
CA THR B 361 -34.35 20.74 3.04
C THR B 361 -33.72 21.97 2.41
N ASN B 362 -34.54 22.87 1.88
CA ASN B 362 -34.01 24.07 1.22
C ASN B 362 -33.49 25.08 2.23
N ASP B 363 -34.28 25.36 3.27
CA ASP B 363 -33.81 26.08 4.45
C ASP B 363 -32.33 25.78 4.73
N GLU B 364 -32.08 24.62 5.35
CA GLU B 364 -30.78 24.30 5.95
C GLU B 364 -29.76 23.99 4.88
N THR B 365 -28.49 24.17 5.22
CA THR B 365 -27.42 23.70 4.35
C THR B 365 -26.98 22.33 4.86
N TYR B 366 -26.52 21.49 3.95
CA TYR B 366 -26.12 20.13 4.31
C TYR B 366 -24.84 19.77 3.60
N ASP B 367 -24.41 18.52 3.84
CA ASP B 367 -23.20 17.96 3.26
C ASP B 367 -23.60 16.67 2.54
N VAL B 368 -23.37 16.59 1.24
CA VAL B 368 -23.83 15.43 0.47
C VAL B 368 -23.41 14.15 1.17
N ARG B 369 -22.25 14.17 1.81
CA ARG B 369 -21.73 12.96 2.43
C ARG B 369 -22.79 12.32 3.32
N TRP B 370 -23.60 13.17 3.95
CA TRP B 370 -24.68 12.73 4.80
C TRP B 370 -25.74 11.95 4.02
N MET B 371 -26.07 12.43 2.81
CA MET B 371 -27.02 11.75 1.94
C MET B 371 -26.45 10.42 1.48
N ILE B 372 -25.13 10.38 1.31
CA ILE B 372 -24.49 9.21 0.77
C ILE B 372 -24.44 8.07 1.79
N GLU B 373 -24.07 8.39 3.02
CA GLU B 373 -23.53 7.37 3.92
C GLU B 373 -24.11 7.52 5.30
N GLY B 374 -24.79 8.62 5.51
CA GLY B 374 -25.47 8.84 6.76
C GLY B 374 -24.76 9.81 7.66
N ARG B 375 -25.19 9.87 8.91
CA ARG B 375 -24.93 11.01 9.74
C ARG B 375 -25.09 10.60 11.19
N GLU B 376 -24.02 10.75 11.97
CA GLU B 376 -24.12 10.68 13.40
C GLU B 376 -24.98 11.84 13.95
N THR B 377 -25.84 11.56 14.92
CA THR B 377 -26.72 12.58 15.50
C THR B 377 -26.96 12.32 16.97
N GLU B 378 -27.18 13.37 17.74
CA GLU B 378 -27.34 13.21 19.19
C GLU B 378 -28.50 12.29 19.55
N SER B 379 -29.37 12.00 18.58
CA SER B 379 -30.61 11.26 18.83
C SER B 379 -30.58 9.86 18.23
N GLY B 380 -29.82 9.68 17.17
CA GLY B 380 -29.53 8.36 16.64
C GLY B 380 -28.52 8.48 15.53
N PHE B 381 -28.22 7.37 14.86
CA PHE B 381 -27.62 7.46 13.55
C PHE B 381 -28.70 7.61 12.49
N GLU B 382 -28.52 8.58 11.59
CA GLU B 382 -29.47 8.80 10.51
C GLU B 382 -28.93 8.20 9.23
N TYR B 383 -29.58 7.15 8.73
CA TYR B 383 -28.96 6.34 7.68
C TYR B 383 -29.08 7.05 6.36
N GLY B 384 -28.06 6.90 5.53
CA GLY B 384 -28.09 7.50 4.20
C GLY B 384 -28.56 6.55 3.12
N LEU B 385 -28.23 6.86 1.88
CA LEU B 385 -28.72 6.07 0.77
C LEU B 385 -27.97 4.74 0.68
N PHE B 386 -26.67 4.80 0.98
CA PHE B 386 -25.79 3.65 0.87
C PHE B 386 -25.42 3.04 2.21
N ASP B 387 -24.89 1.83 2.22
CA ASP B 387 -24.59 1.10 3.46
C ASP B 387 -23.80 1.94 4.49
N LYS B 388 -24.20 1.84 5.76
CA LYS B 388 -23.39 2.40 6.85
C LYS B 388 -21.91 2.01 6.79
N GLY B 389 -21.03 3.01 6.86
CA GLY B 389 -19.60 2.77 6.96
C GLY B 389 -18.95 2.43 5.64
N SER B 390 -19.65 2.63 4.55
CA SER B 390 -19.21 2.01 3.34
C SER B 390 -18.70 3.00 2.29
N PHE B 391 -18.78 4.28 2.60
CA PHE B 391 -18.33 5.26 1.64
C PHE B 391 -16.83 5.47 1.75
N PHE B 392 -16.12 5.13 0.69
CA PHE B 392 -14.68 5.37 0.58
C PHE B 392 -14.40 6.56 -0.39
N GLU B 393 -14.35 7.77 0.16
CA GLU B 393 -14.10 8.96 -0.67
C GLU B 393 -12.68 8.95 -1.18
N THR B 394 -12.49 9.36 -2.43
CA THR B 394 -11.17 9.54 -2.99
C THR B 394 -11.15 10.86 -3.78
N LEU B 395 -9.94 11.32 -4.12
CA LEU B 395 -9.71 12.64 -4.68
C LEU B 395 -10.21 13.79 -3.77
N SER B 396 -10.20 13.55 -2.46
CA SER B 396 -10.86 14.44 -1.53
C SER B 396 -10.19 15.80 -1.41
N GLY B 397 -8.92 15.89 -1.80
CA GLY B 397 -8.12 17.09 -1.65
C GLY B 397 -8.21 18.02 -2.84
N TRP B 398 -8.90 17.60 -3.90
CA TRP B 398 -8.88 18.34 -5.17
C TRP B 398 -10.28 18.59 -5.64
N ALA B 399 -10.52 19.81 -6.18
CA ALA B 399 -11.75 20.20 -6.84
C ALA B 399 -12.96 19.71 -6.06
N LYS B 400 -13.17 20.35 -4.91
CA LYS B 400 -13.99 19.77 -3.87
C LYS B 400 -15.46 20.10 -4.07
N GLY B 401 -15.77 20.75 -5.19
CA GLY B 401 -17.14 21.00 -5.59
C GLY B 401 -17.87 19.72 -5.88
N VAL B 402 -17.15 18.70 -6.33
CA VAL B 402 -17.74 17.41 -6.59
C VAL B 402 -17.17 16.38 -5.60
N VAL B 403 -17.98 15.39 -5.21
CA VAL B 403 -17.51 14.40 -4.26
C VAL B 403 -17.52 13.03 -4.87
N VAL B 404 -16.44 12.28 -4.70
CA VAL B 404 -16.22 11.02 -5.43
C VAL B 404 -15.83 9.84 -4.49
N GLY B 405 -16.37 8.66 -4.70
CA GLY B 405 -15.99 7.56 -3.85
C GLY B 405 -16.63 6.27 -4.27
N ARG B 406 -16.16 5.16 -3.69
CA ARG B 406 -16.84 3.86 -3.79
C ARG B 406 -17.80 3.75 -2.63
N ALA B 407 -18.90 3.03 -2.82
CA ALA B 407 -19.75 2.65 -1.71
C ALA B 407 -20.40 1.32 -2.00
N ARG B 408 -21.25 0.89 -1.08
CA ARG B 408 -22.05 -0.29 -1.31
C ARG B 408 -23.55 -0.01 -1.12
N LEU B 409 -24.38 -0.71 -1.89
CA LEU B 409 -25.83 -0.57 -1.80
C LEU B 409 -26.45 -1.94 -1.58
N GLY B 410 -26.66 -2.34 -0.35
CA GLY B 410 -27.08 -3.70 -0.08
C GLY B 410 -25.90 -4.64 -0.15
N GLY B 411 -24.71 -4.05 -0.18
CA GLY B 411 -23.49 -4.84 -0.31
C GLY B 411 -22.92 -4.83 -1.72
N ILE B 412 -23.70 -4.35 -2.68
CA ILE B 412 -23.16 -4.23 -4.02
C ILE B 412 -22.24 -3.02 -4.15
N PRO B 413 -21.00 -3.21 -4.60
CA PRO B 413 -20.10 -2.05 -4.65
C PRO B 413 -20.43 -1.22 -5.87
N LEU B 414 -20.31 0.10 -5.78
CA LEU B 414 -20.42 0.99 -6.97
C LEU B 414 -19.69 2.29 -6.78
N GLY B 415 -19.46 3.00 -7.87
CA GLY B 415 -18.89 4.35 -7.81
C GLY B 415 -19.98 5.37 -7.51
N VAL B 416 -19.65 6.42 -6.76
CA VAL B 416 -20.65 7.43 -6.44
C VAL B 416 -20.10 8.81 -6.72
N ILE B 417 -20.89 9.66 -7.39
CA ILE B 417 -20.51 11.05 -7.60
C ILE B 417 -21.60 11.94 -7.06
N GLY B 418 -21.25 12.85 -6.18
CA GLY B 418 -22.22 13.73 -5.55
C GLY B 418 -21.72 15.14 -5.70
N VAL B 419 -22.61 16.11 -5.50
CA VAL B 419 -22.27 17.50 -5.73
C VAL B 419 -22.22 18.24 -4.39
N GLU B 420 -21.12 18.93 -4.15
CA GLU B 420 -20.98 19.68 -2.93
C GLU B 420 -21.77 20.98 -3.05
N THR B 421 -22.76 21.17 -2.17
CA THR B 421 -23.57 22.38 -2.18
C THR B 421 -23.00 23.57 -1.42
N ARG B 422 -22.16 23.33 -0.43
CA ARG B 422 -21.46 24.42 0.24
C ARG B 422 -20.39 25.05 -0.64
N THR B 423 -20.14 26.33 -0.46
CA THR B 423 -19.09 27.00 -1.23
C THR B 423 -17.74 26.43 -0.87
N VAL B 424 -16.84 26.31 -1.83
CA VAL B 424 -15.48 25.95 -1.51
C VAL B 424 -14.52 27.14 -1.61
N GLU B 425 -13.69 27.31 -0.60
CA GLU B 425 -12.61 28.29 -0.66
C GLU B 425 -11.35 27.59 -1.15
N ASN B 426 -10.85 27.98 -2.31
CA ASN B 426 -9.75 27.24 -2.90
C ASN B 426 -8.47 28.05 -2.84
N LEU B 427 -7.51 27.55 -2.06
CA LEU B 427 -6.37 28.42 -1.71
C LEU B 427 -5.17 28.11 -2.55
N ILE B 428 -4.75 29.09 -3.34
CA ILE B 428 -3.71 28.85 -4.32
C ILE B 428 -2.41 29.46 -3.80
N PRO B 429 -1.42 28.59 -3.53
CA PRO B 429 -0.13 29.04 -2.96
C PRO B 429 0.62 29.99 -3.90
N ALA B 430 1.40 30.91 -3.34
CA ALA B 430 2.29 31.76 -4.16
C ALA B 430 3.45 30.97 -4.82
N ASP B 431 3.91 31.47 -5.97
CA ASP B 431 4.99 30.85 -6.74
C ASP B 431 6.36 31.48 -6.40
N PRO B 432 7.21 30.70 -5.72
CA PRO B 432 8.48 31.22 -5.19
C PRO B 432 9.44 31.72 -6.26
N ALA B 433 9.24 31.28 -7.50
CA ALA B 433 10.11 31.69 -8.60
C ALA B 433 9.87 33.15 -8.95
N ASN B 434 8.66 33.61 -8.68
CA ASN B 434 8.20 34.92 -9.16
C ASN B 434 8.08 35.96 -8.03
N PRO B 435 8.92 37.01 -8.08
CA PRO B 435 8.89 38.11 -7.10
C PRO B 435 7.45 38.55 -6.74
N ASN B 436 6.68 38.96 -7.75
CA ASN B 436 5.40 39.65 -7.55
C ASN B 436 4.21 38.69 -7.32
N SER B 437 4.50 37.54 -6.74
CA SER B 437 3.55 36.44 -6.62
C SER B 437 2.68 36.58 -5.37
N ALA B 438 1.38 36.27 -5.52
CA ALA B 438 0.43 36.41 -4.42
C ALA B 438 -0.16 35.04 -4.08
N GLU B 439 -0.40 34.81 -2.79
CA GLU B 439 -1.49 33.91 -2.41
C GLU B 439 -2.77 34.33 -3.12
N THR B 440 -3.58 33.38 -3.52
CA THR B 440 -4.84 33.68 -4.17
C THR B 440 -5.99 32.80 -3.69
N LEU B 441 -6.97 33.44 -3.06
CA LEU B 441 -8.20 32.76 -2.66
C LEU B 441 -9.20 32.76 -3.80
N ILE B 442 -9.76 31.61 -4.07
CA ILE B 442 -10.72 31.48 -5.14
C ILE B 442 -11.99 30.79 -4.64
N GLN B 443 -13.11 31.48 -4.82
CA GLN B 443 -14.42 30.98 -4.45
C GLN B 443 -15.05 30.05 -5.50
N GLU B 444 -15.40 28.84 -5.09
CA GLU B 444 -16.10 27.95 -6.01
C GLU B 444 -17.52 27.70 -5.52
N PRO B 445 -18.49 28.44 -6.07
CA PRO B 445 -19.90 28.29 -5.66
C PRO B 445 -20.38 26.85 -5.78
N GLY B 446 -21.22 26.40 -4.85
CA GLY B 446 -21.76 25.04 -4.89
C GLY B 446 -22.59 24.80 -6.14
N GLN B 447 -22.70 23.53 -6.54
CA GLN B 447 -23.53 23.16 -7.68
C GLN B 447 -23.21 23.87 -8.98
N VAL B 448 -21.95 24.25 -9.17
CA VAL B 448 -21.53 24.72 -10.46
C VAL B 448 -20.33 23.92 -10.91
N TRP B 449 -20.28 23.55 -12.18
CA TRP B 449 -19.05 22.98 -12.74
C TRP B 449 -18.00 24.05 -13.01
N HIS B 450 -16.77 23.78 -12.57
CA HIS B 450 -15.60 24.53 -13.00
C HIS B 450 -14.62 23.62 -13.75
N PRO B 451 -13.70 24.23 -14.50
CA PRO B 451 -12.65 23.40 -15.08
C PRO B 451 -12.21 22.27 -14.17
N ASN B 452 -11.74 22.56 -12.96
CA ASN B 452 -11.37 21.48 -12.07
C ASN B 452 -12.46 20.46 -11.71
N SER B 453 -13.67 20.88 -11.34
CA SER B 453 -14.67 19.85 -10.98
C SER B 453 -15.21 19.03 -12.17
N ALA B 454 -15.22 19.64 -13.36
CA ALA B 454 -15.51 18.94 -14.61
C ALA B 454 -14.42 17.90 -14.87
N PHE B 455 -13.18 18.35 -14.90
CA PHE B 455 -12.10 17.40 -14.96
C PHE B 455 -12.29 16.22 -13.98
N LYS B 456 -12.66 16.49 -12.74
CA LYS B 456 -12.59 15.49 -11.70
C LYS B 456 -13.72 14.50 -11.92
N THR B 457 -14.83 14.98 -12.44
CA THR B 457 -15.95 14.11 -12.68
C THR B 457 -15.54 13.14 -13.76
N ALA B 458 -14.88 13.64 -14.80
CA ALA B 458 -14.49 12.75 -15.89
C ALA B 458 -13.50 11.73 -15.36
N GLN B 459 -12.57 12.23 -14.54
CA GLN B 459 -11.53 11.39 -13.98
C GLN B 459 -12.18 10.23 -13.26
N ALA B 460 -13.21 10.56 -12.49
CA ALA B 460 -13.84 9.60 -11.62
C ALA B 460 -14.59 8.58 -12.45
N ILE B 461 -15.38 9.06 -13.40
CA ILE B 461 -16.07 8.14 -14.28
C ILE B 461 -15.08 7.16 -14.90
N ASN B 462 -13.99 7.68 -15.50
CA ASN B 462 -12.95 6.82 -16.09
C ASN B 462 -12.37 5.76 -15.13
N ASP B 463 -12.17 6.12 -13.85
CA ASP B 463 -11.51 5.22 -12.89
C ASP B 463 -12.48 4.17 -12.30
N PHE B 464 -13.78 4.45 -12.34
CA PHE B 464 -14.77 3.45 -11.99
C PHE B 464 -14.83 2.39 -13.09
N ASN B 465 -14.61 2.84 -14.33
CA ASN B 465 -14.87 2.05 -15.52
C ASN B 465 -13.70 1.14 -15.83
N ASN B 466 -12.53 1.73 -16.10
CA ASN B 466 -11.29 1.03 -16.39
C ASN B 466 -10.77 0.32 -15.17
N GLY B 467 -10.56 -0.99 -15.29
CA GLY B 467 -9.92 -1.70 -14.21
C GLY B 467 -10.85 -2.02 -13.08
N GLU B 468 -11.45 -1.01 -12.46
CA GLU B 468 -12.42 -1.24 -11.38
C GLU B 468 -13.71 -1.87 -11.92
N GLN B 469 -14.08 -1.52 -13.15
CA GLN B 469 -15.23 -2.16 -13.79
C GLN B 469 -16.48 -2.12 -12.91
N LEU B 470 -16.68 -0.99 -12.22
CA LEU B 470 -17.82 -0.82 -11.31
C LEU B 470 -18.98 -0.17 -12.04
N PRO B 471 -20.23 -0.50 -11.64
CA PRO B 471 -21.39 0.31 -12.02
C PRO B 471 -21.21 1.64 -11.34
N MET B 472 -22.09 2.60 -11.61
CA MET B 472 -21.89 3.95 -11.08
C MET B 472 -23.21 4.63 -10.78
N MET B 473 -23.28 5.41 -9.70
CA MET B 473 -24.40 6.37 -9.50
C MET B 473 -23.97 7.84 -9.41
N ILE B 474 -24.55 8.67 -10.27
CA ILE B 474 -24.34 10.12 -10.20
C ILE B 474 -25.57 10.79 -9.62
N LEU B 475 -25.43 11.31 -8.41
CA LEU B 475 -26.46 12.11 -7.78
C LEU B 475 -26.52 13.51 -8.38
N ALA B 476 -27.08 13.62 -9.57
CA ALA B 476 -26.85 14.79 -10.41
C ALA B 476 -27.51 16.02 -9.78
N ASN B 477 -26.73 17.09 -9.60
CA ASN B 477 -27.30 18.26 -8.93
C ASN B 477 -26.59 19.57 -9.26
N TRP B 478 -26.49 19.88 -10.55
CA TRP B 478 -25.63 20.97 -10.98
C TRP B 478 -26.45 22.04 -11.64
N ARG B 479 -26.24 23.28 -11.26
CA ARG B 479 -27.03 24.38 -11.82
C ARG B 479 -26.57 24.79 -13.23
N GLY B 480 -25.29 24.61 -13.53
CA GLY B 480 -24.75 25.01 -14.82
C GLY B 480 -23.24 24.84 -14.90
N PHE B 481 -22.63 25.31 -15.96
CA PHE B 481 -21.18 25.43 -15.95
C PHE B 481 -20.87 26.89 -15.66
N SER B 482 -19.70 27.14 -15.11
CA SER B 482 -19.30 28.50 -14.80
C SER B 482 -18.82 29.10 -16.08
N GLY B 483 -19.51 30.11 -16.57
CA GLY B 483 -19.34 30.48 -17.94
C GLY B 483 -18.79 31.87 -18.06
N GLY B 484 -18.06 32.31 -17.04
CA GLY B 484 -17.46 33.64 -17.10
C GLY B 484 -16.04 33.60 -17.61
N GLN B 485 -15.41 34.76 -17.75
CA GLN B 485 -14.23 34.81 -18.54
C GLN B 485 -13.09 33.96 -18.02
N ARG B 486 -12.88 33.97 -16.71
CA ARG B 486 -11.75 33.26 -16.15
C ARG B 486 -11.89 31.79 -16.37
N ASP B 487 -13.10 31.28 -16.19
CA ASP B 487 -13.31 29.86 -16.36
C ASP B 487 -13.42 29.40 -17.83
N MET B 488 -13.85 30.29 -18.73
CA MET B 488 -13.76 30.05 -20.17
C MET B 488 -12.33 30.00 -20.65
N PHE B 489 -11.61 31.11 -20.57
CA PHE B 489 -10.18 31.05 -20.73
C PHE B 489 -9.57 29.76 -20.19
N ASN B 490 -9.85 29.41 -18.94
CA ASN B 490 -9.24 28.21 -18.38
C ASN B 490 -9.88 26.95 -18.84
N GLU B 491 -10.57 27.01 -19.98
CA GLU B 491 -10.88 25.84 -20.82
C GLU B 491 -11.95 24.91 -20.28
N VAL B 492 -13.10 25.42 -19.90
CA VAL B 492 -14.07 24.56 -19.28
C VAL B 492 -14.89 23.70 -20.27
N LEU B 493 -15.13 24.24 -21.46
CA LEU B 493 -15.51 23.45 -22.63
C LEU B 493 -14.70 22.16 -22.77
N LYS B 494 -13.40 22.22 -22.61
CA LYS B 494 -12.63 21.01 -22.71
C LYS B 494 -13.04 20.01 -21.61
N TYR B 495 -12.92 20.39 -20.35
CA TYR B 495 -13.04 19.39 -19.32
C TYR B 495 -14.50 18.96 -19.20
N GLY B 496 -15.39 19.81 -19.69
CA GLY B 496 -16.81 19.44 -19.74
C GLY B 496 -17.01 18.30 -20.74
N SER B 497 -16.37 18.44 -21.89
CA SER B 497 -16.38 17.41 -22.91
C SER B 497 -15.82 16.08 -22.43
N PHE B 498 -14.79 16.09 -21.63
CA PHE B 498 -14.23 14.84 -21.19
C PHE B 498 -15.34 14.03 -20.50
N ILE B 499 -16.26 14.72 -19.84
CA ILE B 499 -17.31 13.99 -19.14
C ILE B 499 -18.12 13.20 -20.16
N VAL B 500 -18.41 13.84 -21.30
CA VAL B 500 -19.23 13.20 -22.30
C VAL B 500 -18.46 12.00 -22.83
N ASP B 501 -17.16 12.20 -23.05
CA ASP B 501 -16.33 11.16 -23.60
C ASP B 501 -16.25 10.00 -22.64
N ALA B 502 -16.14 10.28 -21.36
CA ALA B 502 -16.10 9.22 -20.37
C ALA B 502 -17.37 8.40 -20.37
N LEU B 503 -18.53 9.03 -20.51
CA LEU B 503 -19.82 8.32 -20.43
C LEU B 503 -20.07 7.44 -21.64
N VAL B 504 -19.60 7.89 -22.78
CA VAL B 504 -19.65 7.08 -23.98
C VAL B 504 -18.96 5.74 -23.76
N ASP B 505 -17.89 5.77 -23.01
CA ASP B 505 -16.99 4.63 -22.91
C ASP B 505 -17.41 3.62 -21.87
N TYR B 506 -18.48 3.92 -21.16
CA TYR B 506 -18.72 3.27 -19.89
C TYR B 506 -19.35 1.90 -20.17
N LYS B 507 -18.92 0.86 -19.46
CA LYS B 507 -19.33 -0.51 -19.83
C LYS B 507 -20.16 -1.20 -18.74
N GLN B 508 -20.46 -0.50 -17.66
CA GLN B 508 -21.37 -1.06 -16.66
C GLN B 508 -22.60 -0.15 -16.40
N PRO B 509 -23.63 -0.67 -15.72
CA PRO B 509 -24.86 0.11 -15.53
C PRO B 509 -24.59 1.46 -14.84
N ILE B 510 -25.19 2.53 -15.35
CA ILE B 510 -25.13 3.80 -14.69
C ILE B 510 -26.51 4.20 -14.20
N ILE B 511 -26.59 4.76 -13.01
CA ILE B 511 -27.79 5.41 -12.57
C ILE B 511 -27.56 6.91 -12.30
N ILE B 512 -28.26 7.77 -13.04
CA ILE B 512 -28.31 9.19 -12.74
C ILE B 512 -29.59 9.47 -11.96
N TYR B 513 -29.49 10.23 -10.87
CA TYR B 513 -30.63 10.49 -9.99
C TYR B 513 -30.60 11.92 -9.45
N ILE B 514 -31.53 12.77 -9.88
CA ILE B 514 -31.60 14.11 -9.31
C ILE B 514 -32.28 13.99 -7.97
N PRO B 515 -31.51 14.26 -6.90
CA PRO B 515 -31.98 14.05 -5.53
C PRO B 515 -33.02 15.09 -5.09
N PRO B 516 -33.57 14.91 -3.89
CA PRO B 516 -34.67 15.69 -3.33
C PRO B 516 -34.57 17.20 -3.51
N THR B 517 -33.52 17.85 -3.06
CA THR B 517 -33.61 19.31 -3.23
C THR B 517 -32.87 19.79 -4.47
N GLY B 518 -32.61 18.84 -5.38
CA GLY B 518 -31.60 19.02 -6.42
C GLY B 518 -32.18 19.64 -7.67
N GLU B 519 -31.32 19.88 -8.66
CA GLU B 519 -31.78 20.27 -9.97
C GLU B 519 -30.77 20.00 -11.09
N LEU B 520 -31.28 19.89 -12.31
CA LEU B 520 -30.46 20.02 -13.49
C LEU B 520 -31.04 21.11 -14.36
N ARG B 521 -30.19 21.96 -14.91
CA ARG B 521 -30.67 23.03 -15.80
C ARG B 521 -29.88 23.01 -17.09
N GLY B 522 -30.44 23.57 -18.16
CA GLY B 522 -29.67 23.82 -19.37
C GLY B 522 -28.52 22.85 -19.52
N GLY B 523 -27.31 23.41 -19.62
CA GLY B 523 -26.09 22.64 -19.85
C GLY B 523 -25.76 21.52 -18.89
N SER B 524 -26.21 21.60 -17.64
CA SER B 524 -25.87 20.56 -16.70
C SER B 524 -26.48 19.26 -17.16
N TRP B 525 -27.80 19.23 -17.27
CA TRP B 525 -28.51 18.04 -17.71
C TRP B 525 -27.75 17.40 -18.86
N VAL B 526 -27.40 18.24 -19.83
CA VAL B 526 -26.97 17.78 -21.11
C VAL B 526 -25.79 16.83 -21.03
N VAL B 527 -24.81 17.08 -20.18
CA VAL B 527 -23.71 16.13 -20.08
C VAL B 527 -23.98 14.89 -19.21
N VAL B 528 -25.20 14.68 -18.78
CA VAL B 528 -25.52 13.41 -18.14
C VAL B 528 -26.69 12.70 -18.74
N ASP B 529 -27.26 13.21 -19.83
CA ASP B 529 -28.44 12.56 -20.39
C ASP B 529 -28.15 11.11 -20.81
N PRO B 530 -29.14 10.21 -20.66
CA PRO B 530 -28.88 8.78 -20.82
C PRO B 530 -28.76 8.51 -22.30
N THR B 531 -29.04 9.56 -23.05
CA THR B 531 -29.04 9.48 -24.49
C THR B 531 -27.58 9.38 -24.97
N ILE B 532 -26.67 9.78 -24.09
CA ILE B 532 -25.26 9.76 -24.40
C ILE B 532 -24.77 8.32 -24.51
N ASN B 533 -25.32 7.43 -23.68
CA ASN B 533 -24.97 6.01 -23.69
C ASN B 533 -26.18 5.16 -23.25
N ALA B 534 -27.06 4.83 -24.18
CA ALA B 534 -28.36 4.28 -23.84
C ALA B 534 -28.29 2.81 -23.40
N ASP B 535 -27.30 2.09 -23.89
CA ASP B 535 -27.08 0.74 -23.42
C ASP B 535 -26.94 0.74 -21.91
N GLN B 536 -26.23 1.72 -21.39
CA GLN B 536 -25.81 1.66 -20.00
C GLN B 536 -26.61 2.60 -19.08
N MET B 537 -27.02 3.77 -19.56
CA MET B 537 -27.45 4.83 -18.66
C MET B 537 -28.95 4.89 -18.43
N GLU B 538 -29.35 5.28 -17.22
CA GLU B 538 -30.75 5.49 -16.88
C GLU B 538 -30.90 6.74 -16.03
N MET B 539 -31.96 7.51 -16.26
CA MET B 539 -32.23 8.69 -15.42
C MET B 539 -33.50 8.62 -14.55
N TYR B 540 -33.34 9.06 -13.30
CA TYR B 540 -34.42 9.14 -12.33
C TYR B 540 -34.42 10.52 -11.68
N ALA B 541 -35.59 11.04 -11.40
CA ALA B 541 -35.71 12.36 -10.76
C ALA B 541 -36.55 12.17 -9.51
N ASP B 542 -36.13 12.76 -8.41
CA ASP B 542 -36.94 12.72 -7.21
C ASP B 542 -38.21 13.50 -7.44
N VAL B 543 -39.28 13.05 -6.82
CA VAL B 543 -40.55 13.77 -6.86
C VAL B 543 -40.40 15.23 -6.37
N ASN B 544 -39.37 15.50 -5.56
CA ASN B 544 -39.11 16.87 -5.10
C ASN B 544 -37.92 17.51 -5.81
N ALA B 545 -37.41 16.83 -6.83
CA ALA B 545 -36.39 17.38 -7.68
C ALA B 545 -36.99 18.45 -8.58
N ARG B 546 -36.13 19.08 -9.38
CA ARG B 546 -36.61 19.96 -10.44
C ARG B 546 -35.63 20.09 -11.61
N ALA B 547 -36.13 20.38 -12.81
CA ALA B 547 -35.24 20.48 -13.98
C ALA B 547 -35.87 21.18 -15.17
N GLY B 548 -35.07 21.88 -15.96
CA GLY B 548 -35.58 22.60 -17.14
C GLY B 548 -34.42 23.38 -17.73
N VAL B 549 -34.66 24.13 -18.80
CA VAL B 549 -33.53 24.73 -19.51
C VAL B 549 -32.97 25.91 -18.71
N LEU B 550 -33.89 26.68 -18.13
CA LEU B 550 -33.57 27.85 -17.31
C LEU B 550 -34.20 27.70 -15.93
N GLU B 551 -33.62 28.34 -14.92
CA GLU B 551 -34.29 28.54 -13.61
C GLU B 551 -35.51 29.44 -13.81
N PRO B 552 -36.56 29.26 -12.98
CA PRO B 552 -37.72 30.14 -12.98
C PRO B 552 -37.42 31.63 -13.14
N GLN B 553 -36.44 32.14 -12.39
CA GLN B 553 -36.10 33.57 -12.47
C GLN B 553 -35.64 34.02 -13.87
N GLY B 554 -34.69 33.29 -14.46
CA GLY B 554 -34.32 33.50 -15.86
C GLY B 554 -35.44 33.30 -16.88
N MET B 555 -36.30 32.32 -16.61
CA MET B 555 -37.41 31.99 -17.51
C MET B 555 -38.41 33.14 -17.65
N VAL B 556 -38.87 33.62 -16.50
CA VAL B 556 -39.69 34.83 -16.43
C VAL B 556 -39.04 35.91 -17.26
N GLY B 557 -37.76 36.17 -17.00
CA GLY B 557 -36.98 37.15 -17.76
C GLY B 557 -37.38 37.25 -19.23
N ILE B 558 -37.51 36.10 -19.88
CA ILE B 558 -37.58 36.06 -21.33
C ILE B 558 -38.98 35.79 -21.85
N LYS B 559 -39.72 34.90 -21.18
CA LYS B 559 -41.05 34.47 -21.67
C LYS B 559 -42.30 35.07 -20.96
N PHE B 560 -42.10 35.79 -19.85
CA PHE B 560 -43.22 36.29 -19.03
C PHE B 560 -42.97 37.70 -18.47
N ARG B 561 -42.84 38.68 -19.35
CA ARG B 561 -42.25 39.96 -18.98
C ARG B 561 -43.27 41.11 -18.93
N ARG B 562 -43.08 41.99 -17.95
CA ARG B 562 -44.00 43.10 -17.61
C ARG B 562 -45.23 43.33 -18.51
N GLU B 563 -45.04 43.37 -19.83
CA GLU B 563 -46.16 43.57 -20.76
C GLU B 563 -47.14 42.40 -20.83
N LYS B 564 -46.67 41.18 -20.59
CA LYS B 564 -47.54 40.00 -20.53
C LYS B 564 -48.09 39.78 -19.11
N LEU B 565 -47.22 39.95 -18.11
CA LEU B 565 -47.63 40.17 -16.72
C LEU B 565 -48.79 41.16 -16.55
N LEU B 566 -48.93 42.11 -17.48
CA LEU B 566 -50.00 43.14 -17.40
C LEU B 566 -51.37 42.58 -17.73
N ASP B 567 -51.44 41.72 -18.74
CA ASP B 567 -52.72 41.15 -19.15
C ASP B 567 -53.28 40.25 -18.06
N THR B 568 -52.39 39.67 -17.25
CA THR B 568 -52.87 38.81 -16.17
C THR B 568 -53.45 39.58 -14.97
N MET B 569 -52.78 40.65 -14.54
CA MET B 569 -53.42 41.61 -13.61
C MET B 569 -54.77 42.06 -14.14
N ASN B 570 -54.80 42.41 -15.43
CA ASN B 570 -56.04 42.66 -16.15
C ASN B 570 -57.03 41.50 -16.07
N ARG B 571 -56.53 40.28 -15.87
CA ARG B 571 -57.40 39.11 -15.66
C ARG B 571 -57.97 39.08 -14.23
N LEU B 572 -57.19 39.57 -13.25
CA LEU B 572 -57.74 39.98 -11.94
C LEU B 572 -57.38 41.42 -11.58
N GLU B 606 -49.26 48.42 -10.99
CA GLU B 606 -48.66 48.53 -9.66
C GLU B 606 -49.12 47.41 -8.71
N LEU B 607 -48.48 46.25 -8.83
CA LEU B 607 -48.43 45.26 -7.76
C LEU B 607 -47.67 44.04 -8.27
N LEU B 608 -46.41 44.31 -8.65
CA LEU B 608 -45.53 43.36 -9.31
C LEU B 608 -44.88 42.42 -8.30
N PRO B 609 -45.01 42.72 -7.00
CA PRO B 609 -44.32 41.91 -6.00
C PRO B 609 -44.98 40.54 -5.78
N ILE B 610 -46.22 40.40 -6.23
CA ILE B 610 -46.93 39.13 -6.11
C ILE B 610 -47.25 38.49 -7.45
N TYR B 611 -47.59 39.32 -8.44
CA TYR B 611 -47.73 38.84 -9.81
C TYR B 611 -46.38 38.44 -10.43
N GLY B 612 -45.32 39.12 -10.00
CA GLY B 612 -43.96 38.63 -10.14
C GLY B 612 -43.74 37.28 -9.47
N GLN B 613 -44.50 36.99 -8.41
CA GLN B 613 -44.37 35.71 -7.71
C GLN B 613 -45.21 34.63 -8.39
N ILE B 614 -46.37 35.03 -8.88
CA ILE B 614 -47.18 34.20 -9.77
C ILE B 614 -46.39 33.67 -10.96
N SER B 615 -45.78 34.57 -11.74
CA SER B 615 -45.02 34.18 -12.91
C SER B 615 -43.92 33.21 -12.53
N LEU B 616 -43.42 33.30 -11.30
CA LEU B 616 -42.42 32.36 -10.80
C LEU B 616 -43.03 31.00 -10.48
N GLN B 617 -44.24 30.98 -9.93
CA GLN B 617 -44.90 29.71 -9.68
C GLN B 617 -45.27 29.08 -11.01
N PHE B 618 -45.70 29.93 -11.93
CA PHE B 618 -46.16 29.46 -13.22
C PHE B 618 -45.06 28.71 -13.91
N ALA B 619 -43.90 29.35 -14.02
CA ALA B 619 -42.74 28.75 -14.68
C ALA B 619 -42.32 27.48 -13.98
N ASP B 620 -42.54 27.42 -12.68
CA ASP B 620 -41.92 26.37 -11.87
C ASP B 620 -42.74 25.09 -11.95
N LEU B 621 -43.99 25.22 -12.35
CA LEU B 621 -44.83 24.06 -12.46
C LEU B 621 -44.46 23.23 -13.69
N HIS B 622 -43.66 23.80 -14.58
CA HIS B 622 -43.14 23.10 -15.75
C HIS B 622 -42.01 22.17 -15.35
N ASP B 623 -41.23 22.61 -14.37
CA ASP B 623 -39.93 22.06 -14.11
C ASP B 623 -40.03 20.82 -13.23
N ARG B 624 -41.27 20.33 -13.05
CA ARG B 624 -41.53 19.29 -12.05
C ARG B 624 -41.25 17.95 -12.65
N SER B 625 -40.88 17.00 -11.79
CA SER B 625 -40.59 15.65 -12.23
C SER B 625 -41.73 14.94 -12.96
N SER B 626 -42.96 15.38 -12.76
CA SER B 626 -44.05 14.78 -13.50
C SER B 626 -44.03 15.14 -14.97
N ARG B 627 -43.50 16.31 -15.32
CA ARG B 627 -43.42 16.68 -16.72
C ARG B 627 -42.39 15.80 -17.38
N MET B 628 -41.42 15.36 -16.58
CA MET B 628 -40.31 14.57 -17.10
C MET B 628 -40.76 13.15 -17.48
N VAL B 629 -41.59 12.55 -16.64
CA VAL B 629 -42.23 11.27 -16.97
C VAL B 629 -42.97 11.35 -18.32
N ALA B 630 -43.87 12.32 -18.44
CA ALA B 630 -44.74 12.41 -19.62
C ALA B 630 -43.98 12.73 -20.91
N LYS B 631 -42.96 13.58 -20.82
CA LYS B 631 -42.16 13.85 -21.99
C LYS B 631 -41.15 12.71 -22.20
N GLY B 632 -41.17 11.72 -21.29
CA GLY B 632 -40.47 10.45 -21.49
C GLY B 632 -38.96 10.57 -21.44
N VAL B 633 -38.45 11.47 -20.62
CA VAL B 633 -37.00 11.72 -20.56
C VAL B 633 -36.36 11.11 -19.33
N ILE B 634 -37.16 10.56 -18.42
CA ILE B 634 -36.62 9.81 -17.31
C ILE B 634 -37.39 8.52 -17.18
N SER B 635 -36.78 7.53 -16.54
CA SER B 635 -37.38 6.20 -16.39
C SER B 635 -38.50 6.21 -15.36
N LYS B 636 -38.29 6.85 -14.21
CA LYS B 636 -39.28 6.96 -13.14
C LYS B 636 -39.09 8.27 -12.36
N GLU B 637 -40.17 8.80 -11.78
CA GLU B 637 -40.03 9.73 -10.67
C GLU B 637 -40.03 8.92 -9.38
N LEU B 638 -39.22 9.37 -8.42
CA LEU B 638 -38.92 8.57 -7.23
C LEU B 638 -39.15 9.36 -5.97
N GLU B 639 -39.19 8.65 -4.85
CA GLU B 639 -39.28 9.29 -3.56
C GLU B 639 -38.07 8.92 -2.73
N TRP B 640 -37.19 9.88 -2.51
CA TRP B 640 -36.06 9.71 -1.60
C TRP B 640 -36.20 8.55 -0.61
N THR B 641 -37.16 8.62 0.31
CA THR B 641 -37.14 7.67 1.42
C THR B 641 -37.17 6.25 0.88
N GLU B 642 -37.73 6.08 -0.31
CA GLU B 642 -37.88 4.73 -0.88
C GLU B 642 -36.74 4.36 -1.81
N ALA B 643 -35.73 5.22 -1.93
CA ALA B 643 -34.79 5.11 -3.02
C ALA B 643 -33.78 3.98 -2.83
N ARG B 644 -33.27 3.83 -1.63
CA ARG B 644 -32.38 2.72 -1.34
C ARG B 644 -33.06 1.41 -1.72
N ARG B 645 -34.34 1.25 -1.39
CA ARG B 645 -35.07 0.04 -1.77
C ARG B 645 -35.20 -0.10 -3.30
N PHE B 646 -35.64 0.96 -3.94
CA PHE B 646 -35.79 0.94 -5.37
C PHE B 646 -34.48 0.57 -6.02
N PHE B 647 -33.48 1.43 -5.84
CA PHE B 647 -32.16 1.29 -6.43
C PHE B 647 -31.40 0.01 -6.08
N PHE B 648 -31.58 -0.56 -4.89
CA PHE B 648 -30.90 -1.81 -4.63
C PHE B 648 -31.41 -2.85 -5.60
N TRP B 649 -32.71 -2.95 -5.81
CA TRP B 649 -33.14 -4.00 -6.74
C TRP B 649 -32.81 -3.73 -8.19
N ARG B 650 -32.81 -2.46 -8.59
CA ARG B 650 -32.74 -2.10 -9.97
C ARG B 650 -31.29 -2.38 -10.36
N LEU B 651 -30.37 -1.96 -9.50
CA LEU B 651 -28.94 -2.24 -9.72
C LEU B 651 -28.75 -3.73 -9.85
N ARG B 652 -29.27 -4.46 -8.88
CA ARG B 652 -29.08 -5.89 -8.84
C ARG B 652 -29.64 -6.59 -10.08
N ARG B 653 -30.86 -6.22 -10.46
CA ARG B 653 -31.44 -6.66 -11.74
C ARG B 653 -30.54 -6.33 -12.94
N ARG B 654 -30.10 -5.07 -13.04
CA ARG B 654 -29.31 -4.62 -14.18
C ARG B 654 -28.01 -5.43 -14.31
N LEU B 655 -27.25 -5.54 -13.22
CA LEU B 655 -26.07 -6.43 -13.17
C LEU B 655 -26.36 -7.89 -13.60
N ASN B 656 -27.38 -8.52 -13.04
CA ASN B 656 -27.68 -9.86 -13.47
C ASN B 656 -27.96 -9.92 -14.96
N GLU B 657 -28.61 -8.88 -15.50
CA GLU B 657 -28.96 -8.90 -16.91
C GLU B 657 -27.73 -8.59 -17.78
N GLU B 658 -26.94 -7.62 -17.33
CA GLU B 658 -25.62 -7.34 -17.90
C GLU B 658 -24.77 -8.58 -18.06
N TYR B 659 -24.59 -9.32 -16.97
CA TYR B 659 -23.73 -10.50 -16.98
C TYR B 659 -24.28 -11.54 -17.94
N LEU B 660 -25.59 -11.62 -18.09
CA LEU B 660 -26.12 -12.58 -19.03
C LEU B 660 -25.83 -12.17 -20.46
N ILE B 661 -25.79 -10.87 -20.72
CA ILE B 661 -25.47 -10.39 -22.06
C ILE B 661 -24.03 -10.76 -22.39
N LYS B 662 -23.16 -10.66 -21.39
CA LYS B 662 -21.77 -11.09 -21.52
C LYS B 662 -21.55 -12.60 -21.68
N ARG B 663 -22.44 -13.43 -21.17
CA ARG B 663 -22.25 -14.85 -21.31
C ARG B 663 -22.71 -15.26 -22.72
N LEU B 664 -23.05 -14.26 -23.52
CA LEU B 664 -23.85 -14.50 -24.72
C LEU B 664 -23.23 -13.74 -25.88
N SER B 665 -22.47 -12.71 -25.55
CA SER B 665 -21.39 -12.29 -26.41
C SER B 665 -20.51 -13.51 -26.76
N HIS B 666 -19.83 -14.06 -25.74
CA HIS B 666 -18.98 -15.25 -25.91
C HIS B 666 -19.68 -16.37 -26.68
N GLN B 667 -20.04 -16.07 -27.93
CA GLN B 667 -20.83 -16.97 -28.77
C GLN B 667 -20.86 -16.33 -30.17
N VAL B 668 -20.62 -17.14 -31.20
CA VAL B 668 -20.19 -16.64 -32.53
C VAL B 668 -21.08 -15.55 -33.14
N GLY B 669 -22.17 -15.96 -33.79
CA GLY B 669 -23.09 -15.02 -34.40
C GLY B 669 -23.35 -13.80 -33.54
N GLU B 670 -22.55 -12.77 -33.72
CA GLU B 670 -22.69 -11.53 -32.96
C GLU B 670 -23.99 -10.82 -33.33
N ALA B 671 -24.74 -10.39 -32.31
CA ALA B 671 -26.00 -9.70 -32.52
C ALA B 671 -26.03 -8.40 -31.73
N SER B 672 -26.97 -7.51 -32.07
CA SER B 672 -27.08 -6.23 -31.38
C SER B 672 -27.47 -6.45 -29.93
N ARG B 673 -26.80 -5.73 -29.04
CA ARG B 673 -27.29 -5.53 -27.70
C ARG B 673 -28.78 -5.86 -27.61
N LEU B 674 -29.61 -5.09 -28.31
CA LEU B 674 -31.07 -5.28 -28.33
C LEU B 674 -31.53 -6.72 -28.59
N GLU B 675 -30.96 -7.36 -29.61
CA GLU B 675 -31.28 -8.73 -29.96
C GLU B 675 -30.91 -9.68 -28.84
N LYS B 676 -29.94 -9.29 -28.05
CA LYS B 676 -29.44 -10.15 -27.00
C LYS B 676 -30.31 -10.10 -25.74
N ILE B 677 -30.74 -8.92 -25.32
CA ILE B 677 -31.67 -8.85 -24.19
C ILE B 677 -32.99 -9.49 -24.58
N ALA B 678 -33.54 -9.08 -25.72
CA ALA B 678 -34.83 -9.58 -26.17
C ALA B 678 -34.83 -11.11 -26.22
N ARG B 679 -33.66 -11.68 -26.45
CA ARG B 679 -33.52 -13.13 -26.40
C ARG B 679 -33.52 -13.66 -24.97
N ILE B 680 -32.59 -13.16 -24.17
CA ILE B 680 -32.52 -13.51 -22.76
C ILE B 680 -33.87 -13.40 -22.06
N ARG B 681 -34.50 -12.23 -22.21
CA ARG B 681 -35.80 -11.99 -21.61
C ARG B 681 -36.84 -13.03 -22.02
N SER B 682 -36.75 -13.50 -23.25
CA SER B 682 -37.73 -14.47 -23.71
C SER B 682 -37.54 -15.79 -22.97
N TRP B 683 -36.56 -15.83 -22.08
CA TRP B 683 -36.36 -17.03 -21.28
C TRP B 683 -37.15 -17.03 -19.99
N TYR B 684 -37.33 -15.83 -19.42
CA TYR B 684 -38.19 -15.63 -18.24
C TYR B 684 -39.57 -16.20 -18.50
N PRO B 685 -40.11 -16.98 -17.53
CA PRO B 685 -41.41 -17.63 -17.71
C PRO B 685 -42.57 -16.64 -17.82
N ALA B 686 -43.73 -17.16 -18.25
CA ALA B 686 -45.03 -16.48 -18.08
C ALA B 686 -45.11 -15.59 -16.83
N SER B 687 -44.81 -16.20 -15.68
CA SER B 687 -45.18 -15.67 -14.38
C SER B 687 -44.34 -14.46 -13.95
N VAL B 688 -43.20 -14.24 -14.61
CA VAL B 688 -42.27 -13.15 -14.23
C VAL B 688 -42.59 -11.85 -14.96
N ASP B 689 -42.46 -10.72 -14.28
CA ASP B 689 -42.78 -9.43 -14.86
C ASP B 689 -41.52 -8.65 -15.23
N HIS B 690 -41.27 -8.50 -16.53
CA HIS B 690 -40.07 -7.77 -16.99
C HIS B 690 -39.87 -6.43 -16.27
N GLU B 691 -40.99 -5.74 -16.04
CA GLU B 691 -40.96 -4.39 -15.45
C GLU B 691 -40.52 -4.42 -13.98
N ASP B 692 -40.70 -5.56 -13.32
CA ASP B 692 -40.35 -5.66 -11.90
C ASP B 692 -38.95 -6.19 -11.66
N ASP B 693 -38.14 -5.42 -10.93
CA ASP B 693 -36.71 -5.69 -10.78
C ASP B 693 -36.41 -6.83 -9.82
N ARG B 694 -37.12 -6.86 -8.71
CA ARG B 694 -36.87 -7.89 -7.73
C ARG B 694 -37.19 -9.26 -8.28
N GLN B 695 -38.23 -9.36 -9.11
CA GLN B 695 -38.67 -10.66 -9.60
C GLN B 695 -37.68 -11.17 -10.64
N VAL B 696 -37.43 -10.33 -11.64
CA VAL B 696 -36.44 -10.59 -12.67
C VAL B 696 -35.14 -10.98 -11.98
N ALA B 697 -34.64 -10.09 -11.13
CA ALA B 697 -33.40 -10.34 -10.42
C ALA B 697 -33.49 -11.61 -9.59
N THR B 698 -34.61 -11.83 -8.92
CA THR B 698 -34.72 -13.03 -8.11
C THR B 698 -34.65 -14.28 -8.97
N TRP B 699 -35.33 -14.25 -10.11
CA TRP B 699 -35.55 -15.47 -10.87
C TRP B 699 -34.25 -15.92 -11.52
N ILE B 700 -33.55 -14.95 -12.08
CA ILE B 700 -32.23 -15.20 -12.60
C ILE B 700 -31.34 -15.88 -11.56
N GLU B 701 -31.33 -15.38 -10.33
CA GLU B 701 -30.40 -15.90 -9.35
C GLU B 701 -30.81 -17.27 -8.82
N GLU B 702 -32.08 -17.60 -8.98
CA GLU B 702 -32.57 -18.86 -8.50
C GLU B 702 -32.64 -19.87 -9.64
N ASN B 703 -32.35 -19.43 -10.86
CA ASN B 703 -32.28 -20.37 -11.97
C ASN B 703 -30.94 -20.35 -12.72
N TYR B 704 -29.84 -20.21 -11.99
CA TYR B 704 -28.53 -20.18 -12.62
C TYR B 704 -28.25 -21.48 -13.39
N LYS B 705 -28.65 -22.60 -12.80
CA LYS B 705 -28.68 -23.89 -13.51
C LYS B 705 -29.41 -23.82 -14.85
N THR B 706 -30.74 -23.87 -14.82
CA THR B 706 -31.47 -23.98 -16.07
C THR B 706 -31.17 -22.80 -17.01
N LEU B 707 -30.36 -21.87 -16.54
CA LEU B 707 -29.86 -20.81 -17.40
C LEU B 707 -28.59 -21.22 -18.14
N ASP B 708 -27.56 -21.57 -17.37
CA ASP B 708 -26.36 -22.24 -17.91
C ASP B 708 -26.65 -23.35 -18.91
N ASP B 709 -27.65 -24.18 -18.63
CA ASP B 709 -28.04 -25.23 -19.57
C ASP B 709 -28.68 -24.66 -20.84
N LYS B 710 -29.25 -23.46 -20.73
CA LYS B 710 -29.81 -22.79 -21.90
C LYS B 710 -28.68 -22.11 -22.66
N LEU B 711 -27.63 -21.75 -21.93
CA LEU B 711 -26.47 -21.03 -22.47
C LEU B 711 -25.51 -21.98 -23.17
N LYS B 712 -25.89 -23.26 -23.24
CA LYS B 712 -25.05 -24.29 -23.83
C LYS B 712 -25.88 -25.24 -24.67
N GLY B 713 -27.19 -25.22 -24.46
CA GLY B 713 -28.14 -25.81 -25.40
C GLY B 713 -28.38 -24.89 -26.58
N LEU B 714 -27.54 -23.86 -26.71
CA LEU B 714 -27.62 -22.92 -27.83
C LEU B 714 -26.26 -22.44 -28.37
N LYS B 715 -25.20 -22.53 -27.56
CA LYS B 715 -23.81 -22.51 -28.06
C LYS B 715 -23.50 -23.79 -28.87
N LEU B 716 -24.55 -24.37 -29.46
CA LEU B 716 -24.43 -25.42 -30.47
C LEU B 716 -25.42 -25.17 -31.61
N GLU B 717 -25.48 -23.93 -32.09
CA GLU B 717 -26.28 -23.57 -33.26
C GLU B 717 -25.53 -22.60 -34.18
N GLU C 16 -39.36 32.60 -54.36
CA GLU C 16 -40.21 32.64 -53.17
C GLU C 16 -39.70 33.66 -52.16
N TRP C 17 -39.15 34.75 -52.66
CA TRP C 17 -38.63 35.81 -51.81
C TRP C 17 -37.76 35.22 -50.69
N LEU C 18 -36.45 35.35 -50.83
CA LEU C 18 -35.54 34.84 -49.84
C LEU C 18 -34.82 35.98 -49.11
N GLN C 19 -35.19 37.22 -49.41
CA GLN C 19 -34.36 38.35 -49.03
C GLN C 19 -34.52 38.76 -47.56
N PRO C 20 -35.77 38.81 -47.07
CA PRO C 20 -36.07 38.93 -45.66
C PRO C 20 -35.22 38.00 -44.81
N LYS C 21 -35.07 36.74 -45.23
CA LYS C 21 -34.26 35.81 -44.47
C LYS C 21 -32.77 36.05 -44.64
N ARG C 22 -32.35 36.42 -45.85
CA ARG C 22 -30.93 36.72 -46.09
C ARG C 22 -30.51 37.93 -45.26
N TYR C 23 -31.41 38.88 -45.12
CA TYR C 23 -31.12 40.02 -44.28
C TYR C 23 -30.94 39.65 -42.81
N LYS C 24 -31.84 38.81 -42.30
CA LYS C 24 -31.76 38.41 -40.89
C LYS C 24 -30.39 37.82 -40.62
N ALA C 25 -29.95 36.94 -41.51
CA ALA C 25 -28.63 36.36 -41.37
C ALA C 25 -27.48 37.36 -41.47
N HIS C 26 -27.50 38.25 -42.47
CA HIS C 26 -26.50 39.33 -42.59
C HIS C 26 -26.47 40.18 -41.34
N LEU C 27 -27.65 40.51 -40.83
CA LEU C 27 -27.83 41.20 -39.56
C LEU C 27 -26.94 40.65 -38.45
N MET C 28 -26.73 39.34 -38.43
CA MET C 28 -25.96 38.68 -37.37
C MET C 28 -24.52 38.43 -37.82
N GLY C 29 -24.10 39.11 -38.88
CA GLY C 29 -22.80 38.86 -39.50
C GLY C 29 -22.56 37.41 -39.91
N THR C 30 -23.60 36.71 -40.31
CA THR C 30 -23.46 35.39 -40.90
C THR C 30 -24.06 35.32 -42.30
N THR C 31 -23.73 34.26 -43.04
CA THR C 31 -24.33 33.92 -44.33
C THR C 31 -25.60 33.05 -44.18
N TYR C 32 -26.61 33.29 -45.00
CA TYR C 32 -27.84 32.49 -44.96
C TYR C 32 -27.51 31.05 -45.33
N VAL C 33 -28.02 30.08 -44.57
CA VAL C 33 -27.66 28.66 -44.77
C VAL C 33 -27.59 28.23 -46.22
N TYR C 34 -28.63 28.53 -47.01
CA TYR C 34 -28.68 28.01 -48.37
C TYR C 34 -27.69 28.72 -49.29
N ASP C 35 -27.02 29.74 -48.79
CA ASP C 35 -25.98 30.39 -49.58
C ASP C 35 -24.59 29.81 -49.33
N PHE C 36 -24.51 28.79 -48.48
CA PHE C 36 -23.23 28.18 -48.15
C PHE C 36 -22.63 27.27 -49.22
N PRO C 37 -23.42 26.30 -49.73
CA PRO C 37 -22.91 25.55 -50.86
C PRO C 37 -22.23 26.42 -51.92
N GLU C 38 -22.78 27.60 -52.23
CA GLU C 38 -22.07 28.48 -53.17
C GLU C 38 -20.67 28.85 -52.67
N LEU C 39 -20.56 29.05 -51.36
CA LEU C 39 -19.27 29.35 -50.75
C LEU C 39 -18.28 28.21 -50.95
N PHE C 40 -18.74 26.98 -50.77
CA PHE C 40 -17.88 25.82 -50.96
C PHE C 40 -17.48 25.68 -52.43
N ARG C 41 -18.40 26.03 -53.31
CA ARG C 41 -18.13 25.89 -54.71
C ARG C 41 -16.99 26.84 -55.05
N GLN C 42 -17.02 28.04 -54.48
CA GLN C 42 -15.92 28.96 -54.64
C GLN C 42 -14.59 28.50 -54.03
N ALA C 43 -14.62 28.00 -52.80
CA ALA C 43 -13.38 27.53 -52.20
C ALA C 43 -12.77 26.40 -53.02
N SER C 44 -13.62 25.48 -53.46
CA SER C 44 -13.20 24.34 -54.28
C SER C 44 -12.57 24.83 -55.54
N SER C 45 -13.19 25.81 -56.14
CA SER C 45 -12.67 26.42 -57.33
C SER C 45 -11.28 27.00 -57.08
N SER C 46 -11.12 27.71 -55.97
CA SER C 46 -9.85 28.37 -55.71
C SER C 46 -8.80 27.30 -55.46
N GLN C 47 -9.21 26.16 -54.94
CA GLN C 47 -8.31 25.05 -54.78
C GLN C 47 -7.70 24.68 -56.14
N TRP C 48 -8.58 24.59 -57.13
CA TRP C 48 -8.16 24.11 -58.43
C TRP C 48 -7.25 25.12 -59.09
N LYS C 49 -7.49 26.40 -58.85
CA LYS C 49 -6.75 27.47 -59.53
C LYS C 49 -5.35 27.64 -58.95
N ASN C 50 -5.27 27.49 -57.63
CA ASN C 50 -4.00 27.48 -56.92
C ASN C 50 -3.10 26.30 -57.28
N PHE C 51 -3.70 25.22 -57.78
CA PHE C 51 -2.94 23.99 -58.01
C PHE C 51 -2.58 23.89 -59.49
N SER C 52 -3.40 24.45 -60.35
CA SER C 52 -3.15 24.31 -61.75
C SER C 52 -3.84 25.45 -62.46
N ALA C 53 -3.11 26.55 -62.61
CA ALA C 53 -3.65 27.73 -63.26
C ALA C 53 -4.48 27.33 -64.48
N ASP C 54 -4.17 26.17 -65.06
CA ASP C 54 -4.57 25.87 -66.43
C ASP C 54 -5.85 25.04 -66.63
N VAL C 55 -6.17 24.13 -65.70
CA VAL C 55 -7.43 23.37 -65.75
C VAL C 55 -8.62 24.30 -65.97
N LYS C 56 -9.38 24.08 -67.04
CA LYS C 56 -10.77 24.51 -67.12
C LYS C 56 -11.71 23.66 -66.26
N LEU C 57 -12.65 24.31 -65.61
CA LEU C 57 -13.59 23.63 -64.71
C LEU C 57 -14.98 23.58 -65.31
N THR C 58 -15.59 22.42 -65.20
CA THR C 58 -16.90 22.19 -65.74
C THR C 58 -17.92 22.33 -64.60
N ASP C 59 -19.14 22.68 -64.91
CA ASP C 59 -20.16 22.87 -63.89
C ASP C 59 -20.23 21.75 -62.85
N ASP C 60 -20.22 20.51 -63.31
CA ASP C 60 -20.56 19.39 -62.44
C ASP C 60 -19.31 18.82 -61.78
N PHE C 61 -18.31 19.68 -61.59
CA PHE C 61 -17.19 19.37 -60.74
C PHE C 61 -17.60 19.56 -59.31
N PHE C 62 -18.70 20.28 -59.12
CA PHE C 62 -19.22 20.49 -57.79
C PHE C 62 -20.73 20.27 -57.78
N ILE C 63 -21.22 19.42 -56.88
CA ILE C 63 -22.63 19.11 -56.81
C ILE C 63 -23.07 19.11 -55.37
N SER C 64 -24.14 19.84 -55.10
CA SER C 64 -24.69 19.90 -53.77
C SER C 64 -26.16 19.55 -53.84
N ASN C 65 -26.57 18.53 -53.09
CA ASN C 65 -27.97 18.30 -52.86
C ASN C 65 -28.28 18.45 -51.39
N GLU C 66 -29.38 19.11 -51.07
CA GLU C 66 -29.93 19.11 -49.72
C GLU C 66 -30.34 17.68 -49.32
N LEU C 67 -30.06 17.33 -48.06
CA LEU C 67 -30.67 16.18 -47.39
C LEU C 67 -31.94 16.52 -46.60
N ILE C 68 -32.97 15.68 -46.72
CA ILE C 68 -34.18 15.82 -45.88
C ILE C 68 -34.70 14.42 -45.59
N GLU C 69 -35.60 14.29 -44.62
CA GLU C 69 -36.20 12.99 -44.31
C GLU C 69 -37.37 12.68 -45.23
N ASP C 70 -37.40 11.46 -45.78
CA ASP C 70 -38.67 10.90 -46.28
C ASP C 70 -39.60 10.53 -45.14
N GLU C 71 -40.82 10.08 -45.46
CA GLU C 71 -41.86 9.82 -44.43
C GLU C 71 -41.43 8.79 -43.37
N ASN C 72 -40.73 7.74 -43.81
CA ASN C 72 -40.06 6.81 -42.88
C ASN C 72 -39.09 7.48 -41.94
N GLY C 73 -38.77 8.75 -42.19
CA GLY C 73 -37.72 9.44 -41.46
C GLY C 73 -36.30 9.01 -41.82
N GLU C 74 -36.11 8.57 -43.06
CA GLU C 74 -34.80 8.15 -43.54
C GLU C 74 -34.24 9.24 -44.45
N LEU C 75 -33.04 9.72 -44.15
CA LEU C 75 -32.42 10.78 -44.95
C LEU C 75 -32.34 10.45 -46.45
N THR C 76 -32.57 11.44 -47.30
CA THR C 76 -32.45 11.26 -48.75
C THR C 76 -32.10 12.59 -49.46
N GLU C 77 -31.44 12.49 -50.61
CA GLU C 77 -31.04 13.64 -51.41
C GLU C 77 -32.24 14.17 -52.16
N VAL C 78 -32.35 15.48 -52.30
CA VAL C 78 -33.41 16.10 -53.12
C VAL C 78 -32.94 17.41 -53.68
N GLU C 79 -33.60 17.90 -54.73
CA GLU C 79 -33.39 19.28 -55.15
C GLU C 79 -34.70 20.05 -55.19
N ARG C 80 -34.73 21.18 -54.50
CA ARG C 80 -35.95 21.97 -54.38
C ARG C 80 -35.56 23.44 -54.21
N GLU C 81 -36.52 24.35 -54.43
CA GLU C 81 -36.28 25.76 -54.18
C GLU C 81 -35.71 25.87 -52.75
N PRO C 82 -34.68 26.69 -52.57
CA PRO C 82 -34.06 26.85 -51.25
C PRO C 82 -35.00 27.49 -50.24
N GLY C 83 -34.75 27.23 -48.95
CA GLY C 83 -35.40 27.98 -47.89
C GLY C 83 -36.81 27.50 -47.61
N ALA C 84 -37.03 26.18 -47.74
CA ALA C 84 -38.32 25.61 -47.41
C ALA C 84 -38.18 24.63 -46.27
N ASN C 85 -37.09 24.78 -45.52
CA ASN C 85 -36.80 23.92 -44.39
C ASN C 85 -37.85 24.09 -43.30
N ALA C 86 -38.43 23.00 -42.84
CA ALA C 86 -39.55 23.08 -41.88
C ALA C 86 -39.01 23.01 -40.47
N ILE C 87 -37.71 22.75 -40.35
CA ILE C 87 -37.08 22.75 -39.06
C ILE C 87 -35.84 23.62 -39.16
N GLY C 88 -35.22 23.91 -38.02
CA GLY C 88 -34.21 24.96 -37.96
C GLY C 88 -32.82 24.44 -38.21
N MET C 89 -32.74 23.33 -38.94
CA MET C 89 -31.47 22.65 -39.21
C MET C 89 -31.55 22.11 -40.64
N VAL C 90 -30.58 22.52 -41.47
CA VAL C 90 -30.45 21.99 -42.83
C VAL C 90 -29.13 21.22 -43.01
N ALA C 91 -29.06 20.40 -44.05
CA ALA C 91 -27.89 19.57 -44.34
C ALA C 91 -27.74 19.40 -45.85
N PHE C 92 -26.49 19.34 -46.29
CA PHE C 92 -26.20 19.16 -47.70
C PHE C 92 -25.24 18.01 -47.87
N LYS C 93 -25.41 17.24 -48.93
CA LYS C 93 -24.44 16.25 -49.34
C LYS C 93 -23.67 16.81 -50.50
N ILE C 94 -22.36 16.96 -50.33
CA ILE C 94 -21.55 17.60 -51.34
C ILE C 94 -20.61 16.63 -52.03
N THR C 95 -20.64 16.62 -53.36
CA THR C 95 -19.72 15.80 -54.14
C THR C 95 -18.82 16.71 -54.96
N VAL C 96 -17.55 16.78 -54.59
CA VAL C 96 -16.59 17.63 -55.31
C VAL C 96 -15.49 16.80 -55.93
N LYS C 97 -15.04 17.27 -57.08
CA LYS C 97 -13.77 16.83 -57.65
C LYS C 97 -12.67 17.81 -57.27
N THR C 98 -11.71 17.33 -56.50
CA THR C 98 -10.62 18.17 -56.01
C THR C 98 -9.30 17.67 -56.59
N PRO C 99 -8.24 18.49 -56.49
CA PRO C 99 -6.93 18.05 -56.93
C PRO C 99 -6.51 16.72 -56.31
N GLU C 100 -6.80 16.50 -55.03
CA GLU C 100 -6.45 15.22 -54.38
C GLU C 100 -7.32 14.05 -54.87
N TYR C 101 -8.57 14.35 -55.22
CA TYR C 101 -9.52 13.35 -55.66
C TYR C 101 -10.24 13.82 -56.91
N PRO C 102 -9.56 13.73 -58.07
CA PRO C 102 -10.03 14.30 -59.32
C PRO C 102 -11.33 13.68 -59.81
N ARG C 103 -11.63 12.45 -59.35
CA ARG C 103 -12.84 11.73 -59.76
C ARG C 103 -13.97 11.94 -58.77
N GLY C 104 -13.70 12.62 -57.67
CA GLY C 104 -14.77 13.03 -56.78
C GLY C 104 -14.53 12.56 -55.37
N ARG C 105 -15.02 13.33 -54.42
CA ARG C 105 -14.87 13.04 -53.01
C ARG C 105 -16.12 13.60 -52.33
N GLN C 106 -16.70 12.88 -51.36
CA GLN C 106 -17.97 13.30 -50.76
C GLN C 106 -17.90 13.74 -49.30
N PHE C 107 -18.76 14.68 -48.91
CA PHE C 107 -18.96 14.99 -47.49
C PHE C 107 -20.31 15.59 -47.17
N VAL C 108 -20.68 15.61 -45.89
CA VAL C 108 -21.91 16.31 -45.49
C VAL C 108 -21.65 17.67 -44.80
N VAL C 109 -22.49 18.64 -45.09
CA VAL C 109 -22.46 19.90 -44.33
C VAL C 109 -23.77 20.04 -43.57
N VAL C 110 -23.70 20.13 -42.24
CA VAL C 110 -24.90 20.39 -41.41
C VAL C 110 -24.82 21.79 -40.84
N ALA C 111 -25.98 22.40 -40.60
CA ALA C 111 -26.03 23.82 -40.26
C ALA C 111 -27.31 24.18 -39.51
N ASN C 112 -27.18 25.00 -38.47
CA ASN C 112 -28.32 25.77 -37.98
C ASN C 112 -28.81 26.81 -39.00
N ASP C 113 -30.10 27.07 -39.00
CA ASP C 113 -30.65 28.20 -39.72
C ASP C 113 -30.93 29.28 -38.69
N ILE C 114 -30.04 30.27 -38.62
CA ILE C 114 -30.20 31.38 -37.67
C ILE C 114 -31.48 32.20 -37.89
N THR C 115 -32.12 32.04 -39.06
CA THR C 115 -33.39 32.72 -39.33
C THR C 115 -34.61 31.84 -39.01
N PHE C 116 -34.39 30.77 -38.26
CA PHE C 116 -35.49 29.88 -37.89
C PHE C 116 -35.52 29.65 -36.39
N LYS C 117 -36.46 30.28 -35.70
CA LYS C 117 -36.36 30.47 -34.24
C LYS C 117 -34.95 30.72 -33.77
N ILE C 118 -34.37 31.83 -34.25
CA ILE C 118 -33.01 32.27 -33.87
C ILE C 118 -32.00 31.12 -33.81
N GLY C 119 -32.24 30.08 -34.59
CA GLY C 119 -31.41 28.86 -34.56
C GLY C 119 -31.28 28.15 -33.23
N SER C 120 -32.38 28.00 -32.51
CA SER C 120 -32.37 27.18 -31.31
C SER C 120 -32.40 25.67 -31.64
N PHE C 121 -31.86 24.86 -30.75
CA PHE C 121 -32.04 23.41 -30.82
C PHE C 121 -33.31 22.97 -30.14
N GLY C 122 -34.24 22.41 -30.91
CA GLY C 122 -35.43 21.75 -30.37
C GLY C 122 -35.31 20.27 -30.64
N PRO C 123 -36.28 19.47 -30.18
CA PRO C 123 -36.20 18.02 -30.39
C PRO C 123 -36.04 17.67 -31.85
N GLN C 124 -36.69 18.42 -32.74
CA GLN C 124 -36.66 18.06 -34.15
C GLN C 124 -35.36 18.47 -34.80
N GLU C 125 -34.78 19.58 -34.36
CA GLU C 125 -33.49 19.98 -34.89
C GLU C 125 -32.42 19.01 -34.42
N ASP C 126 -32.56 18.53 -33.18
CA ASP C 126 -31.62 17.59 -32.56
C ASP C 126 -31.68 16.24 -33.24
N GLU C 127 -32.87 15.63 -33.33
CA GLU C 127 -33.02 14.37 -34.05
C GLU C 127 -32.46 14.39 -35.47
N PHE C 128 -32.57 15.52 -36.16
CA PHE C 128 -32.12 15.60 -37.54
C PHE C 128 -30.61 15.69 -37.56
N PHE C 129 -30.06 16.42 -36.61
CA PHE C 129 -28.62 16.59 -36.57
C PHE C 129 -28.04 15.23 -36.26
N ASN C 130 -28.67 14.51 -35.34
CA ASN C 130 -28.21 13.19 -35.02
C ASN C 130 -28.28 12.28 -36.23
N LYS C 131 -29.40 12.35 -36.96
CA LYS C 131 -29.57 11.50 -38.14
C LYS C 131 -28.56 11.81 -39.23
N VAL C 132 -28.22 13.08 -39.41
CA VAL C 132 -27.17 13.44 -40.35
C VAL C 132 -25.83 12.89 -39.90
N THR C 133 -25.51 12.99 -38.61
CA THR C 133 -24.23 12.48 -38.14
C THR C 133 -24.11 10.99 -38.41
N GLU C 134 -25.16 10.23 -38.10
CA GLU C 134 -25.17 8.80 -38.36
C GLU C 134 -25.06 8.47 -39.86
N TYR C 135 -25.56 9.38 -40.71
CA TYR C 135 -25.51 9.24 -42.16
C TYR C 135 -24.07 9.29 -42.59
N ALA C 136 -23.34 10.26 -42.11
CA ALA C 136 -21.96 10.46 -42.54
C ALA C 136 -21.10 9.30 -42.02
N ARG C 137 -21.24 8.95 -40.73
CA ARG C 137 -20.57 7.76 -40.16
C ARG C 137 -20.85 6.47 -40.90
N LYS C 138 -22.12 6.08 -41.09
CA LYS C 138 -22.40 4.89 -41.89
C LYS C 138 -21.54 4.83 -43.15
N ARG C 139 -21.24 5.98 -43.74
CA ARG C 139 -20.57 6.04 -45.04
C ARG C 139 -19.08 6.34 -44.92
N GLY C 140 -18.63 6.76 -43.75
CA GLY C 140 -17.22 6.98 -43.54
C GLY C 140 -16.78 8.37 -43.92
N ILE C 141 -17.72 9.30 -44.01
CA ILE C 141 -17.53 10.49 -44.82
C ILE C 141 -17.54 11.74 -43.96
N PRO C 142 -16.70 12.74 -44.30
CA PRO C 142 -16.51 13.81 -43.32
C PRO C 142 -17.83 14.50 -42.96
N ARG C 143 -17.90 15.04 -41.74
CA ARG C 143 -19.03 15.85 -41.30
C ARG C 143 -18.58 17.27 -40.97
N ILE C 144 -19.02 18.25 -41.77
CA ILE C 144 -18.77 19.67 -41.45
C ILE C 144 -19.97 20.30 -40.74
N TYR C 145 -19.71 20.93 -39.60
CA TYR C 145 -20.76 21.65 -38.89
C TYR C 145 -20.60 23.16 -39.05
N LEU C 146 -21.64 23.81 -39.54
CA LEU C 146 -21.71 25.26 -39.52
C LEU C 146 -22.54 25.73 -38.34
N ALA C 147 -21.87 26.19 -37.28
CA ALA C 147 -22.56 26.55 -36.07
C ALA C 147 -22.97 28.00 -36.17
N ALA C 148 -24.25 28.26 -35.96
CA ALA C 148 -24.78 29.62 -35.82
C ALA C 148 -26.13 29.52 -35.14
N ASN C 149 -26.14 29.63 -33.82
CA ASN C 149 -27.29 29.20 -33.04
C ASN C 149 -27.41 30.00 -31.73
N SER C 150 -28.45 29.73 -30.95
CA SER C 150 -28.53 30.21 -29.56
C SER C 150 -28.95 29.11 -28.58
N GLY C 151 -28.33 27.95 -28.69
CA GLY C 151 -28.49 26.91 -27.70
C GLY C 151 -29.88 26.32 -27.68
N ALA C 152 -30.23 25.73 -26.55
CA ALA C 152 -31.46 24.97 -26.46
C ALA C 152 -32.63 25.89 -26.60
N ARG C 153 -33.67 25.42 -27.26
CA ARG C 153 -34.95 26.15 -27.34
C ARG C 153 -35.62 26.26 -25.99
N ILE C 154 -36.17 27.43 -25.70
CA ILE C 154 -36.87 27.63 -24.44
C ILE C 154 -38.34 27.95 -24.70
N GLY C 155 -39.22 27.39 -23.88
CA GLY C 155 -40.63 27.54 -24.12
C GLY C 155 -41.40 27.71 -22.85
N MET C 156 -42.56 28.33 -22.94
CA MET C 156 -43.61 28.12 -21.97
C MET C 156 -44.88 27.60 -22.63
N ALA C 157 -45.81 27.12 -21.82
CA ALA C 157 -47.11 26.68 -22.31
C ALA C 157 -48.09 27.85 -22.49
N GLU C 158 -48.11 28.41 -23.70
CA GLU C 158 -48.75 29.71 -23.93
C GLU C 158 -50.27 29.61 -23.90
N GLU C 159 -50.77 28.38 -23.89
CA GLU C 159 -52.21 28.12 -23.82
C GLU C 159 -52.77 28.37 -22.42
N ILE C 160 -52.02 27.92 -21.41
CA ILE C 160 -52.47 28.00 -20.01
C ILE C 160 -52.41 29.42 -19.45
N VAL C 161 -51.81 30.33 -20.21
CA VAL C 161 -51.56 31.71 -19.77
C VAL C 161 -52.82 32.52 -19.41
N PRO C 162 -53.77 32.66 -20.36
CA PRO C 162 -55.00 33.41 -20.06
C PRO C 162 -55.90 32.75 -19.02
N LEU C 163 -55.79 31.41 -18.96
CA LEU C 163 -56.82 30.55 -18.36
C LEU C 163 -56.65 30.47 -16.86
N PHE C 164 -55.44 30.16 -16.40
CA PHE C 164 -55.22 29.85 -15.00
C PHE C 164 -55.73 30.93 -14.06
N GLN C 165 -56.14 30.50 -12.87
CA GLN C 165 -56.70 31.39 -11.86
C GLN C 165 -55.79 31.33 -10.63
N VAL C 166 -56.04 32.19 -9.65
CA VAL C 166 -55.22 32.21 -8.45
C VAL C 166 -56.07 32.12 -7.19
N ALA C 167 -55.69 31.27 -6.25
CA ALA C 167 -56.27 31.31 -4.91
C ALA C 167 -55.37 32.05 -3.96
N TRP C 168 -55.82 33.22 -3.53
CA TRP C 168 -55.18 33.95 -2.44
C TRP C 168 -55.78 33.50 -1.10
N ASN C 169 -55.03 33.71 -0.04
CA ASN C 169 -55.54 33.55 1.31
C ASN C 169 -56.71 34.48 1.56
N ASP C 170 -56.62 35.70 1.02
CA ASP C 170 -57.73 36.66 1.08
C ASP C 170 -57.85 37.46 -0.22
N ALA C 171 -59.07 37.57 -0.74
CA ALA C 171 -59.31 37.91 -2.15
C ALA C 171 -59.05 39.39 -2.49
N ALA C 172 -59.52 40.29 -1.62
CA ALA C 172 -59.30 41.73 -1.81
C ALA C 172 -57.94 42.20 -1.27
N ASN C 173 -57.09 41.26 -0.87
CA ASN C 173 -55.78 41.54 -0.26
C ASN C 173 -54.66 40.77 -0.96
N PRO C 174 -54.46 41.05 -2.27
CA PRO C 174 -53.76 40.12 -3.14
C PRO C 174 -52.37 39.76 -2.60
N ASP C 175 -51.62 40.77 -2.17
CA ASP C 175 -50.22 40.62 -1.77
C ASP C 175 -50.02 39.69 -0.56
N LYS C 176 -51.13 39.24 0.02
CA LYS C 176 -51.11 38.43 1.25
C LYS C 176 -51.09 36.94 0.91
N GLY C 177 -49.98 36.48 0.37
CA GLY C 177 -49.78 35.05 0.08
C GLY C 177 -50.80 34.46 -0.87
N PHE C 178 -50.35 33.54 -1.72
CA PHE C 178 -51.26 32.72 -2.53
C PHE C 178 -51.03 31.22 -2.30
N GLN C 179 -52.07 30.43 -2.53
CA GLN C 179 -52.08 29.01 -2.13
C GLN C 179 -51.63 28.05 -3.25
N TYR C 180 -52.27 28.16 -4.41
CA TYR C 180 -51.92 27.38 -5.58
C TYR C 180 -52.42 28.10 -6.83
N LEU C 181 -52.30 27.46 -7.99
CA LEU C 181 -52.96 27.93 -9.21
C LEU C 181 -54.02 26.92 -9.65
N TYR C 182 -55.02 27.36 -10.41
CA TYR C 182 -56.09 26.46 -10.81
C TYR C 182 -56.84 26.84 -12.08
N LEU C 183 -57.59 25.88 -12.63
CA LEU C 183 -58.46 26.15 -13.76
C LEU C 183 -59.90 25.96 -13.30
N THR C 184 -60.83 26.69 -13.90
CA THR C 184 -62.25 26.43 -13.70
C THR C 184 -62.82 25.66 -14.89
N SER C 185 -63.95 25.00 -14.66
CA SER C 185 -64.81 24.58 -15.76
C SER C 185 -64.49 25.31 -17.08
N GLU C 186 -64.53 26.65 -17.04
CA GLU C 186 -64.34 27.49 -18.25
C GLU C 186 -62.86 27.72 -18.58
N GLY C 187 -61.99 27.03 -17.84
CA GLY C 187 -60.65 26.73 -18.34
C GLY C 187 -60.56 25.29 -18.78
N MET C 188 -61.18 24.41 -18.01
CA MET C 188 -61.08 22.96 -18.22
C MET C 188 -61.55 22.58 -19.63
N GLU C 189 -62.70 23.11 -20.03
CA GLU C 189 -63.32 22.70 -21.29
C GLU C 189 -62.72 23.38 -22.51
N THR C 190 -62.31 24.64 -22.37
CA THR C 190 -61.55 25.32 -23.43
C THR C 190 -60.40 24.45 -23.94
N LEU C 191 -59.84 23.63 -23.06
CA LEU C 191 -58.77 22.73 -23.44
C LEU C 191 -59.29 21.49 -24.18
N LYS C 192 -60.36 20.87 -23.68
CA LYS C 192 -61.04 19.80 -24.40
C LYS C 192 -61.34 20.22 -25.85
N LYS C 193 -61.69 21.49 -26.03
CA LYS C 193 -62.21 22.00 -27.29
C LYS C 193 -61.14 22.33 -28.33
N PHE C 194 -59.90 22.52 -27.88
CA PHE C 194 -58.76 22.60 -28.80
C PHE C 194 -57.82 21.41 -28.60
N ASP C 195 -58.39 20.29 -28.13
CA ASP C 195 -57.72 18.98 -28.18
C ASP C 195 -56.43 18.91 -27.34
N LYS C 196 -56.50 19.44 -26.13
CA LYS C 196 -55.32 19.90 -25.42
C LYS C 196 -55.45 19.69 -23.93
N GLU C 197 -56.32 18.76 -23.53
CA GLU C 197 -56.49 18.44 -22.11
C GLU C 197 -55.32 17.62 -21.62
N ASN C 198 -54.50 17.13 -22.56
CA ASN C 198 -53.29 16.41 -22.22
C ASN C 198 -52.19 17.41 -21.86
N SER C 199 -52.61 18.61 -21.47
CA SER C 199 -51.69 19.69 -21.16
C SER C 199 -51.27 19.69 -19.68
N VAL C 200 -52.22 19.98 -18.80
CA VAL C 200 -51.91 20.08 -17.38
C VAL C 200 -52.15 18.75 -16.70
N LEU C 201 -51.55 18.55 -15.53
CA LEU C 201 -52.05 17.55 -14.62
C LEU C 201 -52.76 18.33 -13.57
N THR C 202 -54.04 18.04 -13.39
CA THR C 202 -54.88 18.84 -12.54
C THR C 202 -55.40 17.94 -11.44
N GLU C 203 -55.95 18.55 -10.40
CA GLU C 203 -56.58 17.81 -9.31
C GLU C 203 -57.71 18.64 -8.74
N ARG C 204 -58.88 18.00 -8.59
CA ARG C 204 -60.11 18.70 -8.24
C ARG C 204 -60.42 18.52 -6.76
N THR C 205 -60.51 19.63 -6.03
CA THR C 205 -61.38 19.70 -4.86
C THR C 205 -62.44 20.75 -5.13
N VAL C 206 -63.47 20.75 -4.29
CA VAL C 206 -64.49 21.79 -4.27
C VAL C 206 -64.45 22.57 -2.95
N ILE C 207 -64.20 23.88 -3.04
CA ILE C 207 -63.95 24.70 -1.86
C ILE C 207 -64.91 25.90 -1.82
N ASN C 208 -65.58 26.08 -0.70
CA ASN C 208 -66.71 27.00 -0.58
C ASN C 208 -67.57 27.13 -1.85
N GLY C 209 -68.72 26.46 -1.85
CA GLY C 209 -69.65 26.50 -2.99
C GLY C 209 -69.09 25.91 -4.28
N GLU C 210 -68.46 26.76 -5.10
CA GLU C 210 -68.02 26.38 -6.44
C GLU C 210 -66.68 25.64 -6.41
N GLU C 211 -66.20 25.18 -7.56
CA GLU C 211 -65.14 24.17 -7.63
C GLU C 211 -63.92 24.55 -8.48
N ARG C 212 -62.92 23.67 -8.50
CA ARG C 212 -61.55 24.08 -8.80
C ARG C 212 -60.72 22.91 -9.32
N PHE C 213 -60.06 23.11 -10.46
CA PHE C 213 -59.14 22.12 -11.01
C PHE C 213 -57.70 22.57 -10.82
N VAL C 214 -57.09 22.14 -9.72
CA VAL C 214 -55.79 22.65 -9.31
C VAL C 214 -54.71 22.17 -10.26
N ILE C 215 -53.76 23.06 -10.57
CA ILE C 215 -52.61 22.69 -11.35
C ILE C 215 -51.55 22.07 -10.44
N LYS C 216 -51.11 20.87 -10.76
CA LYS C 216 -49.98 20.26 -10.05
C LYS C 216 -48.76 20.15 -10.95
N THR C 217 -48.97 20.22 -12.26
CA THR C 217 -47.87 20.35 -13.21
C THR C 217 -48.38 20.95 -14.49
N ILE C 218 -47.52 21.68 -15.20
CA ILE C 218 -47.85 22.23 -16.51
C ILE C 218 -46.98 21.58 -17.58
N ILE C 219 -47.59 21.08 -18.64
CA ILE C 219 -46.91 20.17 -19.57
C ILE C 219 -46.86 20.81 -20.94
N GLY C 220 -47.98 21.38 -21.37
CA GLY C 220 -48.05 22.04 -22.67
C GLY C 220 -48.26 21.06 -23.81
N SER C 221 -48.98 21.52 -24.83
CA SER C 221 -49.10 20.75 -26.07
C SER C 221 -48.00 21.05 -27.10
N GLU C 222 -47.18 22.06 -26.83
CA GLU C 222 -46.03 22.33 -27.69
C GLU C 222 -44.86 21.47 -27.28
N ASP C 223 -44.07 21.04 -28.27
CA ASP C 223 -42.84 20.29 -28.00
C ASP C 223 -41.63 21.19 -28.21
N GLY C 224 -40.84 21.32 -27.16
CA GLY C 224 -39.63 22.15 -27.19
C GLY C 224 -39.66 23.24 -26.16
N LEU C 225 -40.37 22.98 -25.06
CA LEU C 225 -40.39 23.88 -23.91
C LEU C 225 -39.19 23.63 -22.99
N GLY C 226 -38.94 22.35 -22.70
CA GLY C 226 -38.24 21.99 -21.48
C GLY C 226 -37.28 20.84 -21.67
N VAL C 227 -37.48 19.78 -20.88
CA VAL C 227 -36.46 18.74 -20.72
C VAL C 227 -36.35 17.88 -21.97
N GLU C 228 -37.38 17.90 -22.80
CA GLU C 228 -37.29 17.26 -24.11
C GLU C 228 -36.20 17.91 -24.92
N CYS C 229 -35.94 19.19 -24.67
CA CYS C 229 -34.81 19.89 -25.29
C CYS C 229 -33.47 19.42 -24.76
N LEU C 230 -33.46 18.94 -23.53
CA LEU C 230 -32.24 18.46 -22.94
C LEU C 230 -31.89 17.06 -23.42
N ARG C 231 -32.86 16.17 -23.48
CA ARG C 231 -32.59 14.83 -24.01
C ARG C 231 -31.99 15.04 -25.41
N GLY C 232 -32.60 15.97 -26.15
CA GLY C 232 -32.16 16.24 -27.49
C GLY C 232 -30.72 16.70 -27.57
N SER C 233 -30.33 17.60 -26.69
CA SER C 233 -28.96 18.09 -26.66
C SER C 233 -28.00 16.97 -26.29
N GLY C 234 -28.40 16.15 -25.32
CA GLY C 234 -27.55 15.07 -24.85
C GLY C 234 -27.28 14.12 -26.00
N LEU C 235 -28.35 13.81 -26.72
CA LEU C 235 -28.22 12.89 -27.82
C LEU C 235 -27.20 13.36 -28.85
N ILE C 236 -27.26 14.63 -29.24
CA ILE C 236 -26.33 15.09 -30.26
C ILE C 236 -24.92 15.33 -29.72
N ALA C 237 -24.84 15.50 -28.41
CA ALA C 237 -23.54 15.65 -27.77
C ALA C 237 -22.78 14.31 -27.77
N GLY C 238 -23.48 13.23 -27.43
CA GLY C 238 -22.88 11.91 -27.44
C GLY C 238 -22.61 11.48 -28.87
N ALA C 239 -23.43 11.97 -29.78
CA ALA C 239 -23.30 11.66 -31.19
C ALA C 239 -22.00 12.26 -31.71
N THR C 240 -21.70 13.49 -31.35
CA THR C 240 -20.52 14.12 -31.89
C THR C 240 -19.22 13.56 -31.31
N SER C 241 -19.26 13.24 -30.01
CA SER C 241 -18.18 12.48 -29.38
C SER C 241 -17.82 11.28 -30.24
N ARG C 242 -18.78 10.41 -30.51
CA ARG C 242 -18.53 9.27 -31.38
C ARG C 242 -18.03 9.67 -32.81
N ALA C 243 -18.61 10.67 -33.41
CA ALA C 243 -18.15 11.08 -34.73
C ALA C 243 -16.65 11.31 -34.74
N TYR C 244 -16.17 12.08 -33.77
CA TYR C 244 -14.76 12.44 -33.73
C TYR C 244 -13.89 11.18 -33.78
N HIS C 245 -14.35 10.13 -33.12
CA HIS C 245 -13.56 8.90 -33.08
C HIS C 245 -13.65 8.11 -34.35
N ASP C 246 -14.41 8.57 -35.32
CA ASP C 246 -14.86 7.69 -36.37
C ASP C 246 -14.68 8.32 -37.76
N ILE C 247 -15.08 9.58 -37.93
CA ILE C 247 -15.00 10.22 -39.23
C ILE C 247 -14.44 11.60 -39.04
N PHE C 248 -14.08 12.26 -40.11
CA PHE C 248 -13.38 13.54 -39.94
C PHE C 248 -14.42 14.57 -39.60
N THR C 249 -14.27 15.25 -38.45
CA THR C 249 -15.26 16.19 -37.97
C THR C 249 -14.62 17.56 -37.85
N ILE C 250 -15.29 18.60 -38.37
CA ILE C 250 -14.78 19.97 -38.31
C ILE C 250 -15.94 20.94 -38.19
N THR C 251 -15.68 22.10 -37.61
CA THR C 251 -16.73 23.07 -37.29
C THR C 251 -16.31 24.48 -37.63
N LEU C 252 -17.16 25.18 -38.39
CA LEU C 252 -17.03 26.62 -38.62
C LEU C 252 -18.02 27.36 -37.75
N VAL C 253 -17.51 28.21 -36.86
CA VAL C 253 -18.37 29.05 -36.05
C VAL C 253 -18.53 30.35 -36.77
N THR C 254 -19.74 30.56 -37.28
CA THR C 254 -20.03 31.47 -38.37
C THR C 254 -20.90 32.56 -37.79
N CYS C 255 -21.65 32.21 -36.77
CA CYS C 255 -22.31 33.20 -35.93
C CYS C 255 -22.11 32.74 -34.49
N ARG C 256 -22.66 33.45 -33.53
CA ARG C 256 -22.49 33.01 -32.17
C ARG C 256 -22.92 31.55 -31.98
N SER C 257 -22.20 30.83 -31.14
CA SER C 257 -22.61 29.49 -30.79
C SER C 257 -22.77 29.34 -29.29
N VAL C 258 -23.97 28.93 -28.88
CA VAL C 258 -24.37 29.02 -27.48
C VAL C 258 -24.73 27.67 -26.87
N GLY C 259 -24.37 27.49 -25.61
CA GLY C 259 -24.74 26.30 -24.85
C GLY C 259 -24.34 24.98 -25.48
N ILE C 260 -25.32 24.13 -25.72
CA ILE C 260 -25.08 22.95 -26.51
C ILE C 260 -24.33 23.27 -27.80
N GLY C 261 -24.61 24.44 -28.38
CA GLY C 261 -23.88 24.93 -29.55
C GLY C 261 -22.40 25.00 -29.30
N ALA C 262 -21.99 25.54 -28.16
CA ALA C 262 -20.58 25.57 -27.81
C ALA C 262 -19.98 24.18 -27.58
N TYR C 263 -20.60 23.34 -26.75
CA TYR C 263 -20.04 22.00 -26.57
C TYR C 263 -19.88 21.21 -27.87
N LEU C 264 -20.76 21.45 -28.84
CA LEU C 264 -20.63 20.78 -30.11
C LEU C 264 -19.36 21.22 -30.80
N VAL C 265 -18.98 22.49 -30.66
CA VAL C 265 -17.74 22.84 -31.29
C VAL C 265 -16.54 22.18 -30.67
N ARG C 266 -16.55 21.98 -29.36
CA ARG C 266 -15.45 21.25 -28.73
C ARG C 266 -15.51 19.80 -29.15
N LEU C 267 -16.66 19.17 -28.94
CA LEU C 267 -16.78 17.73 -29.03
C LEU C 267 -16.29 17.20 -30.39
N GLY C 268 -16.43 17.99 -31.44
CA GLY C 268 -15.90 17.59 -32.73
C GLY C 268 -14.43 18.00 -32.88
N GLN C 269 -13.88 18.56 -31.79
CA GLN C 269 -12.48 19.00 -31.71
C GLN C 269 -12.05 20.07 -32.73
N ARG C 270 -11.91 19.70 -33.99
CA ARG C 270 -11.43 20.67 -34.98
C ARG C 270 -12.41 21.84 -35.18
N ALA C 271 -11.93 23.07 -35.00
CA ALA C 271 -12.82 24.23 -34.98
C ALA C 271 -12.14 25.44 -35.57
N ILE C 272 -12.88 26.16 -36.41
CA ILE C 272 -12.38 27.40 -37.02
C ILE C 272 -13.37 28.54 -36.70
N GLN C 273 -12.90 29.60 -36.04
CA GLN C 273 -13.78 30.62 -35.51
C GLN C 273 -13.65 31.87 -36.38
N VAL C 274 -14.76 32.47 -36.74
CA VAL C 274 -14.73 33.70 -37.46
C VAL C 274 -14.69 34.86 -36.47
N GLU C 275 -13.92 35.90 -36.81
CA GLU C 275 -13.66 36.97 -35.88
C GLU C 275 -14.96 37.67 -35.63
N GLY C 276 -15.21 38.07 -34.40
CA GLY C 276 -16.47 38.68 -34.03
C GLY C 276 -17.59 37.71 -33.68
N GLN C 277 -17.36 36.42 -33.83
CA GLN C 277 -18.42 35.47 -33.55
C GLN C 277 -18.10 34.60 -32.34
N PRO C 278 -18.71 34.91 -31.20
CA PRO C 278 -18.38 34.29 -29.92
C PRO C 278 -18.81 32.82 -29.76
N ILE C 279 -18.03 32.06 -29.00
CA ILE C 279 -18.46 30.77 -28.47
C ILE C 279 -18.68 30.85 -26.98
N ILE C 280 -19.91 30.67 -26.53
CA ILE C 280 -20.25 31.00 -25.16
C ILE C 280 -21.21 29.99 -24.57
N LEU C 281 -21.14 29.81 -23.26
CA LEU C 281 -22.07 28.93 -22.55
C LEU C 281 -23.33 29.65 -22.13
N THR C 282 -23.18 30.83 -21.53
CA THR C 282 -24.28 31.80 -21.48
C THR C 282 -23.76 33.23 -21.68
N GLY C 283 -24.63 34.13 -22.10
CA GLY C 283 -24.19 35.41 -22.62
C GLY C 283 -24.08 36.44 -21.51
N ALA C 284 -23.39 37.53 -21.82
CA ALA C 284 -23.00 38.52 -20.82
C ALA C 284 -24.19 39.10 -20.04
N PRO C 285 -25.33 39.28 -20.72
CA PRO C 285 -26.47 39.84 -19.98
C PRO C 285 -26.92 38.93 -18.84
N ALA C 286 -26.99 37.62 -19.10
CA ALA C 286 -27.35 36.63 -18.06
C ALA C 286 -26.38 36.56 -16.89
N ILE C 287 -25.08 36.59 -17.18
CA ILE C 287 -24.08 36.58 -16.14
C ILE C 287 -24.02 37.90 -15.37
N ASN C 288 -24.12 39.01 -16.08
CA ASN C 288 -24.20 40.31 -15.42
C ASN C 288 -25.31 40.33 -14.38
N LYS C 289 -26.31 39.46 -14.57
CA LYS C 289 -27.49 39.43 -13.70
C LYS C 289 -27.20 38.72 -12.38
N MET C 290 -26.58 37.55 -12.44
CA MET C 290 -26.27 36.80 -11.24
C MET C 290 -24.96 37.28 -10.58
N LEU C 291 -24.42 38.41 -11.05
CA LEU C 291 -23.31 39.08 -10.34
C LEU C 291 -23.71 40.48 -9.84
N GLY C 292 -24.90 40.93 -10.22
CA GLY C 292 -25.47 42.15 -9.65
C GLY C 292 -24.96 43.45 -10.27
N ARG C 293 -23.75 43.42 -10.82
CA ARG C 293 -23.19 44.60 -11.48
C ARG C 293 -22.99 44.35 -12.98
N GLU C 294 -22.70 45.40 -13.73
CA GLU C 294 -22.51 45.30 -15.17
C GLU C 294 -21.05 45.08 -15.55
N VAL C 295 -20.55 43.88 -15.29
CA VAL C 295 -19.12 43.54 -15.46
C VAL C 295 -18.70 43.24 -16.92
N TYR C 296 -19.54 42.51 -17.66
CA TYR C 296 -19.23 42.21 -19.05
C TYR C 296 -19.93 43.13 -20.08
N THR C 297 -19.15 43.59 -21.05
CA THR C 297 -19.62 44.57 -22.05
C THR C 297 -20.12 43.91 -23.35
N SER C 298 -19.37 42.91 -23.84
CA SER C 298 -19.84 42.12 -24.98
C SER C 298 -19.59 40.62 -24.76
N ASN C 299 -20.35 39.76 -25.44
CA ASN C 299 -20.04 38.33 -25.38
C ASN C 299 -18.63 38.00 -25.83
N LEU C 300 -17.98 38.94 -26.51
CA LEU C 300 -16.65 38.63 -27.02
C LEU C 300 -15.62 38.46 -25.90
N GLN C 301 -15.88 39.06 -24.74
CA GLN C 301 -15.02 38.84 -23.59
C GLN C 301 -15.16 37.44 -23.02
N LEU C 302 -16.24 36.74 -23.38
CA LEU C 302 -16.47 35.40 -22.87
C LEU C 302 -15.98 34.37 -23.86
N GLY C 303 -16.14 34.68 -25.15
CA GLY C 303 -16.12 33.65 -26.19
C GLY C 303 -15.60 34.16 -27.50
N GLY C 304 -14.89 35.29 -27.45
CA GLY C 304 -14.23 35.81 -28.63
C GLY C 304 -12.99 35.03 -29.00
N THR C 305 -12.31 35.44 -30.06
CA THR C 305 -11.11 34.73 -30.47
C THR C 305 -9.97 34.92 -29.48
N GLN C 306 -9.87 36.12 -28.90
CA GLN C 306 -8.94 36.31 -27.78
C GLN C 306 -9.05 35.28 -26.64
N ILE C 307 -10.23 34.68 -26.47
CA ILE C 307 -10.34 33.56 -25.55
C ILE C 307 -10.14 32.23 -26.26
N MET C 308 -11.01 31.91 -27.21
CA MET C 308 -11.04 30.56 -27.70
C MET C 308 -9.85 30.19 -28.61
N TYR C 309 -9.21 31.20 -29.20
CA TYR C 309 -8.03 30.95 -30.04
C TYR C 309 -6.79 30.84 -29.18
N ASN C 310 -6.62 31.75 -28.22
CA ASN C 310 -5.65 31.53 -27.14
C ASN C 310 -5.77 30.22 -26.32
N ASN C 311 -6.98 29.69 -26.21
CA ASN C 311 -7.31 28.44 -25.52
C ASN C 311 -6.77 27.20 -26.18
N GLY C 312 -6.84 27.22 -27.50
CA GLY C 312 -6.82 25.97 -28.23
C GLY C 312 -8.20 25.44 -28.51
N VAL C 313 -9.25 26.17 -28.17
CA VAL C 313 -10.56 25.69 -28.56
C VAL C 313 -10.85 25.90 -30.03
N SER C 314 -10.54 27.09 -30.53
CA SER C 314 -10.53 27.31 -31.97
C SER C 314 -9.14 26.99 -32.52
N HIS C 315 -9.08 26.15 -33.55
CA HIS C 315 -7.79 25.81 -34.15
C HIS C 315 -7.30 26.93 -35.03
N LEU C 316 -8.23 27.56 -35.77
CA LEU C 316 -7.90 28.61 -36.71
C LEU C 316 -8.90 29.71 -36.57
N THR C 317 -8.47 30.92 -36.84
CA THR C 317 -9.33 32.07 -36.90
C THR C 317 -9.60 32.34 -38.39
N ALA C 318 -10.70 33.03 -38.68
CA ALA C 318 -10.98 33.43 -40.05
C ALA C 318 -11.60 34.79 -40.11
N VAL C 319 -11.24 35.53 -41.15
CA VAL C 319 -11.71 36.88 -41.32
C VAL C 319 -13.21 37.00 -41.66
N ASP C 320 -13.77 36.00 -42.35
CA ASP C 320 -15.20 35.93 -42.69
C ASP C 320 -15.50 34.56 -43.23
N ASP C 321 -16.70 34.36 -43.77
CA ASP C 321 -17.20 32.98 -44.03
C ASP C 321 -16.53 32.22 -45.18
N LEU C 322 -16.35 32.92 -46.31
CA LEU C 322 -15.50 32.41 -47.38
C LEU C 322 -14.13 31.93 -46.88
N ALA C 323 -13.41 32.78 -46.16
CA ALA C 323 -12.11 32.41 -45.55
C ALA C 323 -12.29 31.17 -44.66
N GLY C 324 -13.35 31.15 -43.87
CA GLY C 324 -13.61 29.98 -43.05
C GLY C 324 -13.72 28.77 -43.95
N VAL C 325 -14.38 28.97 -45.08
CA VAL C 325 -14.74 27.84 -45.92
C VAL C 325 -13.53 27.43 -46.73
N GLU C 326 -12.73 28.42 -47.12
CA GLU C 326 -11.47 28.15 -47.79
C GLU C 326 -10.55 27.32 -46.93
N LYS C 327 -10.39 27.73 -45.67
CA LYS C 327 -9.68 26.92 -44.66
C LYS C 327 -10.23 25.51 -44.42
N ILE C 328 -11.54 25.34 -44.30
CA ILE C 328 -12.08 23.96 -44.17
C ILE C 328 -11.71 23.09 -45.37
N VAL C 329 -11.67 23.69 -46.55
CA VAL C 329 -11.37 22.95 -47.75
C VAL C 329 -9.88 22.61 -47.88
N GLU C 330 -9.03 23.51 -47.42
CA GLU C 330 -7.61 23.26 -47.46
C GLU C 330 -7.22 22.22 -46.38
N TRP C 331 -7.92 22.24 -45.26
CA TRP C 331 -7.67 21.26 -44.19
C TRP C 331 -8.10 19.91 -44.69
N MET C 332 -9.17 19.89 -45.46
CA MET C 332 -9.75 18.64 -45.93
C MET C 332 -8.87 17.99 -46.99
N SER C 333 -7.95 18.76 -47.57
CA SER C 333 -7.19 18.25 -48.68
C SER C 333 -6.15 17.27 -48.20
N TYR C 334 -5.96 17.18 -46.88
CA TYR C 334 -4.97 16.27 -46.33
C TYR C 334 -5.64 14.97 -45.94
N VAL C 335 -6.95 14.93 -46.01
CA VAL C 335 -7.67 13.88 -45.32
C VAL C 335 -8.21 12.84 -46.30
N PRO C 336 -8.21 11.58 -45.91
CA PRO C 336 -8.72 10.59 -46.85
C PRO C 336 -10.12 10.93 -47.26
N ALA C 337 -10.53 10.50 -48.43
CA ALA C 337 -11.87 10.78 -48.93
C ALA C 337 -12.95 10.10 -48.06
N LYS C 338 -12.57 9.06 -47.35
CA LYS C 338 -13.47 8.54 -46.36
C LYS C 338 -12.77 7.54 -45.46
N ARG C 339 -13.42 7.20 -44.35
CA ARG C 339 -12.78 6.32 -43.35
C ARG C 339 -12.09 5.12 -43.97
N ASN C 340 -10.79 5.00 -43.70
CA ASN C 340 -10.07 3.80 -44.02
C ASN C 340 -9.54 3.76 -45.42
N MET C 341 -9.75 4.82 -46.17
CA MET C 341 -9.07 4.95 -47.44
C MET C 341 -7.63 5.40 -47.23
N PRO C 342 -6.74 5.06 -48.17
CA PRO C 342 -5.37 5.60 -48.16
C PRO C 342 -5.43 7.10 -48.02
N VAL C 343 -4.46 7.67 -47.31
CA VAL C 343 -4.29 9.12 -47.31
C VAL C 343 -3.95 9.69 -48.70
N PRO C 344 -4.48 10.88 -49.02
CA PRO C 344 -4.58 11.38 -50.41
C PRO C 344 -3.26 11.95 -50.89
N ILE C 345 -2.56 11.19 -51.71
CA ILE C 345 -1.27 11.61 -52.20
C ILE C 345 -1.42 12.68 -53.29
N LEU C 346 -0.67 13.77 -53.17
CA LEU C 346 -0.69 14.84 -54.16
C LEU C 346 0.69 15.47 -54.44
N GLU C 347 1.37 15.00 -55.49
CA GLU C 347 2.73 15.46 -55.79
C GLU C 347 2.68 16.82 -56.49
N THR C 348 3.54 17.75 -56.07
CA THR C 348 3.55 19.07 -56.71
C THR C 348 4.90 19.33 -57.38
N LYS C 349 5.17 20.60 -57.73
CA LYS C 349 6.43 20.98 -58.39
C LYS C 349 7.66 20.56 -57.57
N ASP C 350 7.48 20.39 -56.27
CA ASP C 350 8.59 20.15 -55.36
C ASP C 350 8.61 18.66 -54.99
N THR C 351 9.26 17.88 -55.84
CA THR C 351 9.27 16.43 -55.70
C THR C 351 10.24 16.00 -54.62
N TRP C 352 10.35 14.70 -54.36
CA TRP C 352 11.22 14.18 -53.28
C TRP C 352 12.74 14.36 -53.53
N ASP C 353 13.15 14.25 -54.78
CA ASP C 353 14.56 14.06 -55.04
C ASP C 353 15.37 15.39 -55.06
N ARG C 354 15.51 15.98 -53.88
CA ARG C 354 16.37 17.15 -53.62
C ARG C 354 16.93 17.07 -52.17
N PRO C 355 18.04 17.81 -51.89
CA PRO C 355 18.58 17.99 -50.52
C PRO C 355 17.72 18.93 -49.68
N VAL C 356 18.01 19.07 -48.40
CA VAL C 356 17.25 19.99 -47.57
C VAL C 356 18.13 21.19 -47.31
N ASP C 357 17.67 22.40 -47.66
CA ASP C 357 18.55 23.57 -47.84
C ASP C 357 18.82 24.28 -46.51
N PHE C 358 17.74 24.68 -45.83
CA PHE C 358 17.86 25.35 -44.54
C PHE C 358 18.33 24.42 -43.41
N THR C 359 19.40 24.84 -42.74
CA THR C 359 19.95 24.14 -41.59
C THR C 359 20.09 25.06 -40.39
N PRO C 360 19.56 24.65 -39.23
CA PRO C 360 19.78 25.45 -38.04
C PRO C 360 21.24 25.41 -37.63
N THR C 361 21.74 26.47 -37.00
CA THR C 361 23.13 26.52 -36.53
C THR C 361 23.16 26.54 -35.02
N ASN C 362 24.23 25.99 -34.43
CA ASN C 362 24.39 25.90 -32.96
C ASN C 362 24.00 27.05 -32.01
N ASP C 363 24.16 28.27 -32.50
CA ASP C 363 24.42 29.55 -31.85
C ASP C 363 23.54 30.61 -32.48
N GLU C 364 22.98 30.29 -33.65
CA GLU C 364 22.08 31.20 -34.35
C GLU C 364 20.63 30.85 -34.01
N THR C 365 19.79 31.89 -33.97
CA THR C 365 18.38 31.72 -33.62
C THR C 365 17.54 31.47 -34.89
N TYR C 366 16.72 30.42 -34.90
CA TYR C 366 15.91 30.10 -36.07
C TYR C 366 14.45 29.90 -35.72
N ASP C 367 13.62 29.66 -36.72
CA ASP C 367 12.22 29.41 -36.49
C ASP C 367 11.95 28.04 -37.08
N VAL C 368 11.47 27.10 -36.27
CA VAL C 368 11.34 25.74 -36.74
C VAL C 368 10.68 25.71 -38.09
N ARG C 369 9.71 26.59 -38.29
CA ARG C 369 8.97 26.58 -39.55
C ARG C 369 9.89 26.58 -40.77
N TRP C 370 10.98 27.34 -40.67
CA TRP C 370 12.03 27.28 -41.67
C TRP C 370 12.45 25.85 -41.94
N MET C 371 12.69 25.10 -40.89
CA MET C 371 13.09 23.72 -41.05
C MET C 371 12.01 22.88 -41.68
N ILE C 372 10.77 23.24 -41.41
CA ILE C 372 9.64 22.47 -41.90
C ILE C 372 9.26 22.78 -43.35
N GLU C 373 9.17 24.05 -43.70
CA GLU C 373 8.52 24.42 -44.94
C GLU C 373 9.37 25.36 -45.74
N GLY C 374 10.61 25.53 -45.34
CA GLY C 374 11.53 26.40 -46.06
C GLY C 374 11.42 27.85 -45.63
N ARG C 375 12.09 28.73 -46.36
CA ARG C 375 12.37 30.08 -45.89
C ARG C 375 12.73 30.88 -47.11
N GLU C 376 11.94 31.88 -47.42
CA GLU C 376 12.34 32.87 -48.42
C GLU C 376 13.55 33.65 -47.89
N THR C 377 14.43 34.09 -48.79
CA THR C 377 15.67 34.76 -48.42
C THR C 377 15.97 35.75 -49.51
N GLU C 378 16.94 36.62 -49.25
CA GLU C 378 17.26 37.73 -50.12
C GLU C 378 17.91 37.24 -51.42
N SER C 379 18.55 36.08 -51.38
CA SER C 379 19.13 35.47 -52.58
C SER C 379 18.60 34.06 -52.90
N GLY C 380 17.28 33.93 -52.98
CA GLY C 380 16.64 32.67 -53.37
C GLY C 380 15.98 32.05 -52.15
N PHE C 381 15.03 31.14 -52.40
CA PHE C 381 14.32 30.40 -51.35
C PHE C 381 15.17 29.22 -50.86
N GLU C 382 15.05 28.85 -49.58
CA GLU C 382 15.72 27.64 -49.07
C GLU C 382 14.68 26.61 -48.67
N TYR C 383 14.72 25.46 -49.33
CA TYR C 383 13.72 24.42 -49.13
C TYR C 383 13.95 23.74 -47.79
N GLY C 384 12.87 23.32 -47.16
CA GLY C 384 12.99 22.61 -45.90
C GLY C 384 12.69 21.13 -46.07
N LEU C 385 12.34 20.49 -44.98
CA LEU C 385 12.12 19.06 -45.00
C LEU C 385 10.90 18.74 -45.85
N PHE C 386 9.85 19.56 -45.74
CA PHE C 386 8.56 19.23 -46.34
C PHE C 386 8.27 20.07 -47.58
N ASP C 387 7.25 19.70 -48.34
CA ASP C 387 7.12 20.26 -49.68
C ASP C 387 6.89 21.77 -49.58
N LYS C 388 7.56 22.54 -50.43
CA LYS C 388 7.26 23.95 -50.55
C LYS C 388 5.79 24.18 -50.64
N GLY C 389 5.24 24.99 -49.73
CA GLY C 389 3.84 25.39 -49.80
C GLY C 389 2.84 24.49 -49.08
N SER C 390 3.30 23.41 -48.45
CA SER C 390 2.36 22.41 -47.98
C SER C 390 2.02 22.47 -46.49
N PHE C 391 2.60 23.41 -45.77
CA PHE C 391 2.47 23.44 -44.34
C PHE C 391 1.23 24.22 -43.93
N PHE C 392 0.33 23.56 -43.22
CA PHE C 392 -0.89 24.14 -42.77
C PHE C 392 -0.87 23.99 -41.26
N GLU C 393 -0.44 25.04 -40.58
CA GLU C 393 -0.27 25.03 -39.12
C GLU C 393 -1.63 25.24 -38.49
N THR C 394 -1.92 24.51 -37.42
CA THR C 394 -3.15 24.70 -36.69
C THR C 394 -2.86 24.83 -35.20
N LEU C 395 -3.84 25.28 -34.42
CA LEU C 395 -3.63 25.62 -33.01
C LEU C 395 -2.53 26.66 -32.85
N SER C 396 -2.39 27.52 -33.85
CA SER C 396 -1.34 28.52 -33.88
C SER C 396 -1.44 29.60 -32.81
N GLY C 397 -2.53 29.62 -32.06
CA GLY C 397 -2.80 30.72 -31.13
C GLY C 397 -2.57 30.34 -29.68
N TRP C 398 -2.33 29.05 -29.44
CA TRP C 398 -2.38 28.48 -28.10
C TRP C 398 -1.07 27.77 -27.88
N ALA C 399 -0.50 27.90 -26.69
CA ALA C 399 0.67 27.07 -26.36
C ALA C 399 1.72 27.06 -27.48
N LYS C 400 2.26 28.23 -27.80
CA LYS C 400 3.11 28.41 -29.01
C LYS C 400 4.54 27.87 -28.87
N GLY C 401 4.82 27.21 -27.75
CA GLY C 401 6.06 26.47 -27.58
C GLY C 401 6.17 25.20 -28.38
N VAL C 402 5.06 24.50 -28.65
CA VAL C 402 5.04 23.46 -29.68
C VAL C 402 4.44 24.10 -30.93
N VAL C 403 4.66 23.46 -32.09
CA VAL C 403 4.14 23.92 -33.39
C VAL C 403 3.57 22.74 -34.16
N VAL C 404 2.29 22.79 -34.55
CA VAL C 404 1.65 21.66 -35.22
C VAL C 404 0.96 22.03 -36.51
N GLY C 405 1.11 21.19 -37.52
CA GLY C 405 0.47 21.41 -38.81
C GLY C 405 0.30 20.13 -39.60
N ARG C 406 -0.43 20.20 -40.70
CA ARG C 406 -0.32 19.21 -41.74
C ARG C 406 0.76 19.69 -42.69
N ALA C 407 1.46 18.72 -43.31
CA ALA C 407 2.33 18.98 -44.46
C ALA C 407 2.38 17.77 -45.40
N ARG C 408 3.01 17.94 -46.55
CA ARG C 408 3.25 16.83 -47.47
C ARG C 408 4.75 16.55 -47.72
N LEU C 409 5.11 15.28 -47.79
CA LEU C 409 6.48 14.88 -48.02
C LEU C 409 6.56 14.18 -49.38
N GLY C 410 7.09 14.93 -50.36
CA GLY C 410 6.99 14.55 -51.78
C GLY C 410 5.66 13.90 -52.14
N GLY C 411 4.57 14.51 -51.66
CA GLY C 411 3.24 14.11 -52.06
C GLY C 411 2.46 13.54 -50.89
N ILE C 412 3.15 12.86 -49.97
CA ILE C 412 2.48 12.17 -48.87
C ILE C 412 2.11 13.15 -47.75
N PRO C 413 0.81 13.29 -47.45
CA PRO C 413 0.40 14.09 -46.28
C PRO C 413 0.72 13.40 -44.93
N LEU C 414 0.97 14.20 -43.90
CA LEU C 414 1.20 13.65 -42.59
C LEU C 414 1.12 14.81 -41.62
N GLY C 415 0.84 14.49 -40.37
CA GLY C 415 0.99 15.46 -39.28
C GLY C 415 2.45 15.73 -38.92
N VAL C 416 2.70 16.93 -38.42
CA VAL C 416 4.05 17.32 -38.05
C VAL C 416 4.00 18.00 -36.69
N ILE C 417 4.94 17.69 -35.82
CA ILE C 417 5.11 18.45 -34.60
C ILE C 417 6.56 18.90 -34.47
N GLY C 418 6.74 20.18 -34.24
CA GLY C 418 8.07 20.75 -34.20
C GLY C 418 8.15 21.52 -32.91
N VAL C 419 9.36 21.94 -32.52
CA VAL C 419 9.53 22.50 -31.20
C VAL C 419 10.05 23.91 -31.32
N GLU C 420 9.29 24.85 -30.78
CA GLU C 420 9.63 26.25 -30.85
C GLU C 420 10.86 26.56 -30.00
N THR C 421 11.92 27.05 -30.62
CA THR C 421 13.15 27.30 -29.89
C THR C 421 13.21 28.65 -29.20
N ARG C 422 12.44 29.63 -29.66
CA ARG C 422 12.39 30.94 -29.02
C ARG C 422 11.43 31.03 -27.84
N THR C 423 11.72 31.91 -26.89
CA THR C 423 10.84 32.09 -25.74
C THR C 423 9.50 32.64 -26.18
N VAL C 424 8.42 32.22 -25.51
CA VAL C 424 7.11 32.78 -25.77
C VAL C 424 6.67 33.68 -24.63
N GLU C 425 6.33 34.94 -24.95
CA GLU C 425 5.50 35.80 -24.12
C GLU C 425 4.07 35.32 -24.18
N ASN C 426 3.58 34.73 -23.11
CA ASN C 426 2.15 34.44 -22.98
C ASN C 426 1.55 35.51 -22.07
N LEU C 427 0.50 36.19 -22.55
CA LEU C 427 -0.10 37.32 -21.81
C LEU C 427 -1.52 36.99 -21.39
N ILE C 428 -1.69 36.48 -20.17
CA ILE C 428 -3.01 36.24 -19.59
C ILE C 428 -3.69 37.58 -19.27
N PRO C 429 -4.93 37.77 -19.76
CA PRO C 429 -5.71 38.99 -19.45
C PRO C 429 -6.22 39.04 -17.99
N ALA C 430 -6.68 40.21 -17.55
CA ALA C 430 -7.33 40.33 -16.25
C ALA C 430 -8.76 39.77 -16.25
N ASP C 431 -9.11 38.98 -15.23
CA ASP C 431 -10.52 38.71 -14.89
C ASP C 431 -11.30 40.00 -14.48
N PRO C 432 -12.23 40.47 -15.35
CA PRO C 432 -12.93 41.70 -15.01
C PRO C 432 -13.93 41.48 -13.87
N ALA C 433 -14.01 40.25 -13.38
CA ALA C 433 -14.93 39.90 -12.29
C ALA C 433 -14.26 39.95 -10.91
N ASN C 434 -12.95 39.72 -10.87
CA ASN C 434 -12.15 40.16 -9.73
C ASN C 434 -11.69 41.61 -9.90
N PRO C 435 -12.22 42.52 -9.07
CA PRO C 435 -11.88 43.94 -9.19
C PRO C 435 -10.37 44.18 -9.18
N ASN C 436 -9.67 43.35 -8.40
CA ASN C 436 -8.26 43.57 -8.12
C ASN C 436 -7.38 42.66 -8.97
N SER C 437 -7.64 42.64 -10.27
CA SER C 437 -7.04 41.64 -11.15
C SER C 437 -6.03 42.27 -12.11
N ALA C 438 -4.84 41.68 -12.15
CA ALA C 438 -3.79 42.13 -13.05
C ALA C 438 -3.75 41.19 -14.25
N GLU C 439 -3.39 41.72 -15.41
CA GLU C 439 -2.96 40.88 -16.51
C GLU C 439 -1.49 40.54 -16.31
N THR C 440 -1.03 39.48 -16.99
CA THR C 440 0.06 38.65 -16.50
C THR C 440 0.91 38.19 -17.67
N LEU C 441 2.22 38.42 -17.56
CA LEU C 441 3.20 37.75 -18.43
C LEU C 441 3.57 36.37 -17.89
N ILE C 442 3.55 35.36 -18.76
CA ILE C 442 4.22 34.11 -18.47
C ILE C 442 5.37 33.95 -19.48
N GLN C 443 6.60 33.85 -18.99
CA GLN C 443 7.70 33.46 -19.88
C GLN C 443 7.72 31.94 -20.13
N GLU C 444 7.76 31.54 -21.39
CA GLU C 444 7.81 30.11 -21.70
C GLU C 444 9.13 29.79 -22.40
N PRO C 445 10.08 29.20 -21.65
CA PRO C 445 11.38 28.89 -22.23
C PRO C 445 11.25 27.86 -23.36
N GLY C 446 11.93 28.11 -24.48
CA GLY C 446 12.01 27.16 -25.60
C GLY C 446 12.46 25.75 -25.22
N GLN C 447 11.93 24.75 -25.92
CA GLN C 447 12.38 23.36 -25.79
C GLN C 447 12.13 22.83 -24.38
N VAL C 448 11.12 23.39 -23.74
CA VAL C 448 10.62 22.84 -22.50
C VAL C 448 9.15 22.50 -22.64
N TRP C 449 8.76 21.30 -22.23
CA TRP C 449 7.33 21.00 -22.08
C TRP C 449 6.72 21.71 -20.89
N HIS C 450 5.66 22.49 -21.13
CA HIS C 450 4.83 23.06 -20.04
C HIS C 450 3.47 22.39 -20.05
N PRO C 451 2.64 22.61 -19.02
CA PRO C 451 1.31 21.99 -19.05
C PRO C 451 0.57 22.22 -20.37
N ASN C 452 0.50 23.46 -20.85
CA ASN C 452 -0.18 23.71 -22.14
C ASN C 452 0.48 23.07 -23.39
N SER C 453 1.77 23.32 -23.53
CA SER C 453 2.61 22.72 -24.52
C SER C 453 2.43 21.20 -24.56
N ALA C 454 2.28 20.54 -23.40
CA ALA C 454 2.11 19.09 -23.39
C ALA C 454 0.69 18.71 -23.84
N PHE C 455 -0.29 19.44 -23.33
CA PHE C 455 -1.65 19.26 -23.75
C PHE C 455 -1.74 19.38 -25.27
N LYS C 456 -1.04 20.34 -25.84
CA LYS C 456 -1.25 20.62 -27.23
C LYS C 456 -0.64 19.48 -28.06
N THR C 457 0.50 19.00 -27.60
CA THR C 457 1.09 17.83 -28.21
C THR C 457 0.13 16.65 -28.16
N ALA C 458 -0.42 16.33 -26.99
CA ALA C 458 -1.33 15.20 -26.94
C ALA C 458 -2.54 15.43 -27.83
N GLN C 459 -3.07 16.65 -27.79
CA GLN C 459 -4.17 17.00 -28.67
C GLN C 459 -3.88 16.70 -30.13
N ALA C 460 -2.73 17.18 -30.61
CA ALA C 460 -2.41 17.08 -32.02
C ALA C 460 -2.26 15.63 -32.43
N ILE C 461 -1.47 14.87 -31.69
CA ILE C 461 -1.45 13.41 -31.82
C ILE C 461 -2.83 12.80 -31.97
N ASN C 462 -3.73 13.10 -31.06
CA ASN C 462 -5.07 12.58 -31.19
C ASN C 462 -5.77 13.03 -32.48
N ASP C 463 -5.68 14.31 -32.83
CA ASP C 463 -6.34 14.79 -34.06
C ASP C 463 -5.70 14.25 -35.35
N PHE C 464 -4.41 13.98 -35.35
CA PHE C 464 -3.84 13.28 -36.48
C PHE C 464 -4.49 11.93 -36.62
N ASN C 465 -4.82 11.33 -35.50
CA ASN C 465 -5.03 9.91 -35.52
C ASN C 465 -6.50 9.63 -35.86
N ASN C 466 -7.41 10.47 -35.37
CA ASN C 466 -8.79 10.07 -35.24
C ASN C 466 -9.69 10.17 -36.44
N GLY C 467 -9.64 11.24 -37.21
CA GLY C 467 -10.40 11.15 -38.45
C GLY C 467 -9.52 11.39 -39.64
N GLU C 468 -8.60 12.34 -39.49
CA GLU C 468 -7.52 12.51 -40.39
C GLU C 468 -6.81 11.17 -40.70
N GLN C 469 -6.64 10.29 -39.71
CA GLN C 469 -5.98 8.99 -39.95
C GLN C 469 -4.63 9.06 -40.63
N LEU C 470 -3.80 10.05 -40.31
CA LEU C 470 -2.53 10.33 -40.95
C LEU C 470 -1.32 9.60 -40.29
N PRO C 471 -0.24 9.42 -41.07
CA PRO C 471 1.03 9.20 -40.39
C PRO C 471 1.50 10.52 -39.75
N MET C 472 2.55 10.48 -38.94
CA MET C 472 2.96 11.67 -38.20
C MET C 472 4.47 11.70 -38.13
N MET C 473 5.04 12.89 -38.17
CA MET C 473 6.45 13.06 -37.79
C MET C 473 6.62 14.07 -36.64
N ILE C 474 7.35 13.66 -35.61
CA ILE C 474 7.70 14.59 -34.56
C ILE C 474 9.19 14.94 -34.62
N LEU C 475 9.48 16.21 -34.88
CA LEU C 475 10.82 16.69 -34.81
C LEU C 475 11.25 16.95 -33.37
N ALA C 476 11.44 15.87 -32.61
CA ALA C 476 11.53 15.94 -31.17
C ALA C 476 12.77 16.71 -30.77
N ASN C 477 12.62 17.74 -29.94
CA ASN C 477 13.72 18.62 -29.54
C ASN C 477 13.45 19.33 -28.20
N TRP C 478 13.03 18.53 -27.22
CA TRP C 478 12.75 19.03 -25.89
C TRP C 478 13.88 18.81 -24.93
N ARG C 479 14.15 19.80 -24.09
CA ARG C 479 15.13 19.65 -23.03
C ARG C 479 14.54 19.10 -21.77
N GLY C 480 13.22 19.14 -21.65
CA GLY C 480 12.52 18.37 -20.64
C GLY C 480 11.17 18.97 -20.28
N PHE C 481 10.61 18.57 -19.14
CA PHE C 481 9.36 19.14 -18.65
C PHE C 481 9.74 20.19 -17.64
N SER C 482 8.92 21.22 -17.50
CA SER C 482 9.14 22.21 -16.47
C SER C 482 8.57 21.69 -15.17
N GLY C 483 9.41 21.53 -14.16
CA GLY C 483 9.01 20.83 -12.95
C GLY C 483 9.16 21.72 -11.75
N GLY C 484 9.03 23.02 -11.95
CA GLY C 484 8.96 23.95 -10.84
C GLY C 484 7.55 24.10 -10.31
N GLN C 485 7.40 24.82 -9.22
CA GLN C 485 6.20 24.68 -8.43
C GLN C 485 4.94 25.01 -9.21
N ARG C 486 4.92 26.16 -9.88
CA ARG C 486 3.76 26.54 -10.68
C ARG C 486 3.39 25.42 -11.63
N ASP C 487 4.37 24.87 -12.31
CA ASP C 487 4.03 23.96 -13.38
C ASP C 487 3.57 22.60 -12.88
N MET C 488 4.06 22.21 -11.73
CA MET C 488 3.63 20.99 -11.09
C MET C 488 2.26 21.14 -10.47
N PHE C 489 2.04 22.26 -9.80
CA PHE C 489 0.71 22.56 -9.30
C PHE C 489 -0.32 22.56 -10.43
N ASN C 490 0.02 23.14 -11.58
CA ASN C 490 -0.90 23.08 -12.72
C ASN C 490 -0.76 21.76 -13.47
N GLU C 491 -0.31 20.73 -12.76
CA GLU C 491 -0.54 19.36 -13.20
C GLU C 491 0.15 18.99 -14.53
N VAL C 492 1.39 19.43 -14.71
CA VAL C 492 2.10 19.01 -15.89
C VAL C 492 2.23 17.48 -15.97
N LEU C 493 2.13 16.80 -14.83
CA LEU C 493 2.24 15.33 -14.77
C LEU C 493 1.03 14.68 -15.41
N LYS C 494 -0.13 15.33 -15.32
CA LYS C 494 -1.25 14.84 -16.08
C LYS C 494 -1.06 15.01 -17.59
N TYR C 495 -0.60 16.19 -18.05
CA TYR C 495 -0.63 16.47 -19.50
C TYR C 495 0.51 15.77 -20.20
N GLY C 496 1.60 15.56 -19.47
CA GLY C 496 2.65 14.71 -19.97
C GLY C 496 2.08 13.34 -20.30
N SER C 497 1.24 12.80 -19.41
CA SER C 497 0.79 11.44 -19.56
C SER C 497 -0.16 11.28 -20.72
N PHE C 498 -0.96 12.32 -21.02
CA PHE C 498 -1.78 12.31 -22.23
C PHE C 498 -0.95 11.94 -23.47
N ILE C 499 0.29 12.40 -23.54
CA ILE C 499 1.08 12.23 -24.76
C ILE C 499 1.33 10.75 -24.92
N VAL C 500 1.63 10.08 -23.81
CA VAL C 500 1.89 8.65 -23.86
C VAL C 500 0.64 7.94 -24.32
N ASP C 501 -0.48 8.19 -23.64
CA ASP C 501 -1.76 7.60 -24.04
C ASP C 501 -2.05 7.79 -25.51
N ALA C 502 -1.74 8.96 -26.07
CA ALA C 502 -2.12 9.22 -27.45
C ALA C 502 -1.26 8.41 -28.42
N LEU C 503 0.03 8.31 -28.11
CA LEU C 503 0.93 7.44 -28.84
C LEU C 503 0.51 5.99 -28.78
N VAL C 504 -0.06 5.57 -27.66
CA VAL C 504 -0.44 4.17 -27.52
C VAL C 504 -1.56 3.85 -28.50
N ASP C 505 -2.31 4.88 -28.85
CA ASP C 505 -3.52 4.70 -29.62
C ASP C 505 -3.35 4.92 -31.11
N TYR C 506 -2.23 5.55 -31.48
CA TYR C 506 -1.95 5.92 -32.84
C TYR C 506 -1.96 4.72 -33.77
N LYS C 507 -2.50 4.88 -34.98
CA LYS C 507 -2.64 3.69 -35.84
C LYS C 507 -2.03 3.84 -37.22
N GLN C 508 -1.19 4.82 -37.41
CA GLN C 508 -0.43 4.95 -38.63
C GLN C 508 1.08 5.10 -38.30
N PRO C 509 1.95 4.82 -39.27
CA PRO C 509 3.38 5.10 -39.12
C PRO C 509 3.70 6.44 -38.44
N ILE C 510 4.58 6.39 -37.45
CA ILE C 510 5.14 7.56 -36.78
C ILE C 510 6.65 7.57 -36.96
N ILE C 511 7.19 8.72 -37.33
CA ILE C 511 8.63 8.88 -37.37
C ILE C 511 8.99 9.86 -36.29
N ILE C 512 9.88 9.45 -35.39
CA ILE C 512 10.45 10.39 -34.48
C ILE C 512 11.85 10.74 -34.93
N TYR C 513 12.13 12.03 -35.12
CA TYR C 513 13.45 12.42 -35.61
C TYR C 513 14.02 13.59 -34.83
N ILE C 514 15.09 13.35 -34.08
CA ILE C 514 15.76 14.45 -33.38
C ILE C 514 16.60 15.26 -34.38
N PRO C 515 16.21 16.49 -34.67
CA PRO C 515 16.87 17.22 -35.75
C PRO C 515 18.30 17.71 -35.39
N PRO C 516 19.04 18.19 -36.39
CA PRO C 516 20.39 18.72 -36.18
C PRO C 516 20.33 19.81 -35.13
N THR C 517 21.33 19.86 -34.26
CA THR C 517 21.38 20.81 -33.15
C THR C 517 20.36 20.51 -32.08
N GLY C 518 19.53 19.50 -32.31
CA GLY C 518 18.43 19.25 -31.40
C GLY C 518 18.91 18.37 -30.27
N GLU C 519 18.09 18.20 -29.25
CA GLU C 519 18.38 17.22 -28.24
C GLU C 519 17.12 16.65 -27.62
N LEU C 520 17.27 15.53 -26.91
CA LEU C 520 16.18 14.94 -26.17
C LEU C 520 16.79 14.37 -24.87
N ARG C 521 16.33 14.83 -23.71
CA ARG C 521 17.02 14.53 -22.44
C ARG C 521 16.06 13.92 -21.46
N GLY C 522 16.52 13.03 -20.58
CA GLY C 522 15.67 12.41 -19.54
C GLY C 522 14.23 12.20 -19.99
N GLY C 523 13.29 12.64 -19.18
CA GLY C 523 11.88 12.70 -19.56
C GLY C 523 11.49 13.00 -21.01
N SER C 524 12.00 14.10 -21.58
CA SER C 524 11.70 14.43 -22.98
C SER C 524 11.70 13.19 -23.83
N TRP C 525 12.80 12.45 -23.77
CA TRP C 525 12.98 11.30 -24.63
C TRP C 525 11.90 10.25 -24.33
N VAL C 526 11.67 9.97 -23.05
CA VAL C 526 10.80 8.88 -22.70
C VAL C 526 9.40 8.96 -23.34
N VAL C 527 8.75 10.12 -23.24
CA VAL C 527 7.37 10.17 -23.69
C VAL C 527 7.28 10.05 -25.19
N VAL C 528 8.40 9.95 -25.89
CA VAL C 528 8.32 9.63 -27.30
C VAL C 528 9.16 8.47 -27.76
N ASP C 529 9.62 7.67 -26.81
CA ASP C 529 10.34 6.47 -27.16
C ASP C 529 9.47 5.49 -27.96
N PRO C 530 10.07 4.84 -28.98
CA PRO C 530 9.34 3.95 -29.88
C PRO C 530 8.80 2.71 -29.19
N THR C 531 9.32 2.36 -28.01
CA THR C 531 8.77 1.19 -27.34
C THR C 531 7.40 1.45 -26.71
N ILE C 532 6.95 2.70 -26.77
CA ILE C 532 5.58 3.02 -26.32
C ILE C 532 4.56 2.37 -27.22
N ASN C 533 4.80 2.52 -28.53
CA ASN C 533 4.02 1.84 -29.57
C ASN C 533 4.94 1.28 -30.66
N ALA C 534 5.47 0.08 -30.42
CA ALA C 534 6.51 -0.48 -31.29
C ALA C 534 5.95 -0.82 -32.67
N ASP C 535 4.66 -1.15 -32.74
CA ASP C 535 3.99 -1.34 -34.03
C ASP C 535 4.08 -0.18 -34.98
N GLN C 536 4.01 1.06 -34.51
CA GLN C 536 4.02 2.19 -35.43
C GLN C 536 5.25 3.10 -35.36
N MET C 537 6.02 3.00 -34.28
CA MET C 537 6.95 4.09 -33.99
C MET C 537 8.38 3.71 -34.37
N GLU C 538 9.06 4.65 -35.04
CA GLU C 538 10.45 4.49 -35.29
C GLU C 538 11.15 5.76 -34.87
N MET C 539 12.37 5.64 -34.35
CA MET C 539 13.15 6.82 -33.99
C MET C 539 14.45 6.99 -34.79
N TYR C 540 14.73 8.22 -35.18
CA TYR C 540 15.96 8.51 -35.93
C TYR C 540 16.65 9.66 -35.24
N ALA C 541 17.97 9.64 -35.15
CA ALA C 541 18.72 10.80 -34.62
C ALA C 541 19.65 11.38 -35.69
N ASP C 542 19.59 12.68 -35.87
CA ASP C 542 20.58 13.31 -36.70
C ASP C 542 21.98 13.12 -36.11
N VAL C 543 22.98 13.01 -36.99
CA VAL C 543 24.38 12.99 -36.57
C VAL C 543 24.76 14.14 -35.62
N ASN C 544 24.13 15.31 -35.78
CA ASN C 544 24.39 16.47 -34.91
C ASN C 544 23.40 16.71 -33.79
N ALA C 545 22.57 15.72 -33.52
CA ALA C 545 21.73 15.76 -32.35
C ALA C 545 22.53 15.31 -31.14
N ARG C 546 21.86 15.30 -29.98
CA ARG C 546 22.45 14.80 -28.74
C ARG C 546 21.31 14.18 -27.94
N ALA C 547 21.63 13.18 -27.14
CA ALA C 547 20.65 12.69 -26.19
C ALA C 547 21.31 11.94 -25.09
N GLY C 548 20.63 11.84 -23.96
CA GLY C 548 21.20 11.26 -22.77
C GLY C 548 20.36 11.67 -21.61
N VAL C 549 20.53 11.03 -20.45
CA VAL C 549 19.62 11.20 -19.33
C VAL C 549 19.68 12.65 -18.88
N LEU C 550 20.90 13.13 -18.68
CA LEU C 550 21.19 14.46 -18.17
C LEU C 550 21.93 15.28 -19.23
N GLU C 551 21.93 16.60 -19.08
CA GLU C 551 22.82 17.46 -19.86
C GLU C 551 24.24 17.35 -19.32
N PRO C 552 25.23 17.77 -20.13
CA PRO C 552 26.63 17.74 -19.69
C PRO C 552 26.86 18.52 -18.39
N GLN C 553 26.30 19.72 -18.28
CA GLN C 553 26.42 20.47 -17.02
C GLN C 553 25.97 19.62 -15.82
N GLY C 554 24.75 19.10 -15.88
CA GLY C 554 24.17 18.38 -14.76
C GLY C 554 24.88 17.06 -14.52
N MET C 555 25.14 16.33 -15.59
CA MET C 555 25.93 15.10 -15.57
C MET C 555 27.20 15.26 -14.73
N VAL C 556 28.04 16.18 -15.19
CA VAL C 556 29.30 16.51 -14.56
C VAL C 556 29.17 16.95 -13.10
N GLY C 557 28.10 17.68 -12.80
CA GLY C 557 27.84 18.13 -11.43
C GLY C 557 27.70 16.97 -10.46
N ILE C 558 27.59 15.76 -11.00
CA ILE C 558 27.14 14.59 -10.24
C ILE C 558 28.13 13.44 -10.34
N LYS C 559 28.52 13.08 -11.57
CA LYS C 559 29.48 12.01 -11.76
C LYS C 559 30.94 12.43 -12.02
N PHE C 560 31.24 13.72 -11.95
CA PHE C 560 32.61 14.19 -12.20
C PHE C 560 32.99 15.33 -11.27
N ARG C 561 32.93 15.06 -9.97
CA ARG C 561 32.92 16.11 -8.99
C ARG C 561 34.36 16.55 -8.67
N ARG C 562 34.50 17.60 -7.86
CA ARG C 562 35.80 18.13 -7.40
C ARG C 562 36.95 17.12 -7.33
N GLU C 563 36.79 16.07 -6.53
CA GLU C 563 37.81 15.05 -6.32
C GLU C 563 38.30 14.45 -7.62
N LYS C 564 37.37 13.95 -8.45
CA LYS C 564 37.74 13.30 -9.71
C LYS C 564 38.53 14.22 -10.65
N LEU C 565 38.32 15.53 -10.51
CA LEU C 565 39.08 16.51 -11.27
C LEU C 565 40.53 16.60 -10.80
N LEU C 566 40.74 16.50 -9.49
CA LEU C 566 42.09 16.53 -8.92
C LEU C 566 42.85 15.22 -9.17
N ASP C 567 42.12 14.11 -9.18
CA ASP C 567 42.71 12.83 -9.56
C ASP C 567 43.21 12.98 -10.98
N THR C 568 42.55 13.84 -11.74
CA THR C 568 42.76 13.86 -13.18
C THR C 568 43.75 14.94 -13.64
N MET C 569 44.05 15.89 -12.76
CA MET C 569 45.24 16.75 -12.92
C MET C 569 46.54 16.03 -12.53
N ASN C 570 46.42 15.03 -11.67
CA ASN C 570 47.51 14.10 -11.42
C ASN C 570 47.98 13.37 -12.66
N ARG C 571 47.04 13.03 -13.55
CA ARG C 571 47.43 12.37 -14.79
C ARG C 571 48.05 13.39 -15.76
N LEU C 572 47.38 14.52 -15.96
CA LEU C 572 47.53 15.27 -17.21
C LEU C 572 48.43 16.52 -17.19
N ASP C 573 48.80 17.02 -16.02
CA ASP C 573 49.64 18.23 -15.92
C ASP C 573 50.91 18.03 -15.07
N ASP C 574 52.05 17.92 -15.73
CA ASP C 574 53.26 17.45 -15.08
C ASP C 574 53.65 18.24 -13.82
N LYS C 575 53.05 19.41 -13.62
CA LYS C 575 53.35 20.21 -12.43
C LYS C 575 52.67 19.67 -11.16
N TYR C 576 51.41 19.25 -11.32
CA TYR C 576 50.47 19.07 -10.20
C TYR C 576 50.83 17.82 -9.41
N ARG C 605 46.56 26.52 -8.42
CA ARG C 605 45.50 25.68 -9.06
C ARG C 605 44.54 26.40 -10.02
N GLU C 606 45.06 26.74 -11.20
CA GLU C 606 44.40 27.67 -12.11
C GLU C 606 44.00 26.95 -13.38
N LEU C 607 43.74 25.66 -13.25
CA LEU C 607 43.36 24.87 -14.40
C LEU C 607 41.87 24.58 -14.32
N LEU C 608 41.22 25.08 -13.28
CA LEU C 608 39.79 24.85 -13.09
C LEU C 608 38.99 25.14 -14.38
N PRO C 609 39.11 26.37 -14.93
CA PRO C 609 38.23 26.78 -16.01
C PRO C 609 38.33 25.85 -17.22
N ILE C 610 39.52 25.34 -17.49
CA ILE C 610 39.71 24.55 -18.70
C ILE C 610 39.48 23.05 -18.52
N TYR C 611 39.74 22.51 -17.33
CA TYR C 611 39.37 21.13 -17.02
C TYR C 611 37.85 20.92 -16.83
N GLY C 612 37.19 21.85 -16.15
CA GLY C 612 35.75 22.01 -16.28
C GLY C 612 35.33 21.81 -17.73
N GLN C 613 35.88 22.63 -18.60
CA GLN C 613 35.62 22.51 -20.04
C GLN C 613 35.84 21.08 -20.51
N ILE C 614 36.92 20.46 -20.03
CA ILE C 614 37.30 19.13 -20.49
C ILE C 614 36.28 18.09 -20.06
N SER C 615 35.89 18.12 -18.78
CA SER C 615 34.93 17.15 -18.26
C SER C 615 33.60 17.30 -18.98
N LEU C 616 33.22 18.54 -19.27
CA LEU C 616 32.06 18.74 -20.14
C LEU C 616 32.21 18.08 -21.51
N GLN C 617 33.40 18.11 -22.10
CA GLN C 617 33.61 17.39 -23.36
C GLN C 617 33.49 15.87 -23.18
N PHE C 618 34.02 15.35 -22.09
CA PHE C 618 33.97 13.92 -21.78
C PHE C 618 32.52 13.46 -21.73
N ALA C 619 31.71 14.14 -20.92
CA ALA C 619 30.30 13.83 -20.79
C ALA C 619 29.60 13.87 -22.13
N ASP C 620 29.83 14.93 -22.90
CA ASP C 620 29.09 15.17 -24.14
C ASP C 620 29.44 14.10 -25.19
N LEU C 621 30.62 13.50 -25.03
CA LEU C 621 31.04 12.45 -25.94
C LEU C 621 30.19 11.22 -25.74
N HIS C 622 29.50 11.14 -24.60
CA HIS C 622 28.52 10.08 -24.34
C HIS C 622 27.23 10.23 -25.14
N ASP C 623 26.85 11.46 -25.49
CA ASP C 623 25.50 11.78 -25.91
C ASP C 623 25.32 11.74 -27.42
N ARG C 624 26.27 11.14 -28.12
CA ARG C 624 26.28 11.22 -29.60
C ARG C 624 25.36 10.17 -30.19
N SER C 625 24.98 10.32 -31.45
CA SER C 625 24.06 9.37 -32.03
C SER C 625 24.63 7.96 -32.31
N SER C 626 25.94 7.82 -32.27
CA SER C 626 26.52 6.49 -32.42
C SER C 626 26.47 5.68 -31.16
N ARG C 627 26.34 6.34 -30.01
CA ARG C 627 25.94 5.64 -28.79
C ARG C 627 24.58 5.03 -29.12
N MET C 628 23.69 5.88 -29.62
CA MET C 628 22.33 5.50 -29.77
C MET C 628 22.25 4.25 -30.64
N VAL C 629 23.05 4.24 -31.71
CA VAL C 629 23.11 3.08 -32.60
C VAL C 629 23.76 1.92 -31.84
N ALA C 630 24.93 2.19 -31.27
CA ALA C 630 25.63 1.15 -30.52
C ALA C 630 24.67 0.39 -29.62
N LYS C 631 23.77 1.10 -28.95
CA LYS C 631 22.91 0.52 -27.92
C LYS C 631 21.52 0.14 -28.48
N GLY C 632 21.32 0.34 -29.78
CA GLY C 632 20.12 -0.13 -30.45
C GLY C 632 18.86 0.62 -30.03
N VAL C 633 18.99 1.86 -29.60
CA VAL C 633 17.80 2.63 -29.25
C VAL C 633 17.24 3.43 -30.42
N ILE C 634 17.96 3.50 -31.54
CA ILE C 634 17.38 4.15 -32.70
C ILE C 634 17.52 3.27 -33.92
N SER C 635 16.89 3.67 -35.03
CA SER C 635 16.84 2.89 -36.24
C SER C 635 18.03 3.21 -37.12
N LYS C 636 18.23 4.49 -37.45
CA LYS C 636 19.46 4.94 -38.10
C LYS C 636 19.91 6.23 -37.48
N GLU C 637 21.16 6.63 -37.73
CA GLU C 637 21.52 8.02 -37.67
C GLU C 637 21.51 8.60 -39.08
N LEU C 638 20.97 9.81 -39.20
CA LEU C 638 20.65 10.37 -40.49
C LEU C 638 21.44 11.63 -40.67
N GLU C 639 21.73 11.99 -41.91
CA GLU C 639 22.18 13.35 -42.18
C GLU C 639 21.06 14.26 -42.62
N TRP C 640 20.86 15.35 -41.87
CA TRP C 640 19.80 16.33 -42.11
C TRP C 640 19.60 16.61 -43.58
N THR C 641 20.68 16.96 -44.27
CA THR C 641 20.66 17.25 -45.70
C THR C 641 19.95 16.17 -46.52
N GLU C 642 20.24 14.91 -46.22
CA GLU C 642 19.68 13.79 -46.98
C GLU C 642 18.37 13.22 -46.42
N ALA C 643 17.73 13.90 -45.48
CA ALA C 643 16.63 13.29 -44.74
C ALA C 643 15.30 13.23 -45.50
N ARG C 644 15.05 14.22 -46.34
CA ARG C 644 13.82 14.23 -47.13
C ARG C 644 13.79 13.01 -48.07
N ARG C 645 14.81 12.89 -48.90
CA ARG C 645 15.04 11.68 -49.65
C ARG C 645 14.79 10.44 -48.81
N PHE C 646 15.40 10.39 -47.63
CA PHE C 646 15.41 9.18 -46.85
C PHE C 646 14.04 8.86 -46.30
N PHE C 647 13.36 9.87 -45.77
CA PHE C 647 12.07 9.67 -45.13
C PHE C 647 10.97 9.46 -46.15
N PHE C 648 11.13 10.06 -47.33
CA PHE C 648 10.13 9.89 -48.35
C PHE C 648 10.03 8.43 -48.70
N TRP C 649 11.17 7.79 -48.94
CA TRP C 649 11.08 6.41 -49.28
C TRP C 649 10.73 5.56 -48.07
N ARG C 650 11.09 6.00 -46.87
CA ARG C 650 10.81 5.19 -45.71
C ARG C 650 9.31 5.23 -45.41
N LEU C 651 8.73 6.40 -45.54
CA LEU C 651 7.30 6.53 -45.33
C LEU C 651 6.54 5.75 -46.39
N ARG C 652 6.93 5.94 -47.64
CA ARG C 652 6.29 5.24 -48.72
C ARG C 652 6.40 3.72 -48.53
N ARG C 653 7.57 3.26 -48.15
CA ARG C 653 7.74 1.83 -47.91
C ARG C 653 6.77 1.35 -46.83
N ARG C 654 6.67 2.14 -45.79
CA ARG C 654 5.86 1.77 -44.64
C ARG C 654 4.34 1.71 -44.93
N LEU C 655 3.86 2.70 -45.67
CA LEU C 655 2.47 2.74 -46.05
C LEU C 655 2.14 1.48 -46.84
N ASN C 656 3.01 1.14 -47.79
CA ASN C 656 2.74 0.02 -48.63
C ASN C 656 2.71 -1.22 -47.78
N GLU C 657 3.65 -1.36 -46.85
CA GLU C 657 3.71 -2.56 -46.02
C GLU C 657 2.52 -2.68 -45.03
N GLU C 658 2.11 -1.55 -44.45
CA GLU C 658 0.93 -1.50 -43.58
C GLU C 658 -0.29 -1.97 -44.36
N TYR C 659 -0.47 -1.42 -45.55
CA TYR C 659 -1.52 -1.87 -46.43
C TYR C 659 -1.52 -3.40 -46.50
N LEU C 660 -0.36 -3.98 -46.77
CA LEU C 660 -0.31 -5.40 -46.95
C LEU C 660 -0.63 -6.09 -45.65
N ILE C 661 -0.22 -5.49 -44.54
CA ILE C 661 -0.47 -6.08 -43.23
C ILE C 661 -1.96 -6.11 -42.84
N LYS C 662 -2.66 -4.98 -43.02
CA LYS C 662 -4.11 -4.97 -42.90
C LYS C 662 -4.74 -6.10 -43.71
N ARG C 663 -4.49 -6.15 -45.02
CA ARG C 663 -5.22 -7.07 -45.86
C ARG C 663 -5.08 -8.44 -45.25
N LEU C 664 -4.00 -8.64 -44.51
CA LEU C 664 -3.79 -9.94 -43.92
C LEU C 664 -4.64 -10.15 -42.66
N SER C 665 -4.84 -9.11 -41.88
CA SER C 665 -5.64 -9.18 -40.64
C SER C 665 -7.05 -9.59 -41.01
N HIS C 666 -7.70 -8.72 -41.79
CA HIS C 666 -9.12 -8.84 -42.11
C HIS C 666 -9.31 -10.22 -42.69
N GLN C 667 -9.84 -11.13 -41.88
CA GLN C 667 -9.67 -12.55 -42.18
C GLN C 667 -9.75 -13.46 -40.92
N VAL C 668 -10.44 -14.60 -41.05
CA VAL C 668 -10.56 -15.63 -39.99
C VAL C 668 -9.21 -16.24 -39.50
N GLY C 669 -8.97 -16.18 -38.18
CA GLY C 669 -7.71 -16.63 -37.57
C GLY C 669 -6.78 -15.47 -37.24
N GLU C 670 -6.44 -15.30 -35.96
CA GLU C 670 -5.61 -14.16 -35.54
C GLU C 670 -4.25 -14.53 -34.95
N ALA C 671 -3.30 -13.59 -35.07
CA ALA C 671 -1.88 -13.90 -35.10
C ALA C 671 -1.09 -12.60 -34.98
N SER C 672 0.17 -12.74 -34.56
CA SER C 672 0.86 -11.59 -34.05
C SER C 672 1.32 -10.72 -35.19
N ARG C 673 1.32 -9.42 -34.94
CA ARG C 673 1.83 -8.49 -35.91
C ARG C 673 3.19 -8.92 -36.50
N LEU C 674 4.05 -9.52 -35.70
CA LEU C 674 5.40 -9.88 -36.14
C LEU C 674 5.33 -11.04 -37.11
N GLU C 675 4.32 -11.88 -36.95
CA GLU C 675 4.15 -13.07 -37.80
C GLU C 675 3.53 -12.68 -39.13
N LYS C 676 2.72 -11.64 -39.11
CA LYS C 676 2.14 -11.08 -40.33
C LYS C 676 3.15 -10.41 -41.27
N ILE C 677 4.03 -9.53 -40.78
CA ILE C 677 5.19 -9.13 -41.60
C ILE C 677 6.06 -10.30 -42.06
N ALA C 678 6.17 -11.33 -41.24
CA ALA C 678 7.07 -12.39 -41.58
C ALA C 678 6.52 -13.05 -42.83
N ARG C 679 5.19 -13.04 -42.98
CA ARG C 679 4.64 -13.82 -44.06
C ARG C 679 4.72 -12.99 -45.34
N ILE C 680 4.43 -11.72 -45.20
CA ILE C 680 4.49 -10.81 -46.30
C ILE C 680 5.88 -10.75 -46.88
N ARG C 681 6.89 -10.66 -46.02
CA ARG C 681 8.25 -10.49 -46.50
C ARG C 681 8.80 -11.76 -47.13
N SER C 682 8.10 -12.86 -46.98
CA SER C 682 8.54 -14.05 -47.66
C SER C 682 7.90 -14.12 -49.04
N TRP C 683 7.06 -13.15 -49.36
CA TRP C 683 6.48 -13.05 -50.68
C TRP C 683 7.36 -12.20 -51.57
N TYR C 684 8.05 -11.22 -50.98
CA TYR C 684 9.18 -10.58 -51.64
C TYR C 684 10.09 -11.56 -52.35
N PRO C 685 10.71 -11.11 -53.45
CA PRO C 685 11.57 -12.08 -54.16
C PRO C 685 12.87 -12.28 -53.37
N ALA C 686 13.39 -13.50 -53.44
CA ALA C 686 14.59 -13.90 -52.67
C ALA C 686 15.69 -12.85 -52.66
N SER C 687 15.62 -11.91 -53.60
CA SER C 687 16.78 -11.25 -54.10
C SER C 687 16.66 -9.82 -53.63
N VAL C 688 15.42 -9.44 -53.30
CA VAL C 688 15.11 -8.12 -52.79
C VAL C 688 15.64 -7.99 -51.35
N ASP C 689 16.13 -6.81 -51.00
CA ASP C 689 16.72 -6.58 -49.71
C ASP C 689 15.72 -5.90 -48.77
N HIS C 690 15.38 -6.54 -47.67
CA HIS C 690 14.27 -6.03 -46.86
C HIS C 690 14.56 -4.67 -46.28
N GLU C 691 15.84 -4.33 -46.24
CA GLU C 691 16.26 -3.11 -45.60
C GLU C 691 16.30 -1.95 -46.59
N ASP C 692 16.06 -2.22 -47.86
CA ASP C 692 16.01 -1.16 -48.87
C ASP C 692 14.60 -0.65 -49.16
N ASP C 693 14.29 0.51 -48.59
CA ASP C 693 12.97 1.09 -48.68
C ASP C 693 12.54 1.27 -50.13
N ARG C 694 13.33 1.96 -50.94
CA ARG C 694 12.91 2.23 -52.30
C ARG C 694 12.60 0.94 -53.05
N GLN C 695 13.45 -0.05 -52.89
CA GLN C 695 13.30 -1.28 -53.63
C GLN C 695 12.02 -1.98 -53.17
N VAL C 696 11.76 -1.96 -51.88
CA VAL C 696 10.63 -2.72 -51.37
C VAL C 696 9.33 -2.05 -51.81
N ALA C 697 9.30 -0.73 -51.74
CA ALA C 697 8.16 0.01 -52.23
C ALA C 697 7.97 -0.26 -53.72
N THR C 698 9.01 -0.01 -54.50
CA THR C 698 8.86 -0.16 -55.93
C THR C 698 8.25 -1.53 -56.26
N TRP C 699 8.81 -2.59 -55.71
CA TRP C 699 8.33 -3.93 -56.03
C TRP C 699 6.87 -4.11 -55.64
N ILE C 700 6.52 -3.71 -54.41
CA ILE C 700 5.18 -3.87 -53.93
C ILE C 700 4.20 -3.19 -54.87
N GLU C 701 4.45 -1.93 -55.20
CA GLU C 701 3.58 -1.26 -56.17
C GLU C 701 3.62 -1.86 -57.59
N GLU C 702 4.66 -2.61 -57.93
CA GLU C 702 4.64 -3.33 -59.20
C GLU C 702 3.75 -4.57 -59.15
N ASN C 703 3.32 -4.94 -57.93
CA ASN C 703 2.79 -6.28 -57.68
C ASN C 703 1.51 -6.36 -56.85
N TYR C 704 0.89 -5.22 -56.55
CA TYR C 704 -0.35 -5.20 -55.77
C TYR C 704 -1.32 -6.31 -56.17
N LYS C 705 -1.50 -6.51 -57.46
CA LYS C 705 -2.50 -7.45 -57.92
C LYS C 705 -2.01 -8.87 -57.72
N THR C 706 -0.70 -9.04 -57.85
CA THR C 706 -0.09 -10.35 -57.72
C THR C 706 -0.14 -10.73 -56.23
N LEU C 707 0.19 -9.78 -55.38
CA LEU C 707 0.06 -9.95 -53.94
C LEU C 707 -1.39 -10.23 -53.57
N ASP C 708 -2.31 -9.45 -54.12
CA ASP C 708 -3.72 -9.75 -53.98
C ASP C 708 -4.10 -11.20 -54.36
N ASP C 709 -3.91 -11.57 -55.61
CA ASP C 709 -3.85 -12.98 -55.97
C ASP C 709 -3.35 -13.88 -54.82
N LYS C 710 -2.24 -13.49 -54.19
CA LYS C 710 -1.58 -14.41 -53.27
C LYS C 710 -2.49 -14.56 -52.04
N LEU C 711 -3.11 -13.45 -51.64
CA LEU C 711 -4.05 -13.43 -50.53
C LEU C 711 -5.29 -14.32 -50.75
N LYS C 712 -5.98 -14.12 -51.87
CA LYS C 712 -7.18 -14.88 -52.21
C LYS C 712 -6.86 -16.35 -52.24
N GLY C 713 -5.58 -16.68 -52.41
CA GLY C 713 -5.13 -18.07 -52.42
C GLY C 713 -5.21 -18.70 -51.05
N LEU C 714 -5.15 -17.85 -50.03
CA LEU C 714 -5.08 -18.26 -48.64
C LEU C 714 -6.46 -18.32 -48.00
N LYS C 715 -7.21 -17.23 -48.12
CA LYS C 715 -8.66 -17.18 -47.93
C LYS C 715 -9.46 -18.24 -48.73
N LEU C 716 -8.77 -19.26 -49.21
CA LEU C 716 -9.42 -20.31 -49.99
C LEU C 716 -9.04 -21.69 -49.46
N GLU C 717 -8.12 -21.73 -48.49
CA GLU C 717 -7.68 -22.98 -47.89
C GLU C 717 -7.23 -22.77 -46.45
N SER C 718 -8.09 -22.15 -45.65
CA SER C 718 -9.38 -21.68 -46.15
C SER C 718 -10.24 -21.11 -45.01
#